data_3EQ4
# 
_entry.id   3EQ4 
# 
_audit_conform.dict_name       mmcif_pdbx.dic 
_audit_conform.dict_version    5.387 
_audit_conform.dict_location   http://mmcif.pdb.org/dictionaries/ascii/mmcif_pdbx.dic 
# 
loop_
_database_2.database_id 
_database_2.database_code 
_database_2.pdbx_database_accession 
_database_2.pdbx_DOI 
PDB   3EQ4         pdb_00003eq4 10.2210/pdb3eq4/pdb 
RCSB  RCSB049635   ?            ?                   
WWPDB D_1000049635 ?            ?                   
# 
loop_
_pdbx_audit_revision_history.ordinal 
_pdbx_audit_revision_history.data_content_type 
_pdbx_audit_revision_history.major_revision 
_pdbx_audit_revision_history.minor_revision 
_pdbx_audit_revision_history.revision_date 
1 'Structure model' 1 0 2008-12-16 
2 'Structure model' 1 1 2011-07-13 
3 'Structure model' 1 2 2012-05-30 
4 'Structure model' 1 3 2018-07-18 
5 'Structure model' 1 4 2024-02-21 
# 
_pdbx_audit_revision_details.ordinal             1 
_pdbx_audit_revision_details.revision_ordinal    1 
_pdbx_audit_revision_details.data_content_type   'Structure model' 
_pdbx_audit_revision_details.provider            repository 
_pdbx_audit_revision_details.type                'Initial release' 
_pdbx_audit_revision_details.description         ? 
_pdbx_audit_revision_details.details             ? 
# 
loop_
_pdbx_audit_revision_group.ordinal 
_pdbx_audit_revision_group.revision_ordinal 
_pdbx_audit_revision_group.data_content_type 
_pdbx_audit_revision_group.group 
1 2 'Structure model' 'Version format compliance' 
2 3 'Structure model' 'Refinement description'    
3 4 'Structure model' 'Data collection'           
4 5 'Structure model' 'Data collection'           
5 5 'Structure model' 'Database references'       
6 5 'Structure model' 'Refinement description'    
# 
loop_
_pdbx_audit_revision_category.ordinal 
_pdbx_audit_revision_category.revision_ordinal 
_pdbx_audit_revision_category.data_content_type 
_pdbx_audit_revision_category.category 
1 4 'Structure model' em_image_scans                
2 4 'Structure model' em_software                   
3 5 'Structure model' chem_comp_atom                
4 5 'Structure model' chem_comp_bond                
5 5 'Structure model' database_2                    
6 5 'Structure model' em_3d_fitting_list            
7 5 'Structure model' pdbx_database_related         
8 5 'Structure model' pdbx_initial_refinement_model 
# 
loop_
_pdbx_audit_revision_item.ordinal 
_pdbx_audit_revision_item.revision_ordinal 
_pdbx_audit_revision_item.data_content_type 
_pdbx_audit_revision_item.item 
1 4 'Structure model' '_em_software.image_processing_id'                
2 5 'Structure model' '_database_2.pdbx_DOI'                            
3 5 'Structure model' '_database_2.pdbx_database_accession'             
4 5 'Structure model' '_em_3d_fitting_list.accession_code'              
5 5 'Structure model' '_em_3d_fitting_list.initial_refinement_model_id' 
6 5 'Structure model' '_em_3d_fitting_list.source_name'                 
7 5 'Structure model' '_em_3d_fitting_list.type'                        
8 5 'Structure model' '_pdbx_database_related.content_type'             
# 
_pdbx_database_status.status_code                     REL 
_pdbx_database_status.entry_id                        3EQ4 
_pdbx_database_status.recvd_initial_deposition_date   2008-09-30 
_pdbx_database_status.deposit_site                    RCSB 
_pdbx_database_status.process_site                    RCSB 
_pdbx_database_status.status_code_sf                  ? 
_pdbx_database_status.status_code_mr                  ? 
_pdbx_database_status.SG_entry                        ? 
_pdbx_database_status.status_code_cs                  ? 
_pdbx_database_status.methods_development_category    ? 
_pdbx_database_status.pdb_format_compatible           Y 
_pdbx_database_status.status_code_nmr_data            ? 
# 
loop_
_pdbx_database_related.db_name 
_pdbx_database_related.db_id 
_pdbx_database_related.details 
_pdbx_database_related.content_type 
PDB  2AVY     'coordinates for initial input model for RSRef'                                        unspecified            
PDB  2AW4     'coordinates for initial input model for RSRef'                                        unspecified            
PDB  1QZA     'coordinates for initial input model for RSRef'                                        unspecified            
PDB  1OB2     'coordinates for initial input model for RSRef'                                        unspecified            
PDB  3EP2     'Model of Phe-tRNA(Phe) in the ribosomal pre-accommodated state revealed by cryo-EM'   unspecified            
PDB  3EQ3     'Model of tRNA(Trp)-EF-Tu in the ribosomal pre-accommodated state revealed by cryo-EM' unspecified            
EMDB EMD-1564 .                                                                                      'associated EM volume' 
EMDB EMD-1565 .                                                                                      'other EM volume'      
# 
loop_
_audit_author.name 
_audit_author.pdbx_ordinal 
'Frank, J.'        1 
'Li, W.'           2 
'Agirrezabala, X.' 3 
# 
_citation.id                        primary 
_citation.title                     'Recognition of aminoacyl-tRNA: a common molecular mechanism revealed by cryo-EM.' 
_citation.journal_abbrev            'Embo J.' 
_citation.journal_volume            27 
_citation.page_first                3322 
_citation.page_last                 3331 
_citation.year                      2008 
_citation.journal_id_ASTM           EMJODG 
_citation.country                   UK 
_citation.journal_id_ISSN           0261-4189 
_citation.journal_id_CSD            0897 
_citation.book_publisher            ? 
_citation.pdbx_database_id_PubMed   19020518 
_citation.pdbx_database_id_DOI      10.1038/emboj.2008.243 
# 
loop_
_citation_author.citation_id 
_citation_author.name 
_citation_author.ordinal 
_citation_author.identifier_ORCID 
primary 'Li, W.'           1  ? 
primary 'Agirrezabala, X.' 2  ? 
primary 'Lei, J.'          3  ? 
primary 'Bouakaz, L.'      4  ? 
primary 'Brunelle, J.L.'   5  ? 
primary 'Ortiz-Meoz, R.F.' 6  ? 
primary 'Green, R.'        7  ? 
primary 'Sanyal, S.'       8  ? 
primary 'Ehrenberg, M.'    9  ? 
primary 'Frank, J.'        10 ? 
# 
loop_
_entity.id 
_entity.type 
_entity.src_method 
_entity.pdbx_description 
_entity.formula_weight 
_entity.pdbx_number_of_molecules 
_entity.pdbx_ec 
_entity.pdbx_mutation 
_entity.pdbx_fragment 
_entity.details 
1 polymer nat 'Elongation factor Tu'            43239.297 1 ? ? ? ? 
2 polymer nat '30S ribosomal protein S12'       13636.961 1 ? ? ? ? 
3 polymer nat '50S ribosomal protein L11'       14763.165 1 ? ? ? ? 
4 polymer nat tRNA                              27348.209 1 ? ? ? ? 
5 polymer nat 'Fragment h18 of the 16S rRNA'    2871.766  1 ? ? ? ? 
6 polymer nat 'Fragment h44 of the 16S rRNA'    3601.218  1 ? ? ? ? 
7 polymer nat 'Fragment H43-44 of the 23S rRNA' 15504.268 1 ? ? ? ? 
8 polymer nat 'Fragment H95 of the 23S rRNA'    9089.461  1 ? ? ? ? 
9 polymer nat 'Fragment H69 of the 23S rRNA'    5427.285  1 ? ? ? ? 
# 
_entity_name_com.entity_id   1 
_entity_name_com.name        'EF-Tu, P-43' 
# 
loop_
_entity_poly.entity_id 
_entity_poly.type 
_entity_poly.nstd_linkage 
_entity_poly.nstd_monomer 
_entity_poly.pdbx_seq_one_letter_code 
_entity_poly.pdbx_seq_one_letter_code_can 
_entity_poly.pdbx_strand_id 
_entity_poly.pdbx_target_identifier 
1 'polypeptide(L)'   no no 
;SKEKFERTKPHVNVGTIGHVDHGKTTLTAAITTVLAKTYGGAARAFDQIDNAPEEKARGITINTSHVEYDTPTRHYAHVD
CPGHADYVKNMITGAAQMDGAILVVAATDGPMPQTREHILLGRQVGVPYIIVFLNKCDMVDDEELLELVEMEVRELLSQY
DFPGDDTPIVRGSALKALEGDAEWEAKILELAGFLDSYIPEPERAIDKPFLLPIEDVFSISGRGTVVTGRVERGIIKVGE
EVEIVGIKETQKSTCTGVEMFRKLLDEGRAGENVGVLLRGIKREEIERGQVLAKPGTIKPHTKFESEVYILSKDEGGRHT
PFFKGYRPQFYFRTTDVTGTIELPEGVEMVMPGDNIKMVVTLIHPIAMDDGLRFAIREGGRTVGAGVVAKVLS
;
;SKEKFERTKPHVNVGTIGHVDHGKTTLTAAITTVLAKTYGGAARAFDQIDNAPEEKARGITINTSHVEYDTPTRHYAHVD
CPGHADYVKNMITGAAQMDGAILVVAATDGPMPQTREHILLGRQVGVPYIIVFLNKCDMVDDEELLELVEMEVRELLSQY
DFPGDDTPIVRGSALKALEGDAEWEAKILELAGFLDSYIPEPERAIDKPFLLPIEDVFSISGRGTVVTGRVERGIIKVGE
EVEIVGIKETQKSTCTGVEMFRKLLDEGRAGENVGVLLRGIKREEIERGQVLAKPGTIKPHTKFESEVYILSKDEGGRHT
PFFKGYRPQFYFRTTDVTGTIELPEGVEMVMPGDNIKMVVTLIHPIAMDDGLRFAIREGGRTVGAGVVAKVLS
;
X ? 
2 'polypeptide(L)'   no no 
;ATVNQLVRKPRARKVAKSNVPALEACPQKRGVCTRVYTTTPKKPNSALRKVCRVRLTNGFEVTSYIGGEGHNLQEHSVIL
IRGGRVKDLPGVRYHTVRGALDCSGVKDRKQARSKYGVKRPKA
;
;ATVNQLVRKPRARKVAKSNVPALEACPQKRGVCTRVYTTTPKKPNSALRKVCRVRLTNGFEVTSYIGGEGHNLQEHSVIL
IRGGRVKDLPGVRYHTVRGALDCSGVKDRKQARSKYGVKRPKA
;
L ? 
3 'polypeptide(L)'   no no 
;AKKVQAYVKLQVAAGMANPSPPVGPALGQQGVNIMEFCKAFNAKTDSIEKGLPIPVVITVYADRSFTFVTKTPPAAVLLK
KAAGIKSGSGKPNKDKVGKISRAQLQEIAQTKAADMTGADIEAMTRSIEGTARSMGLVVED
;
;AKKVQAYVKLQVAAGMANPSPPVGPALGQQGVNIMEFCKAFNAKTDSIEKGLPIPVVITVYADRSFTFVTKTPPAAVLLK
KAAGIKSGSGKPNKDKVGKISRAQLQEIAQTKAADMTGADIEAMTRSIEGTARSMGLVVED
;
I ? 
4 polyribonucleotide no no 
;CGGAUUUAGCUCAGUUGGGAGAGCGCCAGACUGAAGAUCUGGACCUGUGUUCGAUCCACAGAAUUCGCACCCUCCCGUAG
GGGUU
;
;CGGAUUUAGCUCAGUUGGGAGAGCGCCAGACUGAAGAUCUGGACCUGUGUUCGAUCCACAGAAUUCGCACCCUCCCGUAG
GGGUU
;
Y ? 
5 polyribonucleotide no no CGCGGUAAU CGCGGUAAU A ? 
6 polyribonucleotide no no GGGCGAAGUCG GGGCGAAGUCG C ? 
7 polyribonucleotide no no AGGAUGUUGGCUUAGAAGCAGCCAUCAUUUAAAGAAAGCGUAAUAGCU AGGAUGUUGGCUUAGAAGCAGCCAUCAUUUAAAGAAAGCGUAAUAGCU B ? 
8 polyribonucleotide no no UGCUCCUAGUACGAGAGGACCGGAGUGG UGCUCCUAGUACGAGAGGACCGGAGUGG D ? 
9 polyribonucleotide no no GCCGUAACUAUAACGGU GCCGUAACUAUAACGGU E ? 
# 
loop_
_entity_poly_seq.entity_id 
_entity_poly_seq.num 
_entity_poly_seq.mon_id 
_entity_poly_seq.hetero 
1 1   SER n 
1 2   LYS n 
1 3   GLU n 
1 4   LYS n 
1 5   PHE n 
1 6   GLU n 
1 7   ARG n 
1 8   THR n 
1 9   LYS n 
1 10  PRO n 
1 11  HIS n 
1 12  VAL n 
1 13  ASN n 
1 14  VAL n 
1 15  GLY n 
1 16  THR n 
1 17  ILE n 
1 18  GLY n 
1 19  HIS n 
1 20  VAL n 
1 21  ASP n 
1 22  HIS n 
1 23  GLY n 
1 24  LYS n 
1 25  THR n 
1 26  THR n 
1 27  LEU n 
1 28  THR n 
1 29  ALA n 
1 30  ALA n 
1 31  ILE n 
1 32  THR n 
1 33  THR n 
1 34  VAL n 
1 35  LEU n 
1 36  ALA n 
1 37  LYS n 
1 38  THR n 
1 39  TYR n 
1 40  GLY n 
1 41  GLY n 
1 42  ALA n 
1 43  ALA n 
1 44  ARG n 
1 45  ALA n 
1 46  PHE n 
1 47  ASP n 
1 48  GLN n 
1 49  ILE n 
1 50  ASP n 
1 51  ASN n 
1 52  ALA n 
1 53  PRO n 
1 54  GLU n 
1 55  GLU n 
1 56  LYS n 
1 57  ALA n 
1 58  ARG n 
1 59  GLY n 
1 60  ILE n 
1 61  THR n 
1 62  ILE n 
1 63  ASN n 
1 64  THR n 
1 65  SER n 
1 66  HIS n 
1 67  VAL n 
1 68  GLU n 
1 69  TYR n 
1 70  ASP n 
1 71  THR n 
1 72  PRO n 
1 73  THR n 
1 74  ARG n 
1 75  HIS n 
1 76  TYR n 
1 77  ALA n 
1 78  HIS n 
1 79  VAL n 
1 80  ASP n 
1 81  CYS n 
1 82  PRO n 
1 83  GLY n 
1 84  HIS n 
1 85  ALA n 
1 86  ASP n 
1 87  TYR n 
1 88  VAL n 
1 89  LYS n 
1 90  ASN n 
1 91  MET n 
1 92  ILE n 
1 93  THR n 
1 94  GLY n 
1 95  ALA n 
1 96  ALA n 
1 97  GLN n 
1 98  MET n 
1 99  ASP n 
1 100 GLY n 
1 101 ALA n 
1 102 ILE n 
1 103 LEU n 
1 104 VAL n 
1 105 VAL n 
1 106 ALA n 
1 107 ALA n 
1 108 THR n 
1 109 ASP n 
1 110 GLY n 
1 111 PRO n 
1 112 MET n 
1 113 PRO n 
1 114 GLN n 
1 115 THR n 
1 116 ARG n 
1 117 GLU n 
1 118 HIS n 
1 119 ILE n 
1 120 LEU n 
1 121 LEU n 
1 122 GLY n 
1 123 ARG n 
1 124 GLN n 
1 125 VAL n 
1 126 GLY n 
1 127 VAL n 
1 128 PRO n 
1 129 TYR n 
1 130 ILE n 
1 131 ILE n 
1 132 VAL n 
1 133 PHE n 
1 134 LEU n 
1 135 ASN n 
1 136 LYS n 
1 137 CYS n 
1 138 ASP n 
1 139 MET n 
1 140 VAL n 
1 141 ASP n 
1 142 ASP n 
1 143 GLU n 
1 144 GLU n 
1 145 LEU n 
1 146 LEU n 
1 147 GLU n 
1 148 LEU n 
1 149 VAL n 
1 150 GLU n 
1 151 MET n 
1 152 GLU n 
1 153 VAL n 
1 154 ARG n 
1 155 GLU n 
1 156 LEU n 
1 157 LEU n 
1 158 SER n 
1 159 GLN n 
1 160 TYR n 
1 161 ASP n 
1 162 PHE n 
1 163 PRO n 
1 164 GLY n 
1 165 ASP n 
1 166 ASP n 
1 167 THR n 
1 168 PRO n 
1 169 ILE n 
1 170 VAL n 
1 171 ARG n 
1 172 GLY n 
1 173 SER n 
1 174 ALA n 
1 175 LEU n 
1 176 LYS n 
1 177 ALA n 
1 178 LEU n 
1 179 GLU n 
1 180 GLY n 
1 181 ASP n 
1 182 ALA n 
1 183 GLU n 
1 184 TRP n 
1 185 GLU n 
1 186 ALA n 
1 187 LYS n 
1 188 ILE n 
1 189 LEU n 
1 190 GLU n 
1 191 LEU n 
1 192 ALA n 
1 193 GLY n 
1 194 PHE n 
1 195 LEU n 
1 196 ASP n 
1 197 SER n 
1 198 TYR n 
1 199 ILE n 
1 200 PRO n 
1 201 GLU n 
1 202 PRO n 
1 203 GLU n 
1 204 ARG n 
1 205 ALA n 
1 206 ILE n 
1 207 ASP n 
1 208 LYS n 
1 209 PRO n 
1 210 PHE n 
1 211 LEU n 
1 212 LEU n 
1 213 PRO n 
1 214 ILE n 
1 215 GLU n 
1 216 ASP n 
1 217 VAL n 
1 218 PHE n 
1 219 SER n 
1 220 ILE n 
1 221 SER n 
1 222 GLY n 
1 223 ARG n 
1 224 GLY n 
1 225 THR n 
1 226 VAL n 
1 227 VAL n 
1 228 THR n 
1 229 GLY n 
1 230 ARG n 
1 231 VAL n 
1 232 GLU n 
1 233 ARG n 
1 234 GLY n 
1 235 ILE n 
1 236 ILE n 
1 237 LYS n 
1 238 VAL n 
1 239 GLY n 
1 240 GLU n 
1 241 GLU n 
1 242 VAL n 
1 243 GLU n 
1 244 ILE n 
1 245 VAL n 
1 246 GLY n 
1 247 ILE n 
1 248 LYS n 
1 249 GLU n 
1 250 THR n 
1 251 GLN n 
1 252 LYS n 
1 253 SER n 
1 254 THR n 
1 255 CYS n 
1 256 THR n 
1 257 GLY n 
1 258 VAL n 
1 259 GLU n 
1 260 MET n 
1 261 PHE n 
1 262 ARG n 
1 263 LYS n 
1 264 LEU n 
1 265 LEU n 
1 266 ASP n 
1 267 GLU n 
1 268 GLY n 
1 269 ARG n 
1 270 ALA n 
1 271 GLY n 
1 272 GLU n 
1 273 ASN n 
1 274 VAL n 
1 275 GLY n 
1 276 VAL n 
1 277 LEU n 
1 278 LEU n 
1 279 ARG n 
1 280 GLY n 
1 281 ILE n 
1 282 LYS n 
1 283 ARG n 
1 284 GLU n 
1 285 GLU n 
1 286 ILE n 
1 287 GLU n 
1 288 ARG n 
1 289 GLY n 
1 290 GLN n 
1 291 VAL n 
1 292 LEU n 
1 293 ALA n 
1 294 LYS n 
1 295 PRO n 
1 296 GLY n 
1 297 THR n 
1 298 ILE n 
1 299 LYS n 
1 300 PRO n 
1 301 HIS n 
1 302 THR n 
1 303 LYS n 
1 304 PHE n 
1 305 GLU n 
1 306 SER n 
1 307 GLU n 
1 308 VAL n 
1 309 TYR n 
1 310 ILE n 
1 311 LEU n 
1 312 SER n 
1 313 LYS n 
1 314 ASP n 
1 315 GLU n 
1 316 GLY n 
1 317 GLY n 
1 318 ARG n 
1 319 HIS n 
1 320 THR n 
1 321 PRO n 
1 322 PHE n 
1 323 PHE n 
1 324 LYS n 
1 325 GLY n 
1 326 TYR n 
1 327 ARG n 
1 328 PRO n 
1 329 GLN n 
1 330 PHE n 
1 331 TYR n 
1 332 PHE n 
1 333 ARG n 
1 334 THR n 
1 335 THR n 
1 336 ASP n 
1 337 VAL n 
1 338 THR n 
1 339 GLY n 
1 340 THR n 
1 341 ILE n 
1 342 GLU n 
1 343 LEU n 
1 344 PRO n 
1 345 GLU n 
1 346 GLY n 
1 347 VAL n 
1 348 GLU n 
1 349 MET n 
1 350 VAL n 
1 351 MET n 
1 352 PRO n 
1 353 GLY n 
1 354 ASP n 
1 355 ASN n 
1 356 ILE n 
1 357 LYS n 
1 358 MET n 
1 359 VAL n 
1 360 VAL n 
1 361 THR n 
1 362 LEU n 
1 363 ILE n 
1 364 HIS n 
1 365 PRO n 
1 366 ILE n 
1 367 ALA n 
1 368 MET n 
1 369 ASP n 
1 370 ASP n 
1 371 GLY n 
1 372 LEU n 
1 373 ARG n 
1 374 PHE n 
1 375 ALA n 
1 376 ILE n 
1 377 ARG n 
1 378 GLU n 
1 379 GLY n 
1 380 GLY n 
1 381 ARG n 
1 382 THR n 
1 383 VAL n 
1 384 GLY n 
1 385 ALA n 
1 386 GLY n 
1 387 VAL n 
1 388 VAL n 
1 389 ALA n 
1 390 LYS n 
1 391 VAL n 
1 392 LEU n 
1 393 SER n 
2 1   ALA n 
2 2   THR n 
2 3   VAL n 
2 4   ASN n 
2 5   GLN n 
2 6   LEU n 
2 7   VAL n 
2 8   ARG n 
2 9   LYS n 
2 10  PRO n 
2 11  ARG n 
2 12  ALA n 
2 13  ARG n 
2 14  LYS n 
2 15  VAL n 
2 16  ALA n 
2 17  LYS n 
2 18  SER n 
2 19  ASN n 
2 20  VAL n 
2 21  PRO n 
2 22  ALA n 
2 23  LEU n 
2 24  GLU n 
2 25  ALA n 
2 26  CYS n 
2 27  PRO n 
2 28  GLN n 
2 29  LYS n 
2 30  ARG n 
2 31  GLY n 
2 32  VAL n 
2 33  CYS n 
2 34  THR n 
2 35  ARG n 
2 36  VAL n 
2 37  TYR n 
2 38  THR n 
2 39  THR n 
2 40  THR n 
2 41  PRO n 
2 42  LYS n 
2 43  LYS n 
2 44  PRO n 
2 45  ASN n 
2 46  SER n 
2 47  ALA n 
2 48  LEU n 
2 49  ARG n 
2 50  LYS n 
2 51  VAL n 
2 52  CYS n 
2 53  ARG n 
2 54  VAL n 
2 55  ARG n 
2 56  LEU n 
2 57  THR n 
2 58  ASN n 
2 59  GLY n 
2 60  PHE n 
2 61  GLU n 
2 62  VAL n 
2 63  THR n 
2 64  SER n 
2 65  TYR n 
2 66  ILE n 
2 67  GLY n 
2 68  GLY n 
2 69  GLU n 
2 70  GLY n 
2 71  HIS n 
2 72  ASN n 
2 73  LEU n 
2 74  GLN n 
2 75  GLU n 
2 76  HIS n 
2 77  SER n 
2 78  VAL n 
2 79  ILE n 
2 80  LEU n 
2 81  ILE n 
2 82  ARG n 
2 83  GLY n 
2 84  GLY n 
2 85  ARG n 
2 86  VAL n 
2 87  LYS n 
2 88  ASP n 
2 89  LEU n 
2 90  PRO n 
2 91  GLY n 
2 92  VAL n 
2 93  ARG n 
2 94  TYR n 
2 95  HIS n 
2 96  THR n 
2 97  VAL n 
2 98  ARG n 
2 99  GLY n 
2 100 ALA n 
2 101 LEU n 
2 102 ASP n 
2 103 CYS n 
2 104 SER n 
2 105 GLY n 
2 106 VAL n 
2 107 LYS n 
2 108 ASP n 
2 109 ARG n 
2 110 LYS n 
2 111 GLN n 
2 112 ALA n 
2 113 ARG n 
2 114 SER n 
2 115 LYS n 
2 116 TYR n 
2 117 GLY n 
2 118 VAL n 
2 119 LYS n 
2 120 ARG n 
2 121 PRO n 
2 122 LYS n 
2 123 ALA n 
3 1   ALA n 
3 2   LYS n 
3 3   LYS n 
3 4   VAL n 
3 5   GLN n 
3 6   ALA n 
3 7   TYR n 
3 8   VAL n 
3 9   LYS n 
3 10  LEU n 
3 11  GLN n 
3 12  VAL n 
3 13  ALA n 
3 14  ALA n 
3 15  GLY n 
3 16  MET n 
3 17  ALA n 
3 18  ASN n 
3 19  PRO n 
3 20  SER n 
3 21  PRO n 
3 22  PRO n 
3 23  VAL n 
3 24  GLY n 
3 25  PRO n 
3 26  ALA n 
3 27  LEU n 
3 28  GLY n 
3 29  GLN n 
3 30  GLN n 
3 31  GLY n 
3 32  VAL n 
3 33  ASN n 
3 34  ILE n 
3 35  MET n 
3 36  GLU n 
3 37  PHE n 
3 38  CYS n 
3 39  LYS n 
3 40  ALA n 
3 41  PHE n 
3 42  ASN n 
3 43  ALA n 
3 44  LYS n 
3 45  THR n 
3 46  ASP n 
3 47  SER n 
3 48  ILE n 
3 49  GLU n 
3 50  LYS n 
3 51  GLY n 
3 52  LEU n 
3 53  PRO n 
3 54  ILE n 
3 55  PRO n 
3 56  VAL n 
3 57  VAL n 
3 58  ILE n 
3 59  THR n 
3 60  VAL n 
3 61  TYR n 
3 62  ALA n 
3 63  ASP n 
3 64  ARG n 
3 65  SER n 
3 66  PHE n 
3 67  THR n 
3 68  PHE n 
3 69  VAL n 
3 70  THR n 
3 71  LYS n 
3 72  THR n 
3 73  PRO n 
3 74  PRO n 
3 75  ALA n 
3 76  ALA n 
3 77  VAL n 
3 78  LEU n 
3 79  LEU n 
3 80  LYS n 
3 81  LYS n 
3 82  ALA n 
3 83  ALA n 
3 84  GLY n 
3 85  ILE n 
3 86  LYS n 
3 87  SER n 
3 88  GLY n 
3 89  SER n 
3 90  GLY n 
3 91  LYS n 
3 92  PRO n 
3 93  ASN n 
3 94  LYS n 
3 95  ASP n 
3 96  LYS n 
3 97  VAL n 
3 98  GLY n 
3 99  LYS n 
3 100 ILE n 
3 101 SER n 
3 102 ARG n 
3 103 ALA n 
3 104 GLN n 
3 105 LEU n 
3 106 GLN n 
3 107 GLU n 
3 108 ILE n 
3 109 ALA n 
3 110 GLN n 
3 111 THR n 
3 112 LYS n 
3 113 ALA n 
3 114 ALA n 
3 115 ASP n 
3 116 MET n 
3 117 THR n 
3 118 GLY n 
3 119 ALA n 
3 120 ASP n 
3 121 ILE n 
3 122 GLU n 
3 123 ALA n 
3 124 MET n 
3 125 THR n 
3 126 ARG n 
3 127 SER n 
3 128 ILE n 
3 129 GLU n 
3 130 GLY n 
3 131 THR n 
3 132 ALA n 
3 133 ARG n 
3 134 SER n 
3 135 MET n 
3 136 GLY n 
3 137 LEU n 
3 138 VAL n 
3 139 VAL n 
3 140 GLU n 
3 141 ASP n 
4 1   C   n 
4 2   G   n 
4 3   G   n 
4 4   A   n 
4 5   U   n 
4 6   U   n 
4 7   U   n 
4 8   A   n 
4 9   G   n 
4 10  C   n 
4 11  U   n 
4 12  C   n 
4 13  A   n 
4 14  G   n 
4 15  U   n 
4 16  U   n 
4 17  G   n 
4 18  G   n 
4 19  G   n 
4 20  A   n 
4 21  G   n 
4 22  A   n 
4 23  G   n 
4 24  C   n 
4 25  G   n 
4 26  C   n 
4 27  C   n 
4 28  A   n 
4 29  G   n 
4 30  A   n 
4 31  C   n 
4 32  U   n 
4 33  G   n 
4 34  A   n 
4 35  A   n 
4 36  G   n 
4 37  A   n 
4 38  U   n 
4 39  C   n 
4 40  U   n 
4 41  G   n 
4 42  G   n 
4 43  A   n 
4 44  C   n 
4 45  C   n 
4 46  U   n 
4 47  G   n 
4 48  U   n 
4 49  G   n 
4 50  U   n 
4 51  U   n 
4 52  C   n 
4 53  G   n 
4 54  A   n 
4 55  U   n 
4 56  C   n 
4 57  C   n 
4 58  A   n 
4 59  C   n 
4 60  A   n 
4 61  G   n 
4 62  A   n 
4 63  A   n 
4 64  U   n 
4 65  U   n 
4 66  C   n 
4 67  G   n 
4 68  C   n 
4 69  A   n 
4 70  C   n 
4 71  C   n 
4 72  C   n 
4 73  U   n 
4 74  C   n 
4 75  C   n 
4 76  C   n 
4 77  G   n 
4 78  U   n 
4 79  A   n 
4 80  G   n 
4 81  G   n 
4 82  G   n 
4 83  G   n 
4 84  U   n 
4 85  U   n 
5 1   C   n 
5 2   G   n 
5 3   C   n 
5 4   G   n 
5 5   G   n 
5 6   U   n 
5 7   A   n 
5 8   A   n 
5 9   U   n 
6 1   G   n 
6 2   G   n 
6 3   G   n 
6 4   C   n 
6 5   G   n 
6 6   A   n 
6 7   A   n 
6 8   G   n 
6 9   U   n 
6 10  C   n 
6 11  G   n 
7 1   A   n 
7 2   G   n 
7 3   G   n 
7 4   A   n 
7 5   U   n 
7 6   G   n 
7 7   U   n 
7 8   U   n 
7 9   G   n 
7 10  G   n 
7 11  C   n 
7 12  U   n 
7 13  U   n 
7 14  A   n 
7 15  G   n 
7 16  A   n 
7 17  A   n 
7 18  G   n 
7 19  C   n 
7 20  A   n 
7 21  G   n 
7 22  C   n 
7 23  C   n 
7 24  A   n 
7 25  U   n 
7 26  C   n 
7 27  A   n 
7 28  U   n 
7 29  U   n 
7 30  U   n 
7 31  A   n 
7 32  A   n 
7 33  A   n 
7 34  G   n 
7 35  A   n 
7 36  A   n 
7 37  A   n 
7 38  G   n 
7 39  C   n 
7 40  G   n 
7 41  U   n 
7 42  A   n 
7 43  A   n 
7 44  U   n 
7 45  A   n 
7 46  G   n 
7 47  C   n 
7 48  U   n 
8 1   U   n 
8 2   G   n 
8 3   C   n 
8 4   U   n 
8 5   C   n 
8 6   C   n 
8 7   U   n 
8 8   A   n 
8 9   G   n 
8 10  U   n 
8 11  A   n 
8 12  C   n 
8 13  G   n 
8 14  A   n 
8 15  G   n 
8 16  A   n 
8 17  G   n 
8 18  G   n 
8 19  A   n 
8 20  C   n 
8 21  C   n 
8 22  G   n 
8 23  G   n 
8 24  A   n 
8 25  G   n 
8 26  U   n 
8 27  G   n 
8 28  G   n 
9 1   G   n 
9 2   C   n 
9 3   C   n 
9 4   G   n 
9 5   U   n 
9 6   A   n 
9 7   A   n 
9 8   C   n 
9 9   U   n 
9 10  A   n 
9 11  U   n 
9 12  A   n 
9 13  A   n 
9 14  C   n 
9 15  G   n 
9 16  G   n 
9 17  U   n 
# 
loop_
_entity_src_nat.entity_id 
_entity_src_nat.pdbx_src_id 
_entity_src_nat.pdbx_alt_source_flag 
_entity_src_nat.pdbx_beg_seq_num 
_entity_src_nat.pdbx_end_seq_num 
_entity_src_nat.common_name 
_entity_src_nat.pdbx_organism_scientific 
_entity_src_nat.pdbx_ncbi_taxonomy_id 
_entity_src_nat.genus 
_entity_src_nat.species 
_entity_src_nat.strain 
_entity_src_nat.tissue 
_entity_src_nat.tissue_fraction 
_entity_src_nat.pdbx_secretion 
_entity_src_nat.pdbx_fragment 
_entity_src_nat.pdbx_variant 
_entity_src_nat.pdbx_cell_line 
_entity_src_nat.pdbx_atcc 
_entity_src_nat.pdbx_cellular_location 
_entity_src_nat.pdbx_organ 
_entity_src_nat.pdbx_organelle 
_entity_src_nat.pdbx_cell 
_entity_src_nat.pdbx_plasmid_name 
_entity_src_nat.pdbx_plasmid_details 
_entity_src_nat.details 
1 1 sample ? ? ? 'Escherichia coli K12' 83333 ? ? ? ? ? ? ? ? ? ? ? ? ? ? ? ? ? 
2 1 sample ? ? ? 'Escherichia coli K12' 83333 ? ? ? ? ? ? ? ? ? ? ? ? ? ? ? ? ? 
3 1 sample ? ? ? 'Escherichia coli K12' 83333 ? ? ? ? ? ? ? ? ? ? ? ? ? ? ? ? ? 
4 1 sample ? ? ? 'Escherichia coli K12' 83333 ? ? ? ? ? ? ? ? ? ? ? ? ? ? ? ? ? 
5 1 sample ? ? ? 'Escherichia coli K12' 83333 ? ? ? ? ? ? ? ? ? ? ? ? ? ? ? ? ? 
6 1 sample ? ? ? 'Escherichia coli K12' 83333 ? ? ? ? ? ? ? ? ? ? ? ? ? ? ? ? ? 
7 1 sample ? ? ? 'Escherichia coli K12' 83333 ? ? ? ? ? ? ? ? ? ? ? ? ? ? ? ? ? 
8 1 sample ? ? ? 'Escherichia coli K12' 83333 ? ? ? ? ? ? ? ? ? ? ? ? ? ? ? ? ? 
9 1 sample ? ? ? 'Escherichia coli K12' 83333 ? ? ? ? ? ? ? ? ? ? ? ? ? ? ? ? ? 
# 
loop_
_chem_comp.id 
_chem_comp.type 
_chem_comp.mon_nstd_flag 
_chem_comp.name 
_chem_comp.pdbx_synonyms 
_chem_comp.formula 
_chem_comp.formula_weight 
A   'RNA linking'       y "ADENOSINE-5'-MONOPHOSPHATE" ? 'C10 H14 N5 O7 P' 347.221 
ALA 'L-peptide linking' y ALANINE                      ? 'C3 H7 N O2'      89.093  
ARG 'L-peptide linking' y ARGININE                     ? 'C6 H15 N4 O2 1'  175.209 
ASN 'L-peptide linking' y ASPARAGINE                   ? 'C4 H8 N2 O3'     132.118 
ASP 'L-peptide linking' y 'ASPARTIC ACID'              ? 'C4 H7 N O4'      133.103 
C   'RNA linking'       y "CYTIDINE-5'-MONOPHOSPHATE"  ? 'C9 H14 N3 O8 P'  323.197 
CYS 'L-peptide linking' y CYSTEINE                     ? 'C3 H7 N O2 S'    121.158 
G   'RNA linking'       y "GUANOSINE-5'-MONOPHOSPHATE" ? 'C10 H14 N5 O8 P' 363.221 
GLN 'L-peptide linking' y GLUTAMINE                    ? 'C5 H10 N2 O3'    146.144 
GLU 'L-peptide linking' y 'GLUTAMIC ACID'              ? 'C5 H9 N O4'      147.129 
GLY 'peptide linking'   y GLYCINE                      ? 'C2 H5 N O2'      75.067  
HIS 'L-peptide linking' y HISTIDINE                    ? 'C6 H10 N3 O2 1'  156.162 
ILE 'L-peptide linking' y ISOLEUCINE                   ? 'C6 H13 N O2'     131.173 
LEU 'L-peptide linking' y LEUCINE                      ? 'C6 H13 N O2'     131.173 
LYS 'L-peptide linking' y LYSINE                       ? 'C6 H15 N2 O2 1'  147.195 
MET 'L-peptide linking' y METHIONINE                   ? 'C5 H11 N O2 S'   149.211 
PHE 'L-peptide linking' y PHENYLALANINE                ? 'C9 H11 N O2'     165.189 
PRO 'L-peptide linking' y PROLINE                      ? 'C5 H9 N O2'      115.130 
SER 'L-peptide linking' y SERINE                       ? 'C3 H7 N O3'      105.093 
THR 'L-peptide linking' y THREONINE                    ? 'C4 H9 N O3'      119.119 
TRP 'L-peptide linking' y TRYPTOPHAN                   ? 'C11 H12 N2 O2'   204.225 
TYR 'L-peptide linking' y TYROSINE                     ? 'C9 H11 N O3'     181.189 
U   'RNA linking'       y "URIDINE-5'-MONOPHOSPHATE"   ? 'C9 H13 N2 O9 P'  324.181 
VAL 'L-peptide linking' y VALINE                       ? 'C5 H11 N O2'     117.146 
# 
loop_
_pdbx_poly_seq_scheme.asym_id 
_pdbx_poly_seq_scheme.entity_id 
_pdbx_poly_seq_scheme.seq_id 
_pdbx_poly_seq_scheme.mon_id 
_pdbx_poly_seq_scheme.ndb_seq_num 
_pdbx_poly_seq_scheme.pdb_seq_num 
_pdbx_poly_seq_scheme.auth_seq_num 
_pdbx_poly_seq_scheme.pdb_mon_id 
_pdbx_poly_seq_scheme.auth_mon_id 
_pdbx_poly_seq_scheme.pdb_strand_id 
_pdbx_poly_seq_scheme.pdb_ins_code 
_pdbx_poly_seq_scheme.hetero 
A 1 1   SER 1   1    1    SER ALA X . n 
A 1 2   LYS 2   2    2    LYS LYS X . n 
A 1 3   GLU 3   3    3    GLU GLU X . n 
A 1 4   LYS 4   4    4    LYS LYS X . n 
A 1 5   PHE 5   5    5    PHE PHE X . n 
A 1 6   GLU 6   6    6    GLU GLU X . n 
A 1 7   ARG 7   7    7    ARG ARG X . n 
A 1 8   THR 8   8    8    THR THR X . n 
A 1 9   LYS 9   9    9    LYS LYS X . n 
A 1 10  PRO 10  10   10   PRO PRO X . n 
A 1 11  HIS 11  11   11   HIS HIS X . n 
A 1 12  VAL 12  12   12   VAL VAL X . n 
A 1 13  ASN 13  13   13   ASN ASN X . n 
A 1 14  VAL 14  14   14   VAL VAL X . n 
A 1 15  GLY 15  15   15   GLY GLY X . n 
A 1 16  THR 16  16   16   THR THR X . n 
A 1 17  ILE 17  17   17   ILE ILE X . n 
A 1 18  GLY 18  18   18   GLY GLY X . n 
A 1 19  HIS 19  19   19   HIS HIS X . n 
A 1 20  VAL 20  20   20   VAL VAL X . n 
A 1 21  ASP 21  21   21   ASP ASP X . n 
A 1 22  HIS 22  22   22   HIS HIS X . n 
A 1 23  GLY 23  23   23   GLY GLY X . n 
A 1 24  LYS 24  24   24   LYS LYS X . n 
A 1 25  THR 25  25   25   THR THR X . n 
A 1 26  THR 26  26   26   THR THR X . n 
A 1 27  LEU 27  27   27   LEU LEU X . n 
A 1 28  THR 28  28   28   THR THR X . n 
A 1 29  ALA 29  29   29   ALA ALA X . n 
A 1 30  ALA 30  30   30   ALA ALA X . n 
A 1 31  ILE 31  31   31   ILE ILE X . n 
A 1 32  THR 32  32   32   THR THR X . n 
A 1 33  THR 33  33   33   THR THR X . n 
A 1 34  VAL 34  34   34   VAL VAL X . n 
A 1 35  LEU 35  35   35   LEU LEU X . n 
A 1 36  ALA 36  36   36   ALA ALA X . n 
A 1 37  LYS 37  37   37   LYS LYS X . n 
A 1 38  THR 38  38   38   THR THR X . n 
A 1 39  TYR 39  39   39   TYR TYR X . n 
A 1 40  GLY 40  40   40   GLY GLY X . n 
A 1 41  GLY 41  41   41   GLY GLY X . n 
A 1 42  ALA 42  42   42   ALA ALA X . n 
A 1 43  ALA 43  43   43   ALA ALA X . n 
A 1 44  ARG 44  44   44   ARG ARG X . n 
A 1 45  ALA 45  45   45   ALA ALA X . n 
A 1 46  PHE 46  46   46   PHE PHE X . n 
A 1 47  ASP 47  47   47   ASP ASP X . n 
A 1 48  GLN 48  48   48   GLN GLN X . n 
A 1 49  ILE 49  49   49   ILE ILE X . n 
A 1 50  ASP 50  50   50   ASP ASP X . n 
A 1 51  ASN 51  51   51   ASN ASN X . n 
A 1 52  ALA 52  52   52   ALA ALA X . n 
A 1 53  PRO 53  53   53   PRO PRO X . n 
A 1 54  GLU 54  54   54   GLU GLU X . n 
A 1 55  GLU 55  55   55   GLU GLU X . n 
A 1 56  LYS 56  56   56   LYS LYS X . n 
A 1 57  ALA 57  57   57   ALA ALA X . n 
A 1 58  ARG 58  58   58   ARG ARG X . n 
A 1 59  GLY 59  59   59   GLY GLY X . n 
A 1 60  ILE 60  60   60   ILE ILE X . n 
A 1 61  THR 61  61   61   THR THR X . n 
A 1 62  ILE 62  62   62   ILE ILE X . n 
A 1 63  ASN 63  63   63   ASN ASN X . n 
A 1 64  THR 64  64   64   THR THR X . n 
A 1 65  SER 65  65   65   SER SER X . n 
A 1 66  HIS 66  66   66   HIS HIS X . n 
A 1 67  VAL 67  67   67   VAL VAL X . n 
A 1 68  GLU 68  68   68   GLU GLU X . n 
A 1 69  TYR 69  69   69   TYR TYR X . n 
A 1 70  ASP 70  70   70   ASP ASP X . n 
A 1 71  THR 71  71   71   THR THR X . n 
A 1 72  PRO 72  72   72   PRO PRO X . n 
A 1 73  THR 73  73   73   THR THR X . n 
A 1 74  ARG 74  74   74   ARG ARG X . n 
A 1 75  HIS 75  75   75   HIS HIS X . n 
A 1 76  TYR 76  76   76   TYR TYR X . n 
A 1 77  ALA 77  77   77   ALA ALA X . n 
A 1 78  HIS 78  78   78   HIS HIS X . n 
A 1 79  VAL 79  79   79   VAL VAL X . n 
A 1 80  ASP 80  80   80   ASP ASP X . n 
A 1 81  CYS 81  81   81   CYS CYS X . n 
A 1 82  PRO 82  82   82   PRO PRO X . n 
A 1 83  GLY 83  83   83   GLY GLY X . n 
A 1 84  HIS 84  84   84   HIS HIS X . n 
A 1 85  ALA 85  85   85   ALA ALA X . n 
A 1 86  ASP 86  86   86   ASP ASP X . n 
A 1 87  TYR 87  87   87   TYR TYR X . n 
A 1 88  VAL 88  88   88   VAL VAL X . n 
A 1 89  LYS 89  89   89   LYS LYS X . n 
A 1 90  ASN 90  90   90   ASN ASN X . n 
A 1 91  MET 91  91   91   MET MET X . n 
A 1 92  ILE 92  92   92   ILE ILE X . n 
A 1 93  THR 93  93   93   THR THR X . n 
A 1 94  GLY 94  94   94   GLY GLY X . n 
A 1 95  ALA 95  95   95   ALA ALA X . n 
A 1 96  ALA 96  96   96   ALA ALA X . n 
A 1 97  GLN 97  97   97   GLN GLN X . n 
A 1 98  MET 98  98   98   MET MET X . n 
A 1 99  ASP 99  99   99   ASP ASP X . n 
A 1 100 GLY 100 100  100  GLY GLY X . n 
A 1 101 ALA 101 101  101  ALA ALA X . n 
A 1 102 ILE 102 102  102  ILE ILE X . n 
A 1 103 LEU 103 103  103  LEU LEU X . n 
A 1 104 VAL 104 104  104  VAL VAL X . n 
A 1 105 VAL 105 105  105  VAL VAL X . n 
A 1 106 ALA 106 106  106  ALA ALA X . n 
A 1 107 ALA 107 107  107  ALA ALA X . n 
A 1 108 THR 108 108  108  THR THR X . n 
A 1 109 ASP 109 109  109  ASP ASP X . n 
A 1 110 GLY 110 110  110  GLY GLY X . n 
A 1 111 PRO 111 111  111  PRO PRO X . n 
A 1 112 MET 112 112  112  MET MET X . n 
A 1 113 PRO 113 113  113  PRO PRO X . n 
A 1 114 GLN 114 114  114  GLN GLN X . n 
A 1 115 THR 115 115  115  THR THR X . n 
A 1 116 ARG 116 116  116  ARG ARG X . n 
A 1 117 GLU 117 117  117  GLU GLU X . n 
A 1 118 HIS 118 118  118  HIS HIS X . n 
A 1 119 ILE 119 119  119  ILE ILE X . n 
A 1 120 LEU 120 120  120  LEU LEU X . n 
A 1 121 LEU 121 121  121  LEU LEU X . n 
A 1 122 GLY 122 122  122  GLY GLY X . n 
A 1 123 ARG 123 123  123  ARG ARG X . n 
A 1 124 GLN 124 124  124  GLN GLN X . n 
A 1 125 VAL 125 125  125  VAL VAL X . n 
A 1 126 GLY 126 126  126  GLY GLY X . n 
A 1 127 VAL 127 127  127  VAL VAL X . n 
A 1 128 PRO 128 128  128  PRO PRO X . n 
A 1 129 TYR 129 129  129  TYR TYR X . n 
A 1 130 ILE 130 130  130  ILE ILE X . n 
A 1 131 ILE 131 131  131  ILE ILE X . n 
A 1 132 VAL 132 132  132  VAL VAL X . n 
A 1 133 PHE 133 133  133  PHE PHE X . n 
A 1 134 LEU 134 134  134  LEU LEU X . n 
A 1 135 ASN 135 135  135  ASN ASN X . n 
A 1 136 LYS 136 136  136  LYS LYS X . n 
A 1 137 CYS 137 137  137  CYS CYS X . n 
A 1 138 ASP 138 138  138  ASP ASP X . n 
A 1 139 MET 139 139  139  MET MET X . n 
A 1 140 VAL 140 140  140  VAL VAL X . n 
A 1 141 ASP 141 141  141  ASP ASP X . n 
A 1 142 ASP 142 142  142  ASP ASP X . n 
A 1 143 GLU 143 143  143  GLU GLU X . n 
A 1 144 GLU 144 144  144  GLU GLU X . n 
A 1 145 LEU 145 145  145  LEU LEU X . n 
A 1 146 LEU 146 146  146  LEU LEU X . n 
A 1 147 GLU 147 147  147  GLU GLU X . n 
A 1 148 LEU 148 148  148  LEU LEU X . n 
A 1 149 VAL 149 149  149  VAL VAL X . n 
A 1 150 GLU 150 150  150  GLU GLU X . n 
A 1 151 MET 151 151  151  MET MET X . n 
A 1 152 GLU 152 152  152  GLU GLU X . n 
A 1 153 VAL 153 153  153  VAL VAL X . n 
A 1 154 ARG 154 154  154  ARG ARG X . n 
A 1 155 GLU 155 155  155  GLU GLU X . n 
A 1 156 LEU 156 156  156  LEU LEU X . n 
A 1 157 LEU 157 157  157  LEU LEU X . n 
A 1 158 SER 158 158  158  SER SER X . n 
A 1 159 GLN 159 159  159  GLN GLN X . n 
A 1 160 TYR 160 160  160  TYR TYR X . n 
A 1 161 ASP 161 161  161  ASP ASP X . n 
A 1 162 PHE 162 162  162  PHE PHE X . n 
A 1 163 PRO 163 163  163  PRO PRO X . n 
A 1 164 GLY 164 164  164  GLY GLY X . n 
A 1 165 ASP 165 165  165  ASP ASP X . n 
A 1 166 ASP 166 166  166  ASP ASP X . n 
A 1 167 THR 167 167  167  THR THR X . n 
A 1 168 PRO 168 168  168  PRO PRO X . n 
A 1 169 ILE 169 169  169  ILE ILE X . n 
A 1 170 VAL 170 170  170  VAL VAL X . n 
A 1 171 ARG 171 171  171  ARG ARG X . n 
A 1 172 GLY 172 172  172  GLY GLY X . n 
A 1 173 SER 173 173  173  SER SER X . n 
A 1 174 ALA 174 174  174  ALA ALA X . n 
A 1 175 LEU 175 175  175  LEU LEU X . n 
A 1 176 LYS 176 176  176  LYS LYS X . n 
A 1 177 ALA 177 177  177  ALA ALA X . n 
A 1 178 LEU 178 178  178  LEU LEU X . n 
A 1 179 GLU 179 179  179  GLU GLU X . n 
A 1 180 GLY 180 180  180  GLY GLY X . n 
A 1 181 ASP 181 181  181  ASP ASP X . n 
A 1 182 ALA 182 182  182  ALA ALA X . n 
A 1 183 GLU 183 183  183  GLU GLU X . n 
A 1 184 TRP 184 184  184  TRP TRP X . n 
A 1 185 GLU 185 185  185  GLU GLU X . n 
A 1 186 ALA 186 186  186  ALA ALA X . n 
A 1 187 LYS 187 187  187  LYS LYS X . n 
A 1 188 ILE 188 188  188  ILE ILE X . n 
A 1 189 LEU 189 189  189  LEU LEU X . n 
A 1 190 GLU 190 190  190  GLU GLU X . n 
A 1 191 LEU 191 191  191  LEU LEU X . n 
A 1 192 ALA 192 192  192  ALA ALA X . n 
A 1 193 GLY 193 193  193  GLY GLY X . n 
A 1 194 PHE 194 194  194  PHE PHE X . n 
A 1 195 LEU 195 195  195  LEU LEU X . n 
A 1 196 ASP 196 196  196  ASP ASP X . n 
A 1 197 SER 197 197  197  SER SER X . n 
A 1 198 TYR 198 198  198  TYR TYR X . n 
A 1 199 ILE 199 199  199  ILE ILE X . n 
A 1 200 PRO 200 200  200  PRO PRO X . n 
A 1 201 GLU 201 201  201  GLU GLU X . n 
A 1 202 PRO 202 202  202  PRO PRO X . n 
A 1 203 GLU 203 203  203  GLU GLU X . n 
A 1 204 ARG 204 204  204  ARG ARG X . n 
A 1 205 ALA 205 205  205  ALA ALA X . n 
A 1 206 ILE 206 206  206  ILE ILE X . n 
A 1 207 ASP 207 207  207  ASP ASP X . n 
A 1 208 LYS 208 208  208  LYS LYS X . n 
A 1 209 PRO 209 209  209  PRO PRO X . n 
A 1 210 PHE 210 210  210  PHE PHE X . n 
A 1 211 LEU 211 211  211  LEU LEU X . n 
A 1 212 LEU 212 212  212  LEU LEU X . n 
A 1 213 PRO 213 213  213  PRO PRO X . n 
A 1 214 ILE 214 214  214  ILE ILE X . n 
A 1 215 GLU 215 215  215  GLU GLU X . n 
A 1 216 ASP 216 216  216  ASP ASP X . n 
A 1 217 VAL 217 217  217  VAL VAL X . n 
A 1 218 PHE 218 218  218  PHE PHE X . n 
A 1 219 SER 219 219  219  SER SER X . n 
A 1 220 ILE 220 220  220  ILE ILE X . n 
A 1 221 SER 221 221  221  SER SER X . n 
A 1 222 GLY 222 222  222  GLY GLY X . n 
A 1 223 ARG 223 223  223  ARG ARG X . n 
A 1 224 GLY 224 224  224  GLY GLY X . n 
A 1 225 THR 225 225  225  THR THR X . n 
A 1 226 VAL 226 226  226  VAL VAL X . n 
A 1 227 VAL 227 227  227  VAL VAL X . n 
A 1 228 THR 228 228  228  THR THR X . n 
A 1 229 GLY 229 229  229  GLY GLY X . n 
A 1 230 ARG 230 230  230  ARG ARG X . n 
A 1 231 VAL 231 231  231  VAL VAL X . n 
A 1 232 GLU 232 232  232  GLU GLU X . n 
A 1 233 ARG 233 233  233  ARG ARG X . n 
A 1 234 GLY 234 234  234  GLY GLY X . n 
A 1 235 ILE 235 235  235  ILE ILE X . n 
A 1 236 ILE 236 236  236  ILE ILE X . n 
A 1 237 LYS 237 237  237  LYS LYS X . n 
A 1 238 VAL 238 238  238  VAL VAL X . n 
A 1 239 GLY 239 239  239  GLY GLY X . n 
A 1 240 GLU 240 240  240  GLU GLU X . n 
A 1 241 GLU 241 241  241  GLU GLU X . n 
A 1 242 VAL 242 242  242  VAL VAL X . n 
A 1 243 GLU 243 243  243  GLU GLU X . n 
A 1 244 ILE 244 244  244  ILE ILE X . n 
A 1 245 VAL 245 245  245  VAL VAL X . n 
A 1 246 GLY 246 246  246  GLY GLY X . n 
A 1 247 ILE 247 247  247  ILE ILE X . n 
A 1 248 LYS 248 248  248  LYS LYS X . n 
A 1 249 GLU 249 249  249  GLU GLU X . n 
A 1 250 THR 250 250  250  THR THR X . n 
A 1 251 GLN 251 251  251  GLN GLN X . n 
A 1 252 LYS 252 252  252  LYS LYS X . n 
A 1 253 SER 253 253  253  SER SER X . n 
A 1 254 THR 254 254  254  THR THR X . n 
A 1 255 CYS 255 255  255  CYS CYS X . n 
A 1 256 THR 256 256  256  THR THR X . n 
A 1 257 GLY 257 257  257  GLY GLY X . n 
A 1 258 VAL 258 258  258  VAL VAL X . n 
A 1 259 GLU 259 259  259  GLU GLU X . n 
A 1 260 MET 260 260  260  MET MET X . n 
A 1 261 PHE 261 261  261  PHE PHE X . n 
A 1 262 ARG 262 262  262  ARG ARG X . n 
A 1 263 LYS 263 263  263  LYS LYS X . n 
A 1 264 LEU 264 264  264  LEU LEU X . n 
A 1 265 LEU 265 265  265  LEU LEU X . n 
A 1 266 ASP 266 266  266  ASP ASP X . n 
A 1 267 GLU 267 267  267  GLU GLU X . n 
A 1 268 GLY 268 268  268  GLY GLY X . n 
A 1 269 ARG 269 269  269  ARG ARG X . n 
A 1 270 ALA 270 270  270  ALA ALA X . n 
A 1 271 GLY 271 271  271  GLY GLY X . n 
A 1 272 GLU 272 272  272  GLU GLU X . n 
A 1 273 ASN 273 273  273  ASN ASN X . n 
A 1 274 VAL 274 274  274  VAL VAL X . n 
A 1 275 GLY 275 275  275  GLY GLY X . n 
A 1 276 VAL 276 276  276  VAL VAL X . n 
A 1 277 LEU 277 277  277  LEU LEU X . n 
A 1 278 LEU 278 278  278  LEU LEU X . n 
A 1 279 ARG 279 279  279  ARG ARG X . n 
A 1 280 GLY 280 280  280  GLY GLY X . n 
A 1 281 ILE 281 281  281  ILE ILE X . n 
A 1 282 LYS 282 282  282  LYS LYS X . n 
A 1 283 ARG 283 283  283  ARG ARG X . n 
A 1 284 GLU 284 284  284  GLU GLU X . n 
A 1 285 GLU 285 285  285  GLU GLU X . n 
A 1 286 ILE 286 286  286  ILE ILE X . n 
A 1 287 GLU 287 287  287  GLU GLU X . n 
A 1 288 ARG 288 288  288  ARG ARG X . n 
A 1 289 GLY 289 289  289  GLY GLY X . n 
A 1 290 GLN 290 290  290  GLN GLN X . n 
A 1 291 VAL 291 291  291  VAL VAL X . n 
A 1 292 LEU 292 292  292  LEU LEU X . n 
A 1 293 ALA 293 293  293  ALA ALA X . n 
A 1 294 LYS 294 294  294  LYS LYS X . n 
A 1 295 PRO 295 295  295  PRO PRO X . n 
A 1 296 GLY 296 296  296  GLY GLY X . n 
A 1 297 THR 297 297  297  THR THR X . n 
A 1 298 ILE 298 298  298  ILE ILE X . n 
A 1 299 LYS 299 299  299  LYS LYS X . n 
A 1 300 PRO 300 300  300  PRO PRO X . n 
A 1 301 HIS 301 301  301  HIS HIS X . n 
A 1 302 THR 302 302  302  THR THR X . n 
A 1 303 LYS 303 303  303  LYS LYS X . n 
A 1 304 PHE 304 304  304  PHE PHE X . n 
A 1 305 GLU 305 305  305  GLU GLU X . n 
A 1 306 SER 306 306  306  SER SER X . n 
A 1 307 GLU 307 307  307  GLU GLU X . n 
A 1 308 VAL 308 308  308  VAL VAL X . n 
A 1 309 TYR 309 309  309  TYR TYR X . n 
A 1 310 ILE 310 310  310  ILE ILE X . n 
A 1 311 LEU 311 311  311  LEU LEU X . n 
A 1 312 SER 312 312  312  SER SER X . n 
A 1 313 LYS 313 313  313  LYS LYS X . n 
A 1 314 ASP 314 314  314  ASP ASP X . n 
A 1 315 GLU 315 315  315  GLU GLU X . n 
A 1 316 GLY 316 316  316  GLY GLY X . n 
A 1 317 GLY 317 317  317  GLY GLY X . n 
A 1 318 ARG 318 318  318  ARG ARG X . n 
A 1 319 HIS 319 319  319  HIS HIS X . n 
A 1 320 THR 320 320  320  THR THR X . n 
A 1 321 PRO 321 321  321  PRO PRO X . n 
A 1 322 PHE 322 322  322  PHE PHE X . n 
A 1 323 PHE 323 323  323  PHE PHE X . n 
A 1 324 LYS 324 324  324  LYS LYS X . n 
A 1 325 GLY 325 325  325  GLY GLY X . n 
A 1 326 TYR 326 326  326  TYR TYR X . n 
A 1 327 ARG 327 327  327  ARG ARG X . n 
A 1 328 PRO 328 328  328  PRO PRO X . n 
A 1 329 GLN 329 329  329  GLN GLN X . n 
A 1 330 PHE 330 330  330  PHE PHE X . n 
A 1 331 TYR 331 331  331  TYR TYR X . n 
A 1 332 PHE 332 332  332  PHE PHE X . n 
A 1 333 ARG 333 333  333  ARG ARG X . n 
A 1 334 THR 334 334  334  THR THR X . n 
A 1 335 THR 335 335  335  THR THR X . n 
A 1 336 ASP 336 336  336  ASP ASP X . n 
A 1 337 VAL 337 337  337  VAL VAL X . n 
A 1 338 THR 338 338  338  THR THR X . n 
A 1 339 GLY 339 339  339  GLY GLY X . n 
A 1 340 THR 340 340  340  THR THR X . n 
A 1 341 ILE 341 341  341  ILE ILE X . n 
A 1 342 GLU 342 342  342  GLU GLU X . n 
A 1 343 LEU 343 343  343  LEU LEU X . n 
A 1 344 PRO 344 344  344  PRO PRO X . n 
A 1 345 GLU 345 345  345  GLU GLU X . n 
A 1 346 GLY 346 346  346  GLY GLY X . n 
A 1 347 VAL 347 347  347  VAL VAL X . n 
A 1 348 GLU 348 348  348  GLU GLU X . n 
A 1 349 MET 349 349  349  MET MET X . n 
A 1 350 VAL 350 350  350  VAL VAL X . n 
A 1 351 MET 351 351  351  MET MET X . n 
A 1 352 PRO 352 352  352  PRO PRO X . n 
A 1 353 GLY 353 353  353  GLY GLY X . n 
A 1 354 ASP 354 354  354  ASP ASP X . n 
A 1 355 ASN 355 355  355  ASN ASN X . n 
A 1 356 ILE 356 356  356  ILE ILE X . n 
A 1 357 LYS 357 357  357  LYS LYS X . n 
A 1 358 MET 358 358  358  MET MET X . n 
A 1 359 VAL 359 359  359  VAL VAL X . n 
A 1 360 VAL 360 360  360  VAL VAL X . n 
A 1 361 THR 361 361  361  THR THR X . n 
A 1 362 LEU 362 362  362  LEU LEU X . n 
A 1 363 ILE 363 363  363  ILE ILE X . n 
A 1 364 HIS 364 364  364  HIS HIS X . n 
A 1 365 PRO 365 365  365  PRO PRO X . n 
A 1 366 ILE 366 366  366  ILE ILE X . n 
A 1 367 ALA 367 367  367  ALA ALA X . n 
A 1 368 MET 368 368  368  MET MET X . n 
A 1 369 ASP 369 369  369  ASP ASP X . n 
A 1 370 ASP 370 370  370  ASP ASP X . n 
A 1 371 GLY 371 371  371  GLY GLY X . n 
A 1 372 LEU 372 372  372  LEU LEU X . n 
A 1 373 ARG 373 373  373  ARG ARG X . n 
A 1 374 PHE 374 374  374  PHE PHE X . n 
A 1 375 ALA 375 375  375  ALA ALA X . n 
A 1 376 ILE 376 376  376  ILE ILE X . n 
A 1 377 ARG 377 377  377  ARG ARG X . n 
A 1 378 GLU 378 378  378  GLU GLU X . n 
A 1 379 GLY 379 379  379  GLY GLY X . n 
A 1 380 GLY 380 380  380  GLY GLY X . n 
A 1 381 ARG 381 381  381  ARG ARG X . n 
A 1 382 THR 382 382  382  THR THR X . n 
A 1 383 VAL 383 383  383  VAL VAL X . n 
A 1 384 GLY 384 384  384  GLY GLY X . n 
A 1 385 ALA 385 385  385  ALA ALA X . n 
A 1 386 GLY 386 386  386  GLY GLY X . n 
A 1 387 VAL 387 387  387  VAL VAL X . n 
A 1 388 VAL 388 388  388  VAL VAL X . n 
A 1 389 ALA 389 389  389  ALA ALA X . n 
A 1 390 LYS 390 390  390  LYS LYS X . n 
A 1 391 VAL 391 391  391  VAL VAL X . n 
A 1 392 LEU 392 392  392  LEU LEU X . n 
A 1 393 SER 393 393  393  SER SER X . n 
B 2 1   ALA 1   1    1    ALA ALA L . n 
B 2 2   THR 2   2    2    THR THR L . n 
B 2 3   VAL 3   3    3    VAL VAL L . n 
B 2 4   ASN 4   4    4    ASN ASN L . n 
B 2 5   GLN 5   5    5    GLN GLN L . n 
B 2 6   LEU 6   6    6    LEU LEU L . n 
B 2 7   VAL 7   7    7    VAL VAL L . n 
B 2 8   ARG 8   8    8    ARG ARG L . n 
B 2 9   LYS 9   9    9    LYS LYS L . n 
B 2 10  PRO 10  10   10   PRO PRO L . n 
B 2 11  ARG 11  11   11   ARG ARG L . n 
B 2 12  ALA 12  12   12   ALA ALA L . n 
B 2 13  ARG 13  13   13   ARG ARG L . n 
B 2 14  LYS 14  14   14   LYS LYS L . n 
B 2 15  VAL 15  15   15   VAL VAL L . n 
B 2 16  ALA 16  16   16   ALA ALA L . n 
B 2 17  LYS 17  17   17   LYS LYS L . n 
B 2 18  SER 18  18   18   SER SER L . n 
B 2 19  ASN 19  19   19   ASN ASN L . n 
B 2 20  VAL 20  20   20   VAL VAL L . n 
B 2 21  PRO 21  21   21   PRO PRO L . n 
B 2 22  ALA 22  22   22   ALA ALA L . n 
B 2 23  LEU 23  23   23   LEU LEU L . n 
B 2 24  GLU 24  24   24   GLU GLU L . n 
B 2 25  ALA 25  25   25   ALA ALA L . n 
B 2 26  CYS 26  26   26   CYS CYS L . n 
B 2 27  PRO 27  27   27   PRO PRO L . n 
B 2 28  GLN 28  28   28   GLN GLN L . n 
B 2 29  LYS 29  29   29   LYS LYS L . n 
B 2 30  ARG 30  30   30   ARG ARG L . n 
B 2 31  GLY 31  31   31   GLY GLY L . n 
B 2 32  VAL 32  32   32   VAL VAL L . n 
B 2 33  CYS 33  33   33   CYS CYS L . n 
B 2 34  THR 34  34   34   THR THR L . n 
B 2 35  ARG 35  35   35   ARG ARG L . n 
B 2 36  VAL 36  36   36   VAL VAL L . n 
B 2 37  TYR 37  37   37   TYR TYR L . n 
B 2 38  THR 38  38   38   THR THR L . n 
B 2 39  THR 39  39   39   THR THR L . n 
B 2 40  THR 40  40   40   THR THR L . n 
B 2 41  PRO 41  41   41   PRO PRO L . n 
B 2 42  LYS 42  42   42   LYS LYS L . n 
B 2 43  LYS 43  43   43   LYS LYS L . n 
B 2 44  PRO 44  44   44   PRO PRO L . n 
B 2 45  ASN 45  45   45   ASN ASN L . n 
B 2 46  SER 46  46   46   SER SER L . n 
B 2 47  ALA 47  47   47   ALA ALA L . n 
B 2 48  LEU 48  48   48   LEU LEU L . n 
B 2 49  ARG 49  49   49   ARG ARG L . n 
B 2 50  LYS 50  50   50   LYS LYS L . n 
B 2 51  VAL 51  51   51   VAL VAL L . n 
B 2 52  CYS 52  52   52   CYS CYS L . n 
B 2 53  ARG 53  53   53   ARG ARG L . n 
B 2 54  VAL 54  54   54   VAL VAL L . n 
B 2 55  ARG 55  55   55   ARG ARG L . n 
B 2 56  LEU 56  56   56   LEU LEU L . n 
B 2 57  THR 57  57   57   THR THR L . n 
B 2 58  ASN 58  58   58   ASN ASN L . n 
B 2 59  GLY 59  59   59   GLY GLY L . n 
B 2 60  PHE 60  60   60   PHE PHE L . n 
B 2 61  GLU 61  61   61   GLU GLU L . n 
B 2 62  VAL 62  62   62   VAL VAL L . n 
B 2 63  THR 63  63   63   THR THR L . n 
B 2 64  SER 64  64   64   SER SER L . n 
B 2 65  TYR 65  65   65   TYR TYR L . n 
B 2 66  ILE 66  66   66   ILE ILE L . n 
B 2 67  GLY 67  67   67   GLY GLY L . n 
B 2 68  GLY 68  68   68   GLY GLY L . n 
B 2 69  GLU 69  69   69   GLU GLU L . n 
B 2 70  GLY 70  70   70   GLY GLY L . n 
B 2 71  HIS 71  71   71   HIS HIS L . n 
B 2 72  ASN 72  72   72   ASN ASN L . n 
B 2 73  LEU 73  73   73   LEU LEU L . n 
B 2 74  GLN 74  74   74   GLN GLN L . n 
B 2 75  GLU 75  75   75   GLU GLU L . n 
B 2 76  HIS 76  76   76   HIS HIS L . n 
B 2 77  SER 77  77   77   SER SER L . n 
B 2 78  VAL 78  78   78   VAL VAL L . n 
B 2 79  ILE 79  79   79   ILE ILE L . n 
B 2 80  LEU 80  80   80   LEU LEU L . n 
B 2 81  ILE 81  81   81   ILE ILE L . n 
B 2 82  ARG 82  82   82   ARG ARG L . n 
B 2 83  GLY 83  83   83   GLY GLY L . n 
B 2 84  GLY 84  84   84   GLY GLY L . n 
B 2 85  ARG 85  85   85   ARG ARG L . n 
B 2 86  VAL 86  86   86   VAL VAL L . n 
B 2 87  LYS 87  87   87   LYS LYS L . n 
B 2 88  ASP 88  88   88   ASP ASP L . n 
B 2 89  LEU 89  89   89   LEU LEU L . n 
B 2 90  PRO 90  90   90   PRO PRO L . n 
B 2 91  GLY 91  91   91   GLY GLY L . n 
B 2 92  VAL 92  92   92   VAL VAL L . n 
B 2 93  ARG 93  93   93   ARG ARG L . n 
B 2 94  TYR 94  94   94   TYR TYR L . n 
B 2 95  HIS 95  95   95   HIS HIS L . n 
B 2 96  THR 96  96   96   THR THR L . n 
B 2 97  VAL 97  97   97   VAL VAL L . n 
B 2 98  ARG 98  98   98   ARG ARG L . n 
B 2 99  GLY 99  99   99   GLY GLY L . n 
B 2 100 ALA 100 100  100  ALA ALA L . n 
B 2 101 LEU 101 101  101  LEU LEU L . n 
B 2 102 ASP 102 102  102  ASP ASP L . n 
B 2 103 CYS 103 103  103  CYS CYS L . n 
B 2 104 SER 104 104  104  SER SER L . n 
B 2 105 GLY 105 105  105  GLY GLY L . n 
B 2 106 VAL 106 106  106  VAL VAL L . n 
B 2 107 LYS 107 107  107  LYS LYS L . n 
B 2 108 ASP 108 108  108  ASP ASP L . n 
B 2 109 ARG 109 109  109  ARG ARG L . n 
B 2 110 LYS 110 110  110  LYS LYS L . n 
B 2 111 GLN 111 111  111  GLN GLN L . n 
B 2 112 ALA 112 112  112  ALA ALA L . n 
B 2 113 ARG 113 113  113  ARG ARG L . n 
B 2 114 SER 114 114  114  SER SER L . n 
B 2 115 LYS 115 115  115  LYS LYS L . n 
B 2 116 TYR 116 116  116  TYR TYR L . n 
B 2 117 GLY 117 117  117  GLY GLY L . n 
B 2 118 VAL 118 118  118  VAL VAL L . n 
B 2 119 LYS 119 119  119  LYS LYS L . n 
B 2 120 ARG 120 120  120  ARG ARG L . n 
B 2 121 PRO 121 121  121  PRO PRO L . n 
B 2 122 LYS 122 122  122  LYS LYS L . n 
B 2 123 ALA 123 123  123  ALA ALA L . n 
C 3 1   ALA 1   1    1    ALA ALA I . n 
C 3 2   LYS 2   2    2    LYS LYS I . n 
C 3 3   LYS 3   3    3    LYS LYS I . n 
C 3 4   VAL 4   4    4    VAL VAL I . n 
C 3 5   GLN 5   5    5    GLN GLN I . n 
C 3 6   ALA 6   6    6    ALA ALA I . n 
C 3 7   TYR 7   7    7    TYR TYR I . n 
C 3 8   VAL 8   8    8    VAL VAL I . n 
C 3 9   LYS 9   9    9    LYS LYS I . n 
C 3 10  LEU 10  10   10   LEU LEU I . n 
C 3 11  GLN 11  11   11   GLN GLN I . n 
C 3 12  VAL 12  12   12   VAL VAL I . n 
C 3 13  ALA 13  13   13   ALA ALA I . n 
C 3 14  ALA 14  14   14   ALA ALA I . n 
C 3 15  GLY 15  15   15   GLY GLY I . n 
C 3 16  MET 16  16   16   MET MET I . n 
C 3 17  ALA 17  17   17   ALA ALA I . n 
C 3 18  ASN 18  18   18   ASN ASN I . n 
C 3 19  PRO 19  19   19   PRO PRO I . n 
C 3 20  SER 20  20   20   SER SER I . n 
C 3 21  PRO 21  21   21   PRO PRO I . n 
C 3 22  PRO 22  22   22   PRO PRO I . n 
C 3 23  VAL 23  23   23   VAL VAL I . n 
C 3 24  GLY 24  24   24   GLY GLY I . n 
C 3 25  PRO 25  25   25   PRO PRO I . n 
C 3 26  ALA 26  26   26   ALA ALA I . n 
C 3 27  LEU 27  27   27   LEU LEU I . n 
C 3 28  GLY 28  28   28   GLY GLY I . n 
C 3 29  GLN 29  29   29   GLN GLN I . n 
C 3 30  GLN 30  30   30   GLN GLN I . n 
C 3 31  GLY 31  31   31   GLY GLY I . n 
C 3 32  VAL 32  32   32   VAL VAL I . n 
C 3 33  ASN 33  33   33   ASN ASN I . n 
C 3 34  ILE 34  34   34   ILE ILE I . n 
C 3 35  MET 35  35   35   MET MET I . n 
C 3 36  GLU 36  36   36   GLU GLU I . n 
C 3 37  PHE 37  37   37   PHE PHE I . n 
C 3 38  CYS 38  38   38   CYS CYS I . n 
C 3 39  LYS 39  39   39   LYS LYS I . n 
C 3 40  ALA 40  40   40   ALA ALA I . n 
C 3 41  PHE 41  41   41   PHE PHE I . n 
C 3 42  ASN 42  42   42   ASN ASN I . n 
C 3 43  ALA 43  43   43   ALA ALA I . n 
C 3 44  LYS 44  44   44   LYS LYS I . n 
C 3 45  THR 45  45   45   THR THR I . n 
C 3 46  ASP 46  46   46   ASP ASP I . n 
C 3 47  SER 47  47   47   SER SER I . n 
C 3 48  ILE 48  48   48   ILE ILE I . n 
C 3 49  GLU 49  49   49   GLU GLU I . n 
C 3 50  LYS 50  50   50   LYS LYS I . n 
C 3 51  GLY 51  51   51   GLY GLY I . n 
C 3 52  LEU 52  52   52   LEU LEU I . n 
C 3 53  PRO 53  53   53   PRO PRO I . n 
C 3 54  ILE 54  54   54   ILE ILE I . n 
C 3 55  PRO 55  55   55   PRO PRO I . n 
C 3 56  VAL 56  56   56   VAL VAL I . n 
C 3 57  VAL 57  57   57   VAL VAL I . n 
C 3 58  ILE 58  58   58   ILE ILE I . n 
C 3 59  THR 59  59   59   THR THR I . n 
C 3 60  VAL 60  60   60   VAL VAL I . n 
C 3 61  TYR 61  61   61   TYR TYR I . n 
C 3 62  ALA 62  62   62   ALA ALA I . n 
C 3 63  ASP 63  63   63   ASP ASP I . n 
C 3 64  ARG 64  64   64   ARG ARG I . n 
C 3 65  SER 65  65   65   SER SER I . n 
C 3 66  PHE 66  66   66   PHE PHE I . n 
C 3 67  THR 67  67   67   THR THR I . n 
C 3 68  PHE 68  68   68   PHE PHE I . n 
C 3 69  VAL 69  69   69   VAL VAL I . n 
C 3 70  THR 70  70   70   THR THR I . n 
C 3 71  LYS 71  71   71   LYS LYS I . n 
C 3 72  THR 72  72   72   THR THR I . n 
C 3 73  PRO 73  73   73   PRO PRO I . n 
C 3 74  PRO 74  74   74   PRO PRO I . n 
C 3 75  ALA 75  75   75   ALA ALA I . n 
C 3 76  ALA 76  76   76   ALA ALA I . n 
C 3 77  VAL 77  77   77   VAL VAL I . n 
C 3 78  LEU 78  78   78   LEU LEU I . n 
C 3 79  LEU 79  79   79   LEU LEU I . n 
C 3 80  LYS 80  80   80   LYS LYS I . n 
C 3 81  LYS 81  81   81   LYS LYS I . n 
C 3 82  ALA 82  82   82   ALA ALA I . n 
C 3 83  ALA 83  83   83   ALA ALA I . n 
C 3 84  GLY 84  84   84   GLY GLY I . n 
C 3 85  ILE 85  85   85   ILE ILE I . n 
C 3 86  LYS 86  86   86   LYS LYS I . n 
C 3 87  SER 87  87   87   SER SER I . n 
C 3 88  GLY 88  88   88   GLY GLY I . n 
C 3 89  SER 89  89   89   SER SER I . n 
C 3 90  GLY 90  90   90   GLY GLY I . n 
C 3 91  LYS 91  91   91   LYS LYS I . n 
C 3 92  PRO 92  92   92   PRO PRO I . n 
C 3 93  ASN 93  93   93   ASN ASN I . n 
C 3 94  LYS 94  94   94   LYS LYS I . n 
C 3 95  ASP 95  95   95   ASP ASP I . n 
C 3 96  LYS 96  96   96   LYS LYS I . n 
C 3 97  VAL 97  97   97   VAL VAL I . n 
C 3 98  GLY 98  98   98   GLY GLY I . n 
C 3 99  LYS 99  99   99   LYS LYS I . n 
C 3 100 ILE 100 100  100  ILE ILE I . n 
C 3 101 SER 101 101  101  SER SER I . n 
C 3 102 ARG 102 102  102  ARG ARG I . n 
C 3 103 ALA 103 103  103  ALA ALA I . n 
C 3 104 GLN 104 104  104  GLN GLN I . n 
C 3 105 LEU 105 105  105  LEU LEU I . n 
C 3 106 GLN 106 106  106  GLN GLN I . n 
C 3 107 GLU 107 107  107  GLU GLU I . n 
C 3 108 ILE 108 108  108  ILE ILE I . n 
C 3 109 ALA 109 109  109  ALA ALA I . n 
C 3 110 GLN 110 110  110  GLN GLN I . n 
C 3 111 THR 111 111  111  THR THR I . n 
C 3 112 LYS 112 112  112  LYS LYS I . n 
C 3 113 ALA 113 113  113  ALA ALA I . n 
C 3 114 ALA 114 114  114  ALA ALA I . n 
C 3 115 ASP 115 115  115  ASP ASP I . n 
C 3 116 MET 116 116  116  MET MET I . n 
C 3 117 THR 117 117  117  THR THR I . n 
C 3 118 GLY 118 118  118  GLY GLY I . n 
C 3 119 ALA 119 119  119  ALA ALA I . n 
C 3 120 ASP 120 120  120  ASP ASP I . n 
C 3 121 ILE 121 121  121  ILE ILE I . n 
C 3 122 GLU 122 122  122  GLU GLU I . n 
C 3 123 ALA 123 123  123  ALA ALA I . n 
C 3 124 MET 124 124  124  MET MET I . n 
C 3 125 THR 125 125  125  THR THR I . n 
C 3 126 ARG 126 126  126  ARG ARG I . n 
C 3 127 SER 127 127  127  SER SER I . n 
C 3 128 ILE 128 128  128  ILE ILE I . n 
C 3 129 GLU 129 129  129  GLU GLU I . n 
C 3 130 GLY 130 130  130  GLY GLY I . n 
C 3 131 THR 131 131  131  THR THR I . n 
C 3 132 ALA 132 132  132  ALA ALA I . n 
C 3 133 ARG 133 133  133  ARG ARG I . n 
C 3 134 SER 134 134  134  SER SER I . n 
C 3 135 MET 135 135  135  MET MET I . n 
C 3 136 GLY 136 136  136  GLY GLY I . n 
C 3 137 LEU 137 137  137  LEU LEU I . n 
C 3 138 VAL 138 138  138  VAL VAL I . n 
C 3 139 VAL 139 139  139  VAL VAL I . n 
C 3 140 GLU 140 140  140  GLU GLU I . n 
C 3 141 ASP 141 141  141  ASP ASP I . n 
D 4 1   C   1   2    2    C   C   Y . n 
D 4 2   G   2   3    3    G   G   Y . n 
D 4 3   G   3   4    4    G   G   Y . n 
D 4 4   A   4   5    5    A   A   Y . n 
D 4 5   U   5   6    6    U   U   Y . n 
D 4 6   U   6   7    7    U   U   Y . n 
D 4 7   U   7   8    8    U   U   Y . n 
D 4 8   A   8   9    9    A   A   Y . n 
D 4 9   G   9   10   10   G   G   Y . n 
D 4 10  C   10  11   11   C   C   Y . n 
D 4 11  U   11  12   12   U   U   Y . n 
D 4 12  C   12  13   13   C   C   Y . n 
D 4 13  A   13  14   14   A   A   Y . n 
D 4 14  G   14  15   15   G   G   Y . n 
D 4 15  U   15  16   16   U   U   Y . n 
D 4 16  U   16  17   17   U   U   Y . n 
D 4 17  G   17  18   18   G   G   Y . n 
D 4 18  G   18  19   19   G   G   Y . n 
D 4 19  G   19  20   20   G   G   Y . n 
D 4 20  A   20  21   21   A   A   Y . n 
D 4 21  G   21  22   22   G   G   Y . n 
D 4 22  A   22  23   23   A   A   Y . n 
D 4 23  G   23  24   24   G   G   Y . n 
D 4 24  C   24  25   25   C   C   Y . n 
D 4 25  G   25  26   26   G   G   Y . n 
D 4 26  C   26  27   27   C   C   Y . n 
D 4 27  C   27  28   28   C   C   Y . n 
D 4 28  A   28  29   29   A   A   Y . n 
D 4 29  G   29  30   30   G   G   Y . n 
D 4 30  A   30  31   31   A   A   Y . n 
D 4 31  C   31  32   32   C   C   Y . n 
D 4 32  U   32  33   33   U   U   Y . n 
D 4 33  G   33  34   34   G   G   Y . n 
D 4 34  A   34  35   35   A   A   Y . n 
D 4 35  A   35  36   36   A   A   Y . n 
D 4 36  G   36  37   37   G   G   Y . n 
D 4 37  A   37  38   38   A   A   Y . n 
D 4 38  U   38  39   39   U   U   Y . n 
D 4 39  C   39  40   40   C   C   Y . n 
D 4 40  U   40  41   41   U   U   Y . n 
D 4 41  G   41  42   42   G   G   Y . n 
D 4 42  G   42  43   43   G   G   Y . n 
D 4 43  A   43  44   44   A   A   Y . n 
D 4 44  C   44  48   48   C   C   Y . n 
D 4 45  C   45  49   49   C   C   Y . n 
D 4 46  U   46  50   50   U   U   Y . n 
D 4 47  G   47  51   51   G   G   Y . n 
D 4 48  U   48  52   52   U   U   Y . n 
D 4 49  G   49  53   53   G   G   Y . n 
D 4 50  U   50  54   54   U   U   Y . n 
D 4 51  U   51  55   55   U   U   Y . n 
D 4 52  C   52  56   56   C   C   Y . n 
D 4 53  G   53  57   57   G   G   Y . n 
D 4 54  A   54  58   58   A   A   Y . n 
D 4 55  U   55  59   59   U   U   Y . n 
D 4 56  C   56  60   60   C   C   Y . n 
D 4 57  C   57  61   61   C   C   Y . n 
D 4 58  A   58  62   62   A   A   Y . n 
D 4 59  C   59  63   63   C   C   Y . n 
D 4 60  A   60  64   64   A   A   Y . n 
D 4 61  G   61  65   65   G   G   Y . n 
D 4 62  A   62  66   66   A   A   Y . n 
D 4 63  A   63  67   67   A   A   Y . n 
D 4 64  U   64  68   68   U   U   Y . n 
D 4 65  U   65  69   69   U   U   Y . n 
D 4 66  C   66  70   70   C   C   Y . n 
D 4 67  G   67  71   71   G   G   Y . n 
D 4 68  C   68  72   72   C   C   Y . n 
D 4 69  A   69  73   73   A   A   Y . n 
D 4 70  C   70  74   74   C   C   Y . n 
D 4 71  C   71  75   75   C   C   Y . n 
D 4 72  C   72  76   76   C   C   Y . n 
D 4 73  U   73  77   77   U   U   Y . n 
D 4 74  C   74  78   78   C   C   Y . n 
D 4 75  C   75  79   79   C   C   Y . n 
D 4 76  C   76  80   80   C   C   Y . n 
D 4 77  G   77  81   81   G   G   Y . n 
D 4 78  U   78  82   82   U   U   Y . n 
D 4 79  A   79  83   83   A   A   Y . n 
D 4 80  G   80  84   84   G   G   Y . n 
D 4 81  G   81  85   85   G   G   Y . n 
D 4 82  G   82  86   86   G   G   Y . n 
D 4 83  G   83  87   87   G   G   Y . n 
D 4 84  U   84  88   88   U   U   Y . n 
D 4 85  U   85  89   89   U   U   Y . n 
E 5 1   C   1   526  526  C   C   A . n 
E 5 2   G   2   527  527  G   G   A . n 
E 5 3   C   3   528  528  C   C   A . n 
E 5 4   G   4   529  529  G   G   A . n 
E 5 5   G   5   530  530  G   G   A . n 
E 5 6   U   6   531  531  U   U   A . n 
E 5 7   A   7   532  532  A   A   A . n 
E 5 8   A   8   533  533  A   A   A . n 
E 5 9   U   9   534  534  U   U   A . n 
F 6 1   G   1   1487 1487 G   G   C . n 
F 6 2   G   2   1488 1488 G   G   C . n 
F 6 3   G   3   1489 1489 G   G   C . n 
F 6 4   C   4   1490 1490 C   C   C . n 
F 6 5   G   5   1491 1491 G   G   C . n 
F 6 6   A   6   1492 1492 A   A   C . n 
F 6 7   A   7   1493 1493 A   A   C . n 
F 6 8   G   8   1494 1494 G   G   C . n 
F 6 9   U   9   1495 1495 U   U   C . n 
F 6 10  C   10  1496 1496 C   C   C . n 
F 6 11  G   11  1497 1497 G   G   C . n 
G 7 1   A   1   1054 1054 A   A   B . n 
G 7 2   G   2   1055 1055 G   G   B . n 
G 7 3   G   3   1056 1056 G   G   B . n 
G 7 4   A   4   1057 1057 A   A   B . n 
G 7 5   U   5   1058 1058 U   U   B . n 
G 7 6   G   6   1059 1059 G   G   B . n 
G 7 7   U   7   1060 1060 U   U   B . n 
G 7 8   U   8   1061 1061 U   U   B . n 
G 7 9   G   9   1062 1062 G   G   B . n 
G 7 10  G   10  1063 1063 G   G   B . n 
G 7 11  C   11  1064 1064 C   C   B . n 
G 7 12  U   12  1065 1065 U   U   B . n 
G 7 13  U   13  1066 1066 U   U   B . n 
G 7 14  A   14  1067 1067 A   A   B . n 
G 7 15  G   15  1068 1068 G   G   B . n 
G 7 16  A   16  1069 1069 A   A   B . n 
G 7 17  A   17  1070 1070 A   A   B . n 
G 7 18  G   18  1071 1071 G   G   B . n 
G 7 19  C   19  1072 1072 C   C   B . n 
G 7 20  A   20  1073 1073 A   A   B . n 
G 7 21  G   21  1074 1074 G   G   B . n 
G 7 22  C   22  1075 1075 C   C   B . n 
G 7 23  C   23  1076 1076 C   C   B . n 
G 7 24  A   24  1077 1077 A   A   B . n 
G 7 25  U   25  1078 1078 U   U   B . n 
G 7 26  C   26  1079 1079 C   C   B . n 
G 7 27  A   27  1080 1080 A   A   B . n 
G 7 28  U   28  1081 1081 U   U   B . n 
G 7 29  U   29  1082 1082 U   U   B . n 
G 7 30  U   30  1083 1083 U   U   B . n 
G 7 31  A   31  1084 1084 A   A   B . n 
G 7 32  A   32  1085 1085 A   A   B . n 
G 7 33  A   33  1086 1086 A   A   B . n 
G 7 34  G   34  1087 1087 G   G   B . n 
G 7 35  A   35  1088 1088 A   A   B . n 
G 7 36  A   36  1089 1089 A   A   B . n 
G 7 37  A   37  1090 1090 A   A   B . n 
G 7 38  G   38  1091 1091 G   G   B . n 
G 7 39  C   39  1092 1092 C   C   B . n 
G 7 40  G   40  1093 1093 G   G   B . n 
G 7 41  U   41  1094 1094 U   U   B . n 
G 7 42  A   42  1095 1095 A   A   B . n 
G 7 43  A   43  1096 1096 A   A   B . n 
G 7 44  U   44  1097 1097 U   U   B . n 
G 7 45  A   45  1098 1098 A   A   B . n 
G 7 46  G   46  1099 1099 G   G   B . n 
G 7 47  C   47  1100 1100 C   C   B . n 
G 7 48  U   48  1101 1101 U   U   B . n 
H 8 1   U   1   2647 2647 U   U   D . n 
H 8 2   G   2   2648 2648 G   G   D . n 
H 8 3   C   3   2649 2649 C   C   D . n 
H 8 4   U   4   2650 2650 U   U   D . n 
H 8 5   C   5   2651 2651 C   C   D . n 
H 8 6   C   6   2652 2652 C   C   D . n 
H 8 7   U   7   2653 2653 U   U   D . n 
H 8 8   A   8   2654 2654 A   A   D . n 
H 8 9   G   9   2655 2655 G   G   D . n 
H 8 10  U   10  2656 2656 U   U   D . n 
H 8 11  A   11  2657 2657 A   A   D . n 
H 8 12  C   12  2658 2658 C   C   D . n 
H 8 13  G   13  2659 2659 G   G   D . n 
H 8 14  A   14  2660 2660 A   A   D . n 
H 8 15  G   15  2661 2661 G   G   D . n 
H 8 16  A   16  2662 2662 A   A   D . n 
H 8 17  G   17  2663 2663 G   G   D . n 
H 8 18  G   18  2664 2664 G   G   D . n 
H 8 19  A   19  2665 2665 A   A   D . n 
H 8 20  C   20  2666 2666 C   C   D . n 
H 8 21  C   21  2667 2667 C   C   D . n 
H 8 22  G   22  2668 2668 G   G   D . n 
H 8 23  G   23  2669 2669 G   G   D . n 
H 8 24  A   24  2670 2670 A   A   D . n 
H 8 25  G   25  2671 2671 G   G   D . n 
H 8 26  U   26  2672 2672 U   U   D . n 
H 8 27  G   27  2673 2673 G   G   D . n 
H 8 28  G   28  2674 2674 G   G   D . n 
I 9 1   G   1   1907 1907 G   G   E . n 
I 9 2   C   2   1908 1908 C   C   E . n 
I 9 3   C   3   1909 1909 C   C   E . n 
I 9 4   G   4   1910 1910 G   G   E . n 
I 9 5   U   5   1911 1911 U   U   E . n 
I 9 6   A   6   1912 1912 A   A   E . n 
I 9 7   A   7   913  913  A   A   E . n 
I 9 8   C   8   1914 1914 C   C   E . n 
I 9 9   U   9   1915 1915 U   U   E . n 
I 9 10  A   10  1916 1916 A   A   E . n 
I 9 11  U   11  1917 1917 U   U   E . n 
I 9 12  A   12  1918 1918 A   A   E . n 
I 9 13  A   13  1919 1919 A   A   E . n 
I 9 14  C   14  1920 1920 C   C   E . n 
I 9 15  G   15  1921 1921 G   G   E . n 
I 9 16  G   16  1922 1922 G   G   E . n 
I 9 17  U   17  1923 1923 U   U   E . n 
# 
_cell.entry_id           3EQ4 
_cell.length_a           1.000 
_cell.length_b           1.000 
_cell.length_c           1.000 
_cell.angle_alpha        90.00 
_cell.angle_beta         90.00 
_cell.angle_gamma        90.00 
_cell.pdbx_unique_axis   ? 
_cell.Z_PDB              1 
_cell.length_a_esd       ? 
_cell.length_b_esd       ? 
_cell.length_c_esd       ? 
_cell.angle_alpha_esd    ? 
_cell.angle_beta_esd     ? 
_cell.angle_gamma_esd    ? 
# 
_symmetry.entry_id                         3EQ4 
_symmetry.space_group_name_H-M             'P 1' 
_symmetry.pdbx_full_space_group_name_H-M   ? 
_symmetry.Int_Tables_number                1 
_symmetry.cell_setting                     ? 
# 
_exptl.entry_id          3EQ4 
_exptl.method            'ELECTRON MICROSCOPY' 
_exptl.crystals_number   ? 
# 
_refine_hist.pdbx_refine_id                   'ELECTRON MICROSCOPY' 
_refine_hist.cycle_id                         LAST 
_refine_hist.pdbx_number_atoms_protein        657 
_refine_hist.pdbx_number_atoms_nucleic_acid   198 
_refine_hist.pdbx_number_atoms_ligand         0 
_refine_hist.number_atoms_solvent             0 
_refine_hist.number_atoms_total               855 
_refine_hist.d_res_high                       . 
_refine_hist.d_res_low                        . 
# 
_struct.entry_id                  3EQ4 
_struct.title                     'Model of tRNA(Leu)-EF-Tu in the ribosomal pre-accommodated state revealed by cryo-EM' 
_struct.pdbx_model_details        ? 
_struct.pdbx_CASP_flag            ? 
_struct.pdbx_model_type_details   ? 
# 
_struct_keywords.entry_id        3EQ4 
_struct_keywords.pdbx_keywords   'RIBOSOMAL PROTEIN/RNA' 
_struct_keywords.text            
;protein translation, ternary complex, A/T-tRNA, automated data collection, Antibiotic resistance, Elongation factor, GTP-binding, Membrane, Methylation, Nucleotide-binding, Phosphoprotein, Protein biosynthesis, Ribonucleoprotein, Ribosomal protein, RNA-binding, rRNA-binding, tRNA-binding, RIBOSOMAL PROTEIN-RNA COMPLEX
;
# 
loop_
_struct_asym.id 
_struct_asym.pdbx_blank_PDB_chainid_flag 
_struct_asym.pdbx_modified 
_struct_asym.entity_id 
_struct_asym.details 
A N N 1 ? 
B N N 2 ? 
C N N 3 ? 
D N N 4 ? 
E N N 5 ? 
F N N 6 ? 
G N N 7 ? 
H N N 8 ? 
I N N 9 ? 
# 
loop_
_struct_ref.id 
_struct_ref.db_name 
_struct_ref.db_code 
_struct_ref.pdbx_db_accession 
_struct_ref.entity_id 
_struct_ref.pdbx_seq_one_letter_code 
_struct_ref.pdbx_align_begin 
_struct_ref.pdbx_db_isoform 
1 UNP EFTU_ECOLI P0A6N1 1 
;SKEKFERTKPHVNVGTIGHVDHGKTTLTAAITTVLAKTYGGAARAFDQIDNAPEEKARGITINTSHVEYDTPTRHYAHVD
CPGHADYVKNMITGAAQMDGAILVVAATDGPMPQTREHILLGRQVGVPYIIVFLNKCDMVDDEELLELVEMEVRELLSQY
DFPGDDTPIVRGSALKALEGDAEWEAKILELAGFLDSYIPEPERAIDKPFLLPIEDVFSISGRGTVVTGRVERGIIKVGE
EVEIVGIKETQKSTCTGVEMFRKLLDEGRAGENVGVLLRGIKREEIERGQVLAKPGTIKPHTKFESEVYILSKDEGGRHT
PFFKGYRPQFYFRTTDVTGTIELPEGVEMVMPGDNIKMVVTLIHPIAMDDGLRFAIREGGRTVGAGVVAKVLS
;
2    ? 
2 UNP RS12_ECOLI P0A7S3 2 
;ATVNQLVRKPRARKVAKSNVPALEACPQKRGVCTRVYTTTPKKPNSALRKVCRVRLTNGFEVTSYIGGEGHNLQEHSVIL
IRGGRVKDLPGVRYHTVRGALDCSGVKDRKQARSKYGVKRPKA
;
2    ? 
3 UNP RL11_ECOLI P0A7J7 3 
;AKKVQAYVKLQVAAGMANPSPPVGPALGQQGVNIMEFCKAFNAKTDSIEKGLPIPVVITVYADRSFTFVTKTPPAAVLLK
KAAGIKSGSGKPNKDKVGKISRAQLQEIAQTKAADMTGADIEAMTRSIEGTARSMGLVVED
;
2    ? 
4 PDB 3EQ4       3EQ4   4 
;CGGAUUUAGCUCAGUUGGGAGAGCGCCAGACUGAAGAUCUGGACCUGUGUUCGAUCCACAGAAUUCGCACCCUCCCGUAG
GGGUU
;
2    ? 
5 PDB 3EQ4       3EQ4   5 CGCGGUAAU 526  ? 
6 PDB 3EQ4       3EQ4   6 GGGCGAAGUCG 1487 ? 
7 PDB 3EQ4       3EQ4   7 AGGAUGUUGGCUUAGAAGCAGCCAUCAUUUAAAGAAAGCGUAAUAGCU 1054 ? 
8 PDB 3EQ4       3EQ4   8 UGCUCCUAGUACGAGAGGACCGGAGUGG 2647 ? 
9 PDB 3EQ4       3EQ4   9 GCCGUAACUAUAACGGU 1907 ? 
# 
loop_
_struct_ref_seq.align_id 
_struct_ref_seq.ref_id 
_struct_ref_seq.pdbx_PDB_id_code 
_struct_ref_seq.pdbx_strand_id 
_struct_ref_seq.seq_align_beg 
_struct_ref_seq.pdbx_seq_align_beg_ins_code 
_struct_ref_seq.seq_align_end 
_struct_ref_seq.pdbx_seq_align_end_ins_code 
_struct_ref_seq.pdbx_db_accession 
_struct_ref_seq.db_align_beg 
_struct_ref_seq.pdbx_db_align_beg_ins_code 
_struct_ref_seq.db_align_end 
_struct_ref_seq.pdbx_db_align_end_ins_code 
_struct_ref_seq.pdbx_auth_seq_align_beg 
_struct_ref_seq.pdbx_auth_seq_align_end 
1 1 3EQ4 X 1 ? 393 ? P0A6N1 2    ? 394  ? 1    393  
2 2 3EQ4 L 1 ? 123 ? P0A7S3 2    ? 124  ? 1    123  
3 3 3EQ4 I 1 ? 141 ? P0A7J7 2    ? 142  ? 1    141  
4 4 3EQ4 Y 1 ? 85  ? 3EQ4   2    ? 89   ? 2    89   
5 5 3EQ4 A 1 ? 9   ? 3EQ4   526  ? 534  ? 526  534  
6 6 3EQ4 C 1 ? 11  ? 3EQ4   1487 ? 1497 ? 1487 1497 
7 7 3EQ4 B 1 ? 48  ? 3EQ4   1054 ? 1101 ? 1054 1101 
8 8 3EQ4 D 1 ? 28  ? 3EQ4   2647 ? 2674 ? 2647 2674 
9 9 3EQ4 E 1 ? 17  ? 3EQ4   1907 ? 1923 ? 1907 1923 
# 
_pdbx_struct_assembly.id                   1 
_pdbx_struct_assembly.details              author_defined_assembly 
_pdbx_struct_assembly.method_details       ? 
_pdbx_struct_assembly.oligomeric_details   nonameric 
_pdbx_struct_assembly.oligomeric_count     9 
# 
_pdbx_struct_assembly_gen.assembly_id       1 
_pdbx_struct_assembly_gen.oper_expression   1 
_pdbx_struct_assembly_gen.asym_id_list      A,B,C,D,E,F,G,H,I 
# 
_pdbx_struct_oper_list.id                   1 
_pdbx_struct_oper_list.type                 'identity operation' 
_pdbx_struct_oper_list.name                 1_555 
_pdbx_struct_oper_list.symmetry_operation   x,y,z 
_pdbx_struct_oper_list.matrix[1][1]         1.0000000000 
_pdbx_struct_oper_list.matrix[1][2]         0.0000000000 
_pdbx_struct_oper_list.matrix[1][3]         0.0000000000 
_pdbx_struct_oper_list.vector[1]            0.0000000000 
_pdbx_struct_oper_list.matrix[2][1]         0.0000000000 
_pdbx_struct_oper_list.matrix[2][2]         1.0000000000 
_pdbx_struct_oper_list.matrix[2][3]         0.0000000000 
_pdbx_struct_oper_list.vector[2]            0.0000000000 
_pdbx_struct_oper_list.matrix[3][1]         0.0000000000 
_pdbx_struct_oper_list.matrix[3][2]         0.0000000000 
_pdbx_struct_oper_list.matrix[3][3]         1.0000000000 
_pdbx_struct_oper_list.vector[3]            0.0000000000 
# 
_pdbx_validate_close_contact.id               1 
_pdbx_validate_close_contact.PDB_model_num    1 
_pdbx_validate_close_contact.auth_atom_id_1   P 
_pdbx_validate_close_contact.auth_asym_id_1   Y 
_pdbx_validate_close_contact.auth_comp_id_1   G 
_pdbx_validate_close_contact.auth_seq_id_1    10 
_pdbx_validate_close_contact.PDB_ins_code_1   ? 
_pdbx_validate_close_contact.label_alt_id_1   ? 
_pdbx_validate_close_contact.auth_atom_id_2   P 
_pdbx_validate_close_contact.auth_asym_id_2   Y 
_pdbx_validate_close_contact.auth_comp_id_2   C 
_pdbx_validate_close_contact.auth_seq_id_2    79 
_pdbx_validate_close_contact.PDB_ins_code_2   ? 
_pdbx_validate_close_contact.label_alt_id_2   ? 
_pdbx_validate_close_contact.dist             1.57 
# 
_em_3d_fitting.id                1 
_em_3d_fitting.entry_id          3EQ4 
_em_3d_fitting.ref_protocol      OTHER 
_em_3d_fitting.ref_space         REAL 
_em_3d_fitting.overall_b_value   ? 
_em_3d_fitting.target_criteria   'cross-correlation coefficient' 
_em_3d_fitting.details           'METHOD--See Method in the citation REFINEMENT PROTOCOL--auto' 
_em_3d_fitting.method            ? 
# 
loop_
_em_3d_fitting_list.3d_fitting_id 
_em_3d_fitting_list.id 
_em_3d_fitting_list.pdb_entry_id 
_em_3d_fitting_list.pdb_chain_id 
_em_3d_fitting_list.details 
_em_3d_fitting_list.initial_refinement_model_id 
_em_3d_fitting_list.chain_id 
_em_3d_fitting_list.chain_residue_range 
_em_3d_fitting_list.pdb_chain_residue_range 
_em_3d_fitting_list.source_name 
_em_3d_fitting_list.type 
_em_3d_fitting_list.accession_code 
1 1 2AVY ? ? 1 ? ? ? PDB 'experimental model' 2AVY 
1 2 2AW4 ? ? 2 ? ? ? PDB 'experimental model' 2AW4 
1 3 1QZA ? ? 3 ? ? ? PDB 'experimental model' 1QZA 
1 4 1OB2 ? ? 4 ? ? ? PDB 'experimental model' 1OB2 
# 
_em_3d_reconstruction.entry_id                    3EQ4 
_em_3d_reconstruction.id                          1 
_em_3d_reconstruction.symmetry_type               POINT 
_em_3d_reconstruction.num_particles               80000 
_em_3d_reconstruction.image_processing_id         1 
_em_3d_reconstruction.method                      'SINGLE PARTICLE' 
_em_3d_reconstruction.nominal_pixel_size          ? 
_em_3d_reconstruction.actual_pixel_size           ? 
_em_3d_reconstruction.resolution                  12 
_em_3d_reconstruction.magnification_calibration   ? 
_em_3d_reconstruction.details                     ? 
_em_3d_reconstruction.resolution_method           ? 
_em_3d_reconstruction.num_class_averages          ? 
_em_3d_reconstruction.algorithm                   ? 
# 
_em_buffer.id            1 
_em_buffer.pH            7.3 
_em_buffer.details       
;Polymix buffer( 5 mM potassium phosphate (KH2PO4) pH 7.3, 5 mM NH4Cl, 95 mM KCl, 0.5 mM CaCl2, 8 mM putrescine, 1 mM spermidine, 1 mM DTE, 5 mM magnesium acetate)
;
_em_buffer.specimen_id   1 
_em_buffer.name          ? 
# 
_em_entity_assembly.id                   1 
_em_entity_assembly.name                 'ribosome in pre-accommodated state' 
_em_entity_assembly.type                 RIBOSOME 
_em_entity_assembly.parent_id            0 
_em_entity_assembly.synonym              ? 
_em_entity_assembly.details              
'A/T-tRNA(Leu), EF-Tu, L11, S12, fragments h44 and h18 from the 16S rRNA, fragments H43-H44, H69, and H95 from the 23S rRNA' 
_em_entity_assembly.oligomeric_details   ? 
# 
_em_imaging.entry_id                        3EQ4 
_em_imaging.id                              1 
_em_imaging.nominal_magnification           50000 
_em_imaging.nominal_defocus_min             1000 
_em_imaging.nominal_defocus_max             4000 
_em_imaging.microscope_model                'FEI TECNAI F20' 
_em_imaging.mode                            'BRIGHT FIELD' 
_em_imaging.illumination_mode               'FLOOD BEAM' 
_em_imaging.electron_source                 'FIELD EMISSION GUN' 
_em_imaging.accelerating_voltage            300 
_em_imaging.specimen_id                     1 
_em_imaging.date                            2005-07-15 
_em_imaging.temperature                     ? 
_em_imaging.tilt_angle_min                  ? 
_em_imaging.tilt_angle_max                  ? 
_em_imaging.nominal_cs                      ? 
_em_imaging.calibrated_magnification        ? 
_em_imaging.details                         ? 
_em_imaging.specimen_holder_type            ? 
_em_imaging.specimen_holder_model           ? 
_em_imaging.citation_id                     ? 
_em_imaging.detector_distance               ? 
_em_imaging.recording_temperature_maximum   ? 
_em_imaging.recording_temperature_minimum   ? 
_em_imaging.astigmatism                     ? 
_em_imaging.electron_beam_tilt_params       ? 
# 
_em_vitrification.entry_id              3EQ4 
_em_vitrification.id                    1 
_em_vitrification.instrument            'FEI VITROBOT MARK I' 
_em_vitrification.cryogen_name          NITROGEN 
_em_vitrification.specimen_id           1 
_em_vitrification.humidity              ? 
_em_vitrification.chamber_temperature   ? 
_em_vitrification.details               ? 
_em_vitrification.citation_id           ? 
_em_vitrification.method                ? 
_em_vitrification.temp                  ? 
_em_vitrification.time_resolved_state   ? 
# 
_em_experiment.entry_id                3EQ4 
_em_experiment.id                      1 
_em_experiment.reconstruction_method   'SINGLE PARTICLE' 
_em_experiment.aggregation_state       PARTICLE 
_em_experiment.entity_assembly_id      1 
# 
_em_single_particle_entity.entry_id              3EQ4 
_em_single_particle_entity.id                    1 
_em_single_particle_entity.point_symmetry        C1 
_em_single_particle_entity.image_processing_id   1 
# 
loop_
_chem_comp_atom.comp_id 
_chem_comp_atom.atom_id 
_chem_comp_atom.type_symbol 
_chem_comp_atom.pdbx_aromatic_flag 
_chem_comp_atom.pdbx_stereo_config 
_chem_comp_atom.pdbx_ordinal 
A   OP3    O N N 1   
A   P      P N N 2   
A   OP1    O N N 3   
A   OP2    O N N 4   
A   "O5'"  O N N 5   
A   "C5'"  C N N 6   
A   "C4'"  C N R 7   
A   "O4'"  O N N 8   
A   "C3'"  C N S 9   
A   "O3'"  O N N 10  
A   "C2'"  C N R 11  
A   "O2'"  O N N 12  
A   "C1'"  C N R 13  
A   N9     N Y N 14  
A   C8     C Y N 15  
A   N7     N Y N 16  
A   C5     C Y N 17  
A   C6     C Y N 18  
A   N6     N N N 19  
A   N1     N Y N 20  
A   C2     C Y N 21  
A   N3     N Y N 22  
A   C4     C Y N 23  
A   HOP3   H N N 24  
A   HOP2   H N N 25  
A   "H5'"  H N N 26  
A   "H5''" H N N 27  
A   "H4'"  H N N 28  
A   "H3'"  H N N 29  
A   "HO3'" H N N 30  
A   "H2'"  H N N 31  
A   "HO2'" H N N 32  
A   "H1'"  H N N 33  
A   H8     H N N 34  
A   H61    H N N 35  
A   H62    H N N 36  
A   H2     H N N 37  
ALA N      N N N 38  
ALA CA     C N S 39  
ALA C      C N N 40  
ALA O      O N N 41  
ALA CB     C N N 42  
ALA OXT    O N N 43  
ALA H      H N N 44  
ALA H2     H N N 45  
ALA HA     H N N 46  
ALA HB1    H N N 47  
ALA HB2    H N N 48  
ALA HB3    H N N 49  
ALA HXT    H N N 50  
ARG N      N N N 51  
ARG CA     C N S 52  
ARG C      C N N 53  
ARG O      O N N 54  
ARG CB     C N N 55  
ARG CG     C N N 56  
ARG CD     C N N 57  
ARG NE     N N N 58  
ARG CZ     C N N 59  
ARG NH1    N N N 60  
ARG NH2    N N N 61  
ARG OXT    O N N 62  
ARG H      H N N 63  
ARG H2     H N N 64  
ARG HA     H N N 65  
ARG HB2    H N N 66  
ARG HB3    H N N 67  
ARG HG2    H N N 68  
ARG HG3    H N N 69  
ARG HD2    H N N 70  
ARG HD3    H N N 71  
ARG HE     H N N 72  
ARG HH11   H N N 73  
ARG HH12   H N N 74  
ARG HH21   H N N 75  
ARG HH22   H N N 76  
ARG HXT    H N N 77  
ASN N      N N N 78  
ASN CA     C N S 79  
ASN C      C N N 80  
ASN O      O N N 81  
ASN CB     C N N 82  
ASN CG     C N N 83  
ASN OD1    O N N 84  
ASN ND2    N N N 85  
ASN OXT    O N N 86  
ASN H      H N N 87  
ASN H2     H N N 88  
ASN HA     H N N 89  
ASN HB2    H N N 90  
ASN HB3    H N N 91  
ASN HD21   H N N 92  
ASN HD22   H N N 93  
ASN HXT    H N N 94  
ASP N      N N N 95  
ASP CA     C N S 96  
ASP C      C N N 97  
ASP O      O N N 98  
ASP CB     C N N 99  
ASP CG     C N N 100 
ASP OD1    O N N 101 
ASP OD2    O N N 102 
ASP OXT    O N N 103 
ASP H      H N N 104 
ASP H2     H N N 105 
ASP HA     H N N 106 
ASP HB2    H N N 107 
ASP HB3    H N N 108 
ASP HD2    H N N 109 
ASP HXT    H N N 110 
C   OP3    O N N 111 
C   P      P N N 112 
C   OP1    O N N 113 
C   OP2    O N N 114 
C   "O5'"  O N N 115 
C   "C5'"  C N N 116 
C   "C4'"  C N R 117 
C   "O4'"  O N N 118 
C   "C3'"  C N S 119 
C   "O3'"  O N N 120 
C   "C2'"  C N R 121 
C   "O2'"  O N N 122 
C   "C1'"  C N R 123 
C   N1     N N N 124 
C   C2     C N N 125 
C   O2     O N N 126 
C   N3     N N N 127 
C   C4     C N N 128 
C   N4     N N N 129 
C   C5     C N N 130 
C   C6     C N N 131 
C   HOP3   H N N 132 
C   HOP2   H N N 133 
C   "H5'"  H N N 134 
C   "H5''" H N N 135 
C   "H4'"  H N N 136 
C   "H3'"  H N N 137 
C   "HO3'" H N N 138 
C   "H2'"  H N N 139 
C   "HO2'" H N N 140 
C   "H1'"  H N N 141 
C   H41    H N N 142 
C   H42    H N N 143 
C   H5     H N N 144 
C   H6     H N N 145 
CYS N      N N N 146 
CYS CA     C N R 147 
CYS C      C N N 148 
CYS O      O N N 149 
CYS CB     C N N 150 
CYS SG     S N N 151 
CYS OXT    O N N 152 
CYS H      H N N 153 
CYS H2     H N N 154 
CYS HA     H N N 155 
CYS HB2    H N N 156 
CYS HB3    H N N 157 
CYS HG     H N N 158 
CYS HXT    H N N 159 
G   OP3    O N N 160 
G   P      P N N 161 
G   OP1    O N N 162 
G   OP2    O N N 163 
G   "O5'"  O N N 164 
G   "C5'"  C N N 165 
G   "C4'"  C N R 166 
G   "O4'"  O N N 167 
G   "C3'"  C N S 168 
G   "O3'"  O N N 169 
G   "C2'"  C N R 170 
G   "O2'"  O N N 171 
G   "C1'"  C N R 172 
G   N9     N Y N 173 
G   C8     C Y N 174 
G   N7     N Y N 175 
G   C5     C Y N 176 
G   C6     C N N 177 
G   O6     O N N 178 
G   N1     N N N 179 
G   C2     C N N 180 
G   N2     N N N 181 
G   N3     N N N 182 
G   C4     C Y N 183 
G   HOP3   H N N 184 
G   HOP2   H N N 185 
G   "H5'"  H N N 186 
G   "H5''" H N N 187 
G   "H4'"  H N N 188 
G   "H3'"  H N N 189 
G   "HO3'" H N N 190 
G   "H2'"  H N N 191 
G   "HO2'" H N N 192 
G   "H1'"  H N N 193 
G   H8     H N N 194 
G   H1     H N N 195 
G   H21    H N N 196 
G   H22    H N N 197 
GLN N      N N N 198 
GLN CA     C N S 199 
GLN C      C N N 200 
GLN O      O N N 201 
GLN CB     C N N 202 
GLN CG     C N N 203 
GLN CD     C N N 204 
GLN OE1    O N N 205 
GLN NE2    N N N 206 
GLN OXT    O N N 207 
GLN H      H N N 208 
GLN H2     H N N 209 
GLN HA     H N N 210 
GLN HB2    H N N 211 
GLN HB3    H N N 212 
GLN HG2    H N N 213 
GLN HG3    H N N 214 
GLN HE21   H N N 215 
GLN HE22   H N N 216 
GLN HXT    H N N 217 
GLU N      N N N 218 
GLU CA     C N S 219 
GLU C      C N N 220 
GLU O      O N N 221 
GLU CB     C N N 222 
GLU CG     C N N 223 
GLU CD     C N N 224 
GLU OE1    O N N 225 
GLU OE2    O N N 226 
GLU OXT    O N N 227 
GLU H      H N N 228 
GLU H2     H N N 229 
GLU HA     H N N 230 
GLU HB2    H N N 231 
GLU HB3    H N N 232 
GLU HG2    H N N 233 
GLU HG3    H N N 234 
GLU HE2    H N N 235 
GLU HXT    H N N 236 
GLY N      N N N 237 
GLY CA     C N N 238 
GLY C      C N N 239 
GLY O      O N N 240 
GLY OXT    O N N 241 
GLY H      H N N 242 
GLY H2     H N N 243 
GLY HA2    H N N 244 
GLY HA3    H N N 245 
GLY HXT    H N N 246 
HIS N      N N N 247 
HIS CA     C N S 248 
HIS C      C N N 249 
HIS O      O N N 250 
HIS CB     C N N 251 
HIS CG     C Y N 252 
HIS ND1    N Y N 253 
HIS CD2    C Y N 254 
HIS CE1    C Y N 255 
HIS NE2    N Y N 256 
HIS OXT    O N N 257 
HIS H      H N N 258 
HIS H2     H N N 259 
HIS HA     H N N 260 
HIS HB2    H N N 261 
HIS HB3    H N N 262 
HIS HD1    H N N 263 
HIS HD2    H N N 264 
HIS HE1    H N N 265 
HIS HE2    H N N 266 
HIS HXT    H N N 267 
ILE N      N N N 268 
ILE CA     C N S 269 
ILE C      C N N 270 
ILE O      O N N 271 
ILE CB     C N S 272 
ILE CG1    C N N 273 
ILE CG2    C N N 274 
ILE CD1    C N N 275 
ILE OXT    O N N 276 
ILE H      H N N 277 
ILE H2     H N N 278 
ILE HA     H N N 279 
ILE HB     H N N 280 
ILE HG12   H N N 281 
ILE HG13   H N N 282 
ILE HG21   H N N 283 
ILE HG22   H N N 284 
ILE HG23   H N N 285 
ILE HD11   H N N 286 
ILE HD12   H N N 287 
ILE HD13   H N N 288 
ILE HXT    H N N 289 
LEU N      N N N 290 
LEU CA     C N S 291 
LEU C      C N N 292 
LEU O      O N N 293 
LEU CB     C N N 294 
LEU CG     C N N 295 
LEU CD1    C N N 296 
LEU CD2    C N N 297 
LEU OXT    O N N 298 
LEU H      H N N 299 
LEU H2     H N N 300 
LEU HA     H N N 301 
LEU HB2    H N N 302 
LEU HB3    H N N 303 
LEU HG     H N N 304 
LEU HD11   H N N 305 
LEU HD12   H N N 306 
LEU HD13   H N N 307 
LEU HD21   H N N 308 
LEU HD22   H N N 309 
LEU HD23   H N N 310 
LEU HXT    H N N 311 
LYS N      N N N 312 
LYS CA     C N S 313 
LYS C      C N N 314 
LYS O      O N N 315 
LYS CB     C N N 316 
LYS CG     C N N 317 
LYS CD     C N N 318 
LYS CE     C N N 319 
LYS NZ     N N N 320 
LYS OXT    O N N 321 
LYS H      H N N 322 
LYS H2     H N N 323 
LYS HA     H N N 324 
LYS HB2    H N N 325 
LYS HB3    H N N 326 
LYS HG2    H N N 327 
LYS HG3    H N N 328 
LYS HD2    H N N 329 
LYS HD3    H N N 330 
LYS HE2    H N N 331 
LYS HE3    H N N 332 
LYS HZ1    H N N 333 
LYS HZ2    H N N 334 
LYS HZ3    H N N 335 
LYS HXT    H N N 336 
MET N      N N N 337 
MET CA     C N S 338 
MET C      C N N 339 
MET O      O N N 340 
MET CB     C N N 341 
MET CG     C N N 342 
MET SD     S N N 343 
MET CE     C N N 344 
MET OXT    O N N 345 
MET H      H N N 346 
MET H2     H N N 347 
MET HA     H N N 348 
MET HB2    H N N 349 
MET HB3    H N N 350 
MET HG2    H N N 351 
MET HG3    H N N 352 
MET HE1    H N N 353 
MET HE2    H N N 354 
MET HE3    H N N 355 
MET HXT    H N N 356 
PHE N      N N N 357 
PHE CA     C N S 358 
PHE C      C N N 359 
PHE O      O N N 360 
PHE CB     C N N 361 
PHE CG     C Y N 362 
PHE CD1    C Y N 363 
PHE CD2    C Y N 364 
PHE CE1    C Y N 365 
PHE CE2    C Y N 366 
PHE CZ     C Y N 367 
PHE OXT    O N N 368 
PHE H      H N N 369 
PHE H2     H N N 370 
PHE HA     H N N 371 
PHE HB2    H N N 372 
PHE HB3    H N N 373 
PHE HD1    H N N 374 
PHE HD2    H N N 375 
PHE HE1    H N N 376 
PHE HE2    H N N 377 
PHE HZ     H N N 378 
PHE HXT    H N N 379 
PRO N      N N N 380 
PRO CA     C N S 381 
PRO C      C N N 382 
PRO O      O N N 383 
PRO CB     C N N 384 
PRO CG     C N N 385 
PRO CD     C N N 386 
PRO OXT    O N N 387 
PRO H      H N N 388 
PRO HA     H N N 389 
PRO HB2    H N N 390 
PRO HB3    H N N 391 
PRO HG2    H N N 392 
PRO HG3    H N N 393 
PRO HD2    H N N 394 
PRO HD3    H N N 395 
PRO HXT    H N N 396 
SER N      N N N 397 
SER CA     C N S 398 
SER C      C N N 399 
SER O      O N N 400 
SER CB     C N N 401 
SER OG     O N N 402 
SER OXT    O N N 403 
SER H      H N N 404 
SER H2     H N N 405 
SER HA     H N N 406 
SER HB2    H N N 407 
SER HB3    H N N 408 
SER HG     H N N 409 
SER HXT    H N N 410 
THR N      N N N 411 
THR CA     C N S 412 
THR C      C N N 413 
THR O      O N N 414 
THR CB     C N R 415 
THR OG1    O N N 416 
THR CG2    C N N 417 
THR OXT    O N N 418 
THR H      H N N 419 
THR H2     H N N 420 
THR HA     H N N 421 
THR HB     H N N 422 
THR HG1    H N N 423 
THR HG21   H N N 424 
THR HG22   H N N 425 
THR HG23   H N N 426 
THR HXT    H N N 427 
TRP N      N N N 428 
TRP CA     C N S 429 
TRP C      C N N 430 
TRP O      O N N 431 
TRP CB     C N N 432 
TRP CG     C Y N 433 
TRP CD1    C Y N 434 
TRP CD2    C Y N 435 
TRP NE1    N Y N 436 
TRP CE2    C Y N 437 
TRP CE3    C Y N 438 
TRP CZ2    C Y N 439 
TRP CZ3    C Y N 440 
TRP CH2    C Y N 441 
TRP OXT    O N N 442 
TRP H      H N N 443 
TRP H2     H N N 444 
TRP HA     H N N 445 
TRP HB2    H N N 446 
TRP HB3    H N N 447 
TRP HD1    H N N 448 
TRP HE1    H N N 449 
TRP HE3    H N N 450 
TRP HZ2    H N N 451 
TRP HZ3    H N N 452 
TRP HH2    H N N 453 
TRP HXT    H N N 454 
TYR N      N N N 455 
TYR CA     C N S 456 
TYR C      C N N 457 
TYR O      O N N 458 
TYR CB     C N N 459 
TYR CG     C Y N 460 
TYR CD1    C Y N 461 
TYR CD2    C Y N 462 
TYR CE1    C Y N 463 
TYR CE2    C Y N 464 
TYR CZ     C Y N 465 
TYR OH     O N N 466 
TYR OXT    O N N 467 
TYR H      H N N 468 
TYR H2     H N N 469 
TYR HA     H N N 470 
TYR HB2    H N N 471 
TYR HB3    H N N 472 
TYR HD1    H N N 473 
TYR HD2    H N N 474 
TYR HE1    H N N 475 
TYR HE2    H N N 476 
TYR HH     H N N 477 
TYR HXT    H N N 478 
U   OP3    O N N 479 
U   P      P N N 480 
U   OP1    O N N 481 
U   OP2    O N N 482 
U   "O5'"  O N N 483 
U   "C5'"  C N N 484 
U   "C4'"  C N R 485 
U   "O4'"  O N N 486 
U   "C3'"  C N S 487 
U   "O3'"  O N N 488 
U   "C2'"  C N R 489 
U   "O2'"  O N N 490 
U   "C1'"  C N R 491 
U   N1     N N N 492 
U   C2     C N N 493 
U   O2     O N N 494 
U   N3     N N N 495 
U   C4     C N N 496 
U   O4     O N N 497 
U   C5     C N N 498 
U   C6     C N N 499 
U   HOP3   H N N 500 
U   HOP2   H N N 501 
U   "H5'"  H N N 502 
U   "H5''" H N N 503 
U   "H4'"  H N N 504 
U   "H3'"  H N N 505 
U   "HO3'" H N N 506 
U   "H2'"  H N N 507 
U   "HO2'" H N N 508 
U   "H1'"  H N N 509 
U   H3     H N N 510 
U   H5     H N N 511 
U   H6     H N N 512 
VAL N      N N N 513 
VAL CA     C N S 514 
VAL C      C N N 515 
VAL O      O N N 516 
VAL CB     C N N 517 
VAL CG1    C N N 518 
VAL CG2    C N N 519 
VAL OXT    O N N 520 
VAL H      H N N 521 
VAL H2     H N N 522 
VAL HA     H N N 523 
VAL HB     H N N 524 
VAL HG11   H N N 525 
VAL HG12   H N N 526 
VAL HG13   H N N 527 
VAL HG21   H N N 528 
VAL HG22   H N N 529 
VAL HG23   H N N 530 
VAL HXT    H N N 531 
# 
loop_
_chem_comp_bond.comp_id 
_chem_comp_bond.atom_id_1 
_chem_comp_bond.atom_id_2 
_chem_comp_bond.value_order 
_chem_comp_bond.pdbx_aromatic_flag 
_chem_comp_bond.pdbx_stereo_config 
_chem_comp_bond.pdbx_ordinal 
A   OP3   P      sing N N 1   
A   OP3   HOP3   sing N N 2   
A   P     OP1    doub N N 3   
A   P     OP2    sing N N 4   
A   P     "O5'"  sing N N 5   
A   OP2   HOP2   sing N N 6   
A   "O5'" "C5'"  sing N N 7   
A   "C5'" "C4'"  sing N N 8   
A   "C5'" "H5'"  sing N N 9   
A   "C5'" "H5''" sing N N 10  
A   "C4'" "O4'"  sing N N 11  
A   "C4'" "C3'"  sing N N 12  
A   "C4'" "H4'"  sing N N 13  
A   "O4'" "C1'"  sing N N 14  
A   "C3'" "O3'"  sing N N 15  
A   "C3'" "C2'"  sing N N 16  
A   "C3'" "H3'"  sing N N 17  
A   "O3'" "HO3'" sing N N 18  
A   "C2'" "O2'"  sing N N 19  
A   "C2'" "C1'"  sing N N 20  
A   "C2'" "H2'"  sing N N 21  
A   "O2'" "HO2'" sing N N 22  
A   "C1'" N9     sing N N 23  
A   "C1'" "H1'"  sing N N 24  
A   N9    C8     sing Y N 25  
A   N9    C4     sing Y N 26  
A   C8    N7     doub Y N 27  
A   C8    H8     sing N N 28  
A   N7    C5     sing Y N 29  
A   C5    C6     sing Y N 30  
A   C5    C4     doub Y N 31  
A   C6    N6     sing N N 32  
A   C6    N1     doub Y N 33  
A   N6    H61    sing N N 34  
A   N6    H62    sing N N 35  
A   N1    C2     sing Y N 36  
A   C2    N3     doub Y N 37  
A   C2    H2     sing N N 38  
A   N3    C4     sing Y N 39  
ALA N     CA     sing N N 40  
ALA N     H      sing N N 41  
ALA N     H2     sing N N 42  
ALA CA    C      sing N N 43  
ALA CA    CB     sing N N 44  
ALA CA    HA     sing N N 45  
ALA C     O      doub N N 46  
ALA C     OXT    sing N N 47  
ALA CB    HB1    sing N N 48  
ALA CB    HB2    sing N N 49  
ALA CB    HB3    sing N N 50  
ALA OXT   HXT    sing N N 51  
ARG N     CA     sing N N 52  
ARG N     H      sing N N 53  
ARG N     H2     sing N N 54  
ARG CA    C      sing N N 55  
ARG CA    CB     sing N N 56  
ARG CA    HA     sing N N 57  
ARG C     O      doub N N 58  
ARG C     OXT    sing N N 59  
ARG CB    CG     sing N N 60  
ARG CB    HB2    sing N N 61  
ARG CB    HB3    sing N N 62  
ARG CG    CD     sing N N 63  
ARG CG    HG2    sing N N 64  
ARG CG    HG3    sing N N 65  
ARG CD    NE     sing N N 66  
ARG CD    HD2    sing N N 67  
ARG CD    HD3    sing N N 68  
ARG NE    CZ     sing N N 69  
ARG NE    HE     sing N N 70  
ARG CZ    NH1    sing N N 71  
ARG CZ    NH2    doub N N 72  
ARG NH1   HH11   sing N N 73  
ARG NH1   HH12   sing N N 74  
ARG NH2   HH21   sing N N 75  
ARG NH2   HH22   sing N N 76  
ARG OXT   HXT    sing N N 77  
ASN N     CA     sing N N 78  
ASN N     H      sing N N 79  
ASN N     H2     sing N N 80  
ASN CA    C      sing N N 81  
ASN CA    CB     sing N N 82  
ASN CA    HA     sing N N 83  
ASN C     O      doub N N 84  
ASN C     OXT    sing N N 85  
ASN CB    CG     sing N N 86  
ASN CB    HB2    sing N N 87  
ASN CB    HB3    sing N N 88  
ASN CG    OD1    doub N N 89  
ASN CG    ND2    sing N N 90  
ASN ND2   HD21   sing N N 91  
ASN ND2   HD22   sing N N 92  
ASN OXT   HXT    sing N N 93  
ASP N     CA     sing N N 94  
ASP N     H      sing N N 95  
ASP N     H2     sing N N 96  
ASP CA    C      sing N N 97  
ASP CA    CB     sing N N 98  
ASP CA    HA     sing N N 99  
ASP C     O      doub N N 100 
ASP C     OXT    sing N N 101 
ASP CB    CG     sing N N 102 
ASP CB    HB2    sing N N 103 
ASP CB    HB3    sing N N 104 
ASP CG    OD1    doub N N 105 
ASP CG    OD2    sing N N 106 
ASP OD2   HD2    sing N N 107 
ASP OXT   HXT    sing N N 108 
C   OP3   P      sing N N 109 
C   OP3   HOP3   sing N N 110 
C   P     OP1    doub N N 111 
C   P     OP2    sing N N 112 
C   P     "O5'"  sing N N 113 
C   OP2   HOP2   sing N N 114 
C   "O5'" "C5'"  sing N N 115 
C   "C5'" "C4'"  sing N N 116 
C   "C5'" "H5'"  sing N N 117 
C   "C5'" "H5''" sing N N 118 
C   "C4'" "O4'"  sing N N 119 
C   "C4'" "C3'"  sing N N 120 
C   "C4'" "H4'"  sing N N 121 
C   "O4'" "C1'"  sing N N 122 
C   "C3'" "O3'"  sing N N 123 
C   "C3'" "C2'"  sing N N 124 
C   "C3'" "H3'"  sing N N 125 
C   "O3'" "HO3'" sing N N 126 
C   "C2'" "O2'"  sing N N 127 
C   "C2'" "C1'"  sing N N 128 
C   "C2'" "H2'"  sing N N 129 
C   "O2'" "HO2'" sing N N 130 
C   "C1'" N1     sing N N 131 
C   "C1'" "H1'"  sing N N 132 
C   N1    C2     sing N N 133 
C   N1    C6     sing N N 134 
C   C2    O2     doub N N 135 
C   C2    N3     sing N N 136 
C   N3    C4     doub N N 137 
C   C4    N4     sing N N 138 
C   C4    C5     sing N N 139 
C   N4    H41    sing N N 140 
C   N4    H42    sing N N 141 
C   C5    C6     doub N N 142 
C   C5    H5     sing N N 143 
C   C6    H6     sing N N 144 
CYS N     CA     sing N N 145 
CYS N     H      sing N N 146 
CYS N     H2     sing N N 147 
CYS CA    C      sing N N 148 
CYS CA    CB     sing N N 149 
CYS CA    HA     sing N N 150 
CYS C     O      doub N N 151 
CYS C     OXT    sing N N 152 
CYS CB    SG     sing N N 153 
CYS CB    HB2    sing N N 154 
CYS CB    HB3    sing N N 155 
CYS SG    HG     sing N N 156 
CYS OXT   HXT    sing N N 157 
G   OP3   P      sing N N 158 
G   OP3   HOP3   sing N N 159 
G   P     OP1    doub N N 160 
G   P     OP2    sing N N 161 
G   P     "O5'"  sing N N 162 
G   OP2   HOP2   sing N N 163 
G   "O5'" "C5'"  sing N N 164 
G   "C5'" "C4'"  sing N N 165 
G   "C5'" "H5'"  sing N N 166 
G   "C5'" "H5''" sing N N 167 
G   "C4'" "O4'"  sing N N 168 
G   "C4'" "C3'"  sing N N 169 
G   "C4'" "H4'"  sing N N 170 
G   "O4'" "C1'"  sing N N 171 
G   "C3'" "O3'"  sing N N 172 
G   "C3'" "C2'"  sing N N 173 
G   "C3'" "H3'"  sing N N 174 
G   "O3'" "HO3'" sing N N 175 
G   "C2'" "O2'"  sing N N 176 
G   "C2'" "C1'"  sing N N 177 
G   "C2'" "H2'"  sing N N 178 
G   "O2'" "HO2'" sing N N 179 
G   "C1'" N9     sing N N 180 
G   "C1'" "H1'"  sing N N 181 
G   N9    C8     sing Y N 182 
G   N9    C4     sing Y N 183 
G   C8    N7     doub Y N 184 
G   C8    H8     sing N N 185 
G   N7    C5     sing Y N 186 
G   C5    C6     sing N N 187 
G   C5    C4     doub Y N 188 
G   C6    O6     doub N N 189 
G   C6    N1     sing N N 190 
G   N1    C2     sing N N 191 
G   N1    H1     sing N N 192 
G   C2    N2     sing N N 193 
G   C2    N3     doub N N 194 
G   N2    H21    sing N N 195 
G   N2    H22    sing N N 196 
G   N3    C4     sing N N 197 
GLN N     CA     sing N N 198 
GLN N     H      sing N N 199 
GLN N     H2     sing N N 200 
GLN CA    C      sing N N 201 
GLN CA    CB     sing N N 202 
GLN CA    HA     sing N N 203 
GLN C     O      doub N N 204 
GLN C     OXT    sing N N 205 
GLN CB    CG     sing N N 206 
GLN CB    HB2    sing N N 207 
GLN CB    HB3    sing N N 208 
GLN CG    CD     sing N N 209 
GLN CG    HG2    sing N N 210 
GLN CG    HG3    sing N N 211 
GLN CD    OE1    doub N N 212 
GLN CD    NE2    sing N N 213 
GLN NE2   HE21   sing N N 214 
GLN NE2   HE22   sing N N 215 
GLN OXT   HXT    sing N N 216 
GLU N     CA     sing N N 217 
GLU N     H      sing N N 218 
GLU N     H2     sing N N 219 
GLU CA    C      sing N N 220 
GLU CA    CB     sing N N 221 
GLU CA    HA     sing N N 222 
GLU C     O      doub N N 223 
GLU C     OXT    sing N N 224 
GLU CB    CG     sing N N 225 
GLU CB    HB2    sing N N 226 
GLU CB    HB3    sing N N 227 
GLU CG    CD     sing N N 228 
GLU CG    HG2    sing N N 229 
GLU CG    HG3    sing N N 230 
GLU CD    OE1    doub N N 231 
GLU CD    OE2    sing N N 232 
GLU OE2   HE2    sing N N 233 
GLU OXT   HXT    sing N N 234 
GLY N     CA     sing N N 235 
GLY N     H      sing N N 236 
GLY N     H2     sing N N 237 
GLY CA    C      sing N N 238 
GLY CA    HA2    sing N N 239 
GLY CA    HA3    sing N N 240 
GLY C     O      doub N N 241 
GLY C     OXT    sing N N 242 
GLY OXT   HXT    sing N N 243 
HIS N     CA     sing N N 244 
HIS N     H      sing N N 245 
HIS N     H2     sing N N 246 
HIS CA    C      sing N N 247 
HIS CA    CB     sing N N 248 
HIS CA    HA     sing N N 249 
HIS C     O      doub N N 250 
HIS C     OXT    sing N N 251 
HIS CB    CG     sing N N 252 
HIS CB    HB2    sing N N 253 
HIS CB    HB3    sing N N 254 
HIS CG    ND1    sing Y N 255 
HIS CG    CD2    doub Y N 256 
HIS ND1   CE1    doub Y N 257 
HIS ND1   HD1    sing N N 258 
HIS CD2   NE2    sing Y N 259 
HIS CD2   HD2    sing N N 260 
HIS CE1   NE2    sing Y N 261 
HIS CE1   HE1    sing N N 262 
HIS NE2   HE2    sing N N 263 
HIS OXT   HXT    sing N N 264 
ILE N     CA     sing N N 265 
ILE N     H      sing N N 266 
ILE N     H2     sing N N 267 
ILE CA    C      sing N N 268 
ILE CA    CB     sing N N 269 
ILE CA    HA     sing N N 270 
ILE C     O      doub N N 271 
ILE C     OXT    sing N N 272 
ILE CB    CG1    sing N N 273 
ILE CB    CG2    sing N N 274 
ILE CB    HB     sing N N 275 
ILE CG1   CD1    sing N N 276 
ILE CG1   HG12   sing N N 277 
ILE CG1   HG13   sing N N 278 
ILE CG2   HG21   sing N N 279 
ILE CG2   HG22   sing N N 280 
ILE CG2   HG23   sing N N 281 
ILE CD1   HD11   sing N N 282 
ILE CD1   HD12   sing N N 283 
ILE CD1   HD13   sing N N 284 
ILE OXT   HXT    sing N N 285 
LEU N     CA     sing N N 286 
LEU N     H      sing N N 287 
LEU N     H2     sing N N 288 
LEU CA    C      sing N N 289 
LEU CA    CB     sing N N 290 
LEU CA    HA     sing N N 291 
LEU C     O      doub N N 292 
LEU C     OXT    sing N N 293 
LEU CB    CG     sing N N 294 
LEU CB    HB2    sing N N 295 
LEU CB    HB3    sing N N 296 
LEU CG    CD1    sing N N 297 
LEU CG    CD2    sing N N 298 
LEU CG    HG     sing N N 299 
LEU CD1   HD11   sing N N 300 
LEU CD1   HD12   sing N N 301 
LEU CD1   HD13   sing N N 302 
LEU CD2   HD21   sing N N 303 
LEU CD2   HD22   sing N N 304 
LEU CD2   HD23   sing N N 305 
LEU OXT   HXT    sing N N 306 
LYS N     CA     sing N N 307 
LYS N     H      sing N N 308 
LYS N     H2     sing N N 309 
LYS CA    C      sing N N 310 
LYS CA    CB     sing N N 311 
LYS CA    HA     sing N N 312 
LYS C     O      doub N N 313 
LYS C     OXT    sing N N 314 
LYS CB    CG     sing N N 315 
LYS CB    HB2    sing N N 316 
LYS CB    HB3    sing N N 317 
LYS CG    CD     sing N N 318 
LYS CG    HG2    sing N N 319 
LYS CG    HG3    sing N N 320 
LYS CD    CE     sing N N 321 
LYS CD    HD2    sing N N 322 
LYS CD    HD3    sing N N 323 
LYS CE    NZ     sing N N 324 
LYS CE    HE2    sing N N 325 
LYS CE    HE3    sing N N 326 
LYS NZ    HZ1    sing N N 327 
LYS NZ    HZ2    sing N N 328 
LYS NZ    HZ3    sing N N 329 
LYS OXT   HXT    sing N N 330 
MET N     CA     sing N N 331 
MET N     H      sing N N 332 
MET N     H2     sing N N 333 
MET CA    C      sing N N 334 
MET CA    CB     sing N N 335 
MET CA    HA     sing N N 336 
MET C     O      doub N N 337 
MET C     OXT    sing N N 338 
MET CB    CG     sing N N 339 
MET CB    HB2    sing N N 340 
MET CB    HB3    sing N N 341 
MET CG    SD     sing N N 342 
MET CG    HG2    sing N N 343 
MET CG    HG3    sing N N 344 
MET SD    CE     sing N N 345 
MET CE    HE1    sing N N 346 
MET CE    HE2    sing N N 347 
MET CE    HE3    sing N N 348 
MET OXT   HXT    sing N N 349 
PHE N     CA     sing N N 350 
PHE N     H      sing N N 351 
PHE N     H2     sing N N 352 
PHE CA    C      sing N N 353 
PHE CA    CB     sing N N 354 
PHE CA    HA     sing N N 355 
PHE C     O      doub N N 356 
PHE C     OXT    sing N N 357 
PHE CB    CG     sing N N 358 
PHE CB    HB2    sing N N 359 
PHE CB    HB3    sing N N 360 
PHE CG    CD1    doub Y N 361 
PHE CG    CD2    sing Y N 362 
PHE CD1   CE1    sing Y N 363 
PHE CD1   HD1    sing N N 364 
PHE CD2   CE2    doub Y N 365 
PHE CD2   HD2    sing N N 366 
PHE CE1   CZ     doub Y N 367 
PHE CE1   HE1    sing N N 368 
PHE CE2   CZ     sing Y N 369 
PHE CE2   HE2    sing N N 370 
PHE CZ    HZ     sing N N 371 
PHE OXT   HXT    sing N N 372 
PRO N     CA     sing N N 373 
PRO N     CD     sing N N 374 
PRO N     H      sing N N 375 
PRO CA    C      sing N N 376 
PRO CA    CB     sing N N 377 
PRO CA    HA     sing N N 378 
PRO C     O      doub N N 379 
PRO C     OXT    sing N N 380 
PRO CB    CG     sing N N 381 
PRO CB    HB2    sing N N 382 
PRO CB    HB3    sing N N 383 
PRO CG    CD     sing N N 384 
PRO CG    HG2    sing N N 385 
PRO CG    HG3    sing N N 386 
PRO CD    HD2    sing N N 387 
PRO CD    HD3    sing N N 388 
PRO OXT   HXT    sing N N 389 
SER N     CA     sing N N 390 
SER N     H      sing N N 391 
SER N     H2     sing N N 392 
SER CA    C      sing N N 393 
SER CA    CB     sing N N 394 
SER CA    HA     sing N N 395 
SER C     O      doub N N 396 
SER C     OXT    sing N N 397 
SER CB    OG     sing N N 398 
SER CB    HB2    sing N N 399 
SER CB    HB3    sing N N 400 
SER OG    HG     sing N N 401 
SER OXT   HXT    sing N N 402 
THR N     CA     sing N N 403 
THR N     H      sing N N 404 
THR N     H2     sing N N 405 
THR CA    C      sing N N 406 
THR CA    CB     sing N N 407 
THR CA    HA     sing N N 408 
THR C     O      doub N N 409 
THR C     OXT    sing N N 410 
THR CB    OG1    sing N N 411 
THR CB    CG2    sing N N 412 
THR CB    HB     sing N N 413 
THR OG1   HG1    sing N N 414 
THR CG2   HG21   sing N N 415 
THR CG2   HG22   sing N N 416 
THR CG2   HG23   sing N N 417 
THR OXT   HXT    sing N N 418 
TRP N     CA     sing N N 419 
TRP N     H      sing N N 420 
TRP N     H2     sing N N 421 
TRP CA    C      sing N N 422 
TRP CA    CB     sing N N 423 
TRP CA    HA     sing N N 424 
TRP C     O      doub N N 425 
TRP C     OXT    sing N N 426 
TRP CB    CG     sing N N 427 
TRP CB    HB2    sing N N 428 
TRP CB    HB3    sing N N 429 
TRP CG    CD1    doub Y N 430 
TRP CG    CD2    sing Y N 431 
TRP CD1   NE1    sing Y N 432 
TRP CD1   HD1    sing N N 433 
TRP CD2   CE2    doub Y N 434 
TRP CD2   CE3    sing Y N 435 
TRP NE1   CE2    sing Y N 436 
TRP NE1   HE1    sing N N 437 
TRP CE2   CZ2    sing Y N 438 
TRP CE3   CZ3    doub Y N 439 
TRP CE3   HE3    sing N N 440 
TRP CZ2   CH2    doub Y N 441 
TRP CZ2   HZ2    sing N N 442 
TRP CZ3   CH2    sing Y N 443 
TRP CZ3   HZ3    sing N N 444 
TRP CH2   HH2    sing N N 445 
TRP OXT   HXT    sing N N 446 
TYR N     CA     sing N N 447 
TYR N     H      sing N N 448 
TYR N     H2     sing N N 449 
TYR CA    C      sing N N 450 
TYR CA    CB     sing N N 451 
TYR CA    HA     sing N N 452 
TYR C     O      doub N N 453 
TYR C     OXT    sing N N 454 
TYR CB    CG     sing N N 455 
TYR CB    HB2    sing N N 456 
TYR CB    HB3    sing N N 457 
TYR CG    CD1    doub Y N 458 
TYR CG    CD2    sing Y N 459 
TYR CD1   CE1    sing Y N 460 
TYR CD1   HD1    sing N N 461 
TYR CD2   CE2    doub Y N 462 
TYR CD2   HD2    sing N N 463 
TYR CE1   CZ     doub Y N 464 
TYR CE1   HE1    sing N N 465 
TYR CE2   CZ     sing Y N 466 
TYR CE2   HE2    sing N N 467 
TYR CZ    OH     sing N N 468 
TYR OH    HH     sing N N 469 
TYR OXT   HXT    sing N N 470 
U   OP3   P      sing N N 471 
U   OP3   HOP3   sing N N 472 
U   P     OP1    doub N N 473 
U   P     OP2    sing N N 474 
U   P     "O5'"  sing N N 475 
U   OP2   HOP2   sing N N 476 
U   "O5'" "C5'"  sing N N 477 
U   "C5'" "C4'"  sing N N 478 
U   "C5'" "H5'"  sing N N 479 
U   "C5'" "H5''" sing N N 480 
U   "C4'" "O4'"  sing N N 481 
U   "C4'" "C3'"  sing N N 482 
U   "C4'" "H4'"  sing N N 483 
U   "O4'" "C1'"  sing N N 484 
U   "C3'" "O3'"  sing N N 485 
U   "C3'" "C2'"  sing N N 486 
U   "C3'" "H3'"  sing N N 487 
U   "O3'" "HO3'" sing N N 488 
U   "C2'" "O2'"  sing N N 489 
U   "C2'" "C1'"  sing N N 490 
U   "C2'" "H2'"  sing N N 491 
U   "O2'" "HO2'" sing N N 492 
U   "C1'" N1     sing N N 493 
U   "C1'" "H1'"  sing N N 494 
U   N1    C2     sing N N 495 
U   N1    C6     sing N N 496 
U   C2    O2     doub N N 497 
U   C2    N3     sing N N 498 
U   N3    C4     sing N N 499 
U   N3    H3     sing N N 500 
U   C4    O4     doub N N 501 
U   C4    C5     sing N N 502 
U   C5    C6     doub N N 503 
U   C5    H5     sing N N 504 
U   C6    H6     sing N N 505 
VAL N     CA     sing N N 506 
VAL N     H      sing N N 507 
VAL N     H2     sing N N 508 
VAL CA    C      sing N N 509 
VAL CA    CB     sing N N 510 
VAL CA    HA     sing N N 511 
VAL C     O      doub N N 512 
VAL C     OXT    sing N N 513 
VAL CB    CG1    sing N N 514 
VAL CB    CG2    sing N N 515 
VAL CB    HB     sing N N 516 
VAL CG1   HG11   sing N N 517 
VAL CG1   HG12   sing N N 518 
VAL CG1   HG13   sing N N 519 
VAL CG2   HG21   sing N N 520 
VAL CG2   HG22   sing N N 521 
VAL CG2   HG23   sing N N 522 
VAL OXT   HXT    sing N N 523 
# 
_em_image_processing.id                   1 
_em_image_processing.image_recording_id   1 
_em_image_processing.details              ? 
# 
_em_image_recording.details                       ? 
_em_image_recording.id                            1 
_em_image_recording.avg_electron_dose_per_image   15 
_em_image_recording.film_or_detector_model        'GENERIC CCD' 
_em_image_recording.imaging_id                    1 
_em_image_recording.detector_mode                 ? 
_em_image_recording.average_exposure_time         ? 
_em_image_recording.num_diffraction_images        ? 
_em_image_recording.num_grids_imaged              ? 
_em_image_recording.num_real_images               ? 
# 
loop_
_em_software.id 
_em_software.name 
_em_software.version 
_em_software.category 
_em_software.details 
_em_software.image_processing_id 
1 RSRef  ? 'MODEL FITTING' TNT ? 
2 SPIDER ? RECONSTRUCTION  ?   1 
# 
_em_specimen.experiment_id           1 
_em_specimen.id                      1 
_em_specimen.concentration           ? 
_em_specimen.vitrification_applied   YES 
_em_specimen.staining_applied        NO 
_em_specimen.embedding_applied       NO 
_em_specimen.shadowing_applied       NO 
_em_specimen.details                 ? 
# 
loop_
_pdbx_coordinate_model.asym_id 
_pdbx_coordinate_model.type 
A 'CA ATOMS ONLY' 
B 'CA ATOMS ONLY' 
C 'CA ATOMS ONLY' 
D 'P ATOMS ONLY'  
E 'P ATOMS ONLY'  
F 'P ATOMS ONLY'  
G 'P ATOMS ONLY'  
H 'P ATOMS ONLY'  
I 'P ATOMS ONLY'  
# 
loop_
_pdbx_initial_refinement_model.id 
_pdbx_initial_refinement_model.type 
_pdbx_initial_refinement_model.source_name 
_pdbx_initial_refinement_model.accession_code 
1 'experimental model' PDB 2AVY 
2 'experimental model' PDB 2AW4 
3 'experimental model' PDB 1QZA 
4 'experimental model' PDB 1OB2 
# 
_atom_sites.entry_id                    3EQ4 
_atom_sites.fract_transf_matrix[1][1]   1.000000 
_atom_sites.fract_transf_matrix[1][2]   0.000000 
_atom_sites.fract_transf_matrix[1][3]   0.000000 
_atom_sites.fract_transf_matrix[2][1]   0.000000 
_atom_sites.fract_transf_matrix[2][2]   1.000000 
_atom_sites.fract_transf_matrix[2][3]   0.000000 
_atom_sites.fract_transf_matrix[3][1]   0.000000 
_atom_sites.fract_transf_matrix[3][2]   0.000000 
_atom_sites.fract_transf_matrix[3][3]   1.000000 
_atom_sites.fract_transf_vector[1]      0.00000 
_atom_sites.fract_transf_vector[2]      0.00000 
_atom_sites.fract_transf_vector[3]      0.00000 
# 
loop_
_atom_type.symbol 
C 
P 
# 
loop_
_atom_site.group_PDB 
_atom_site.id 
_atom_site.type_symbol 
_atom_site.label_atom_id 
_atom_site.label_alt_id 
_atom_site.label_comp_id 
_atom_site.label_asym_id 
_atom_site.label_entity_id 
_atom_site.label_seq_id 
_atom_site.pdbx_PDB_ins_code 
_atom_site.Cartn_x 
_atom_site.Cartn_y 
_atom_site.Cartn_z 
_atom_site.occupancy 
_atom_site.B_iso_or_equiv 
_atom_site.pdbx_formal_charge 
_atom_site.auth_seq_id 
_atom_site.auth_comp_id 
_atom_site.auth_asym_id 
_atom_site.auth_atom_id 
_atom_site.pdbx_PDB_model_num 
ATOM 1   C CA . SER A 1 1   ? 3.858   -19.324 33.124  1.00 15.00 ? 1    SER X CA 1 
ATOM 2   C CA . LYS A 1 2   ? 4.833   -19.107 36.793  1.00 15.00 ? 2    LYS X CA 1 
ATOM 3   C CA . GLU A 1 3   ? 7.163   -16.138 37.053  1.00 15.00 ? 3    GLU X CA 1 
ATOM 4   C CA . LYS A 1 4   ? 5.231   -13.020 37.977  1.00 15.00 ? 4    LYS X CA 1 
ATOM 5   C CA . PHE A 1 5   ? 6.289   -9.806  36.325  1.00 15.00 ? 5    PHE X CA 1 
ATOM 6   C CA . GLU A 1 6   ? 5.822   -7.144  38.967  1.00 15.00 ? 6    GLU X CA 1 
ATOM 7   C CA . ARG A 1 7   ? 5.161   -3.598  37.895  1.00 15.00 ? 7    ARG X CA 1 
ATOM 8   C CA . THR A 1 8   ? 7.817   -0.843  38.292  1.00 15.00 ? 8    THR X CA 1 
ATOM 9   C CA . LYS A 1 9   ? 8.588   2.186   36.093  1.00 15.00 ? 9    LYS X CA 1 
ATOM 10  C CA . PRO A 1 10  ? 6.382   3.253   33.189  1.00 15.00 ? 10   PRO X CA 1 
ATOM 11  C CA . HIS A 1 11  ? 6.271   0.787   30.298  1.00 15.00 ? 11   HIS X CA 1 
ATOM 12  C CA . VAL A 1 12  ? 7.540   2.185   27.075  1.00 15.00 ? 12   VAL X CA 1 
ATOM 13  C CA . ASN A 1 13  ? 7.613   -0.070  24.016  1.00 15.00 ? 13   ASN X CA 1 
ATOM 14  C CA . VAL A 1 14  ? 10.014  0.803   21.239  1.00 15.00 ? 14   VAL X CA 1 
ATOM 15  C CA . GLY A 1 15  ? 11.886  -0.721  18.298  1.00 15.00 ? 15   GLY X CA 1 
ATOM 16  C CA . THR A 1 16  ? 14.295  -0.706  15.362  1.00 15.00 ? 16   THR X CA 1 
ATOM 17  C CA . ILE A 1 17  ? 13.670  0.431   11.772  1.00 15.00 ? 17   ILE X CA 1 
ATOM 18  C CA . GLY A 1 18  ? 15.960  1.537   8.987   1.00 15.00 ? 18   GLY X CA 1 
ATOM 19  C CA . HIS A 1 19  ? 17.527  0.388   5.756   1.00 15.00 ? 19   HIS X CA 1 
ATOM 20  C CA . VAL A 1 20  ? 18.527  -3.217  5.229   1.00 15.00 ? 20   VAL X CA 1 
ATOM 21  C CA . ASP A 1 21  ? 21.747  -5.030  6.047   1.00 15.00 ? 21   ASP X CA 1 
ATOM 22  C CA . HIS A 1 22  ? 22.982  -2.396  8.446   1.00 15.00 ? 22   HIS X CA 1 
ATOM 23  C CA . GLY A 1 23  ? 22.345  -2.722  12.169  1.00 15.00 ? 23   GLY X CA 1 
ATOM 24  C CA . LYS A 1 24  ? 18.736  -3.188  13.271  1.00 15.00 ? 24   LYS X CA 1 
ATOM 25  C CA . THR A 1 25  ? 18.567  -6.877  14.099  1.00 15.00 ? 25   THR X CA 1 
ATOM 26  C CA . THR A 1 26  ? 22.028  -7.107  15.634  1.00 15.00 ? 26   THR X CA 1 
ATOM 27  C CA . LEU A 1 27  ? 21.776  -3.857  17.550  1.00 15.00 ? 27   LEU X CA 1 
ATOM 28  C CA . THR A 1 28  ? 18.702  -5.379  19.197  1.00 15.00 ? 28   THR X CA 1 
ATOM 29  C CA . ALA A 1 29  ? 20.618  -8.369  20.550  1.00 15.00 ? 29   ALA X CA 1 
ATOM 30  C CA . ALA A 1 30  ? 23.359  -5.988  21.664  1.00 15.00 ? 30   ALA X CA 1 
ATOM 31  C CA . ILE A 1 31  ? 21.042  -3.791  23.763  1.00 15.00 ? 31   ILE X CA 1 
ATOM 32  C CA . THR A 1 32  ? 19.585  -6.943  25.308  1.00 15.00 ? 32   THR X CA 1 
ATOM 33  C CA . THR A 1 33  ? 22.995  -8.483  26.107  1.00 15.00 ? 33   THR X CA 1 
ATOM 34  C CA . VAL A 1 34  ? 24.707  -5.257  27.076  1.00 15.00 ? 34   VAL X CA 1 
ATOM 35  C CA . LEU A 1 35  ? 21.980  -4.240  29.474  1.00 15.00 ? 35   LEU X CA 1 
ATOM 36  C CA . ALA A 1 36  ? 21.833  -7.809  30.798  1.00 15.00 ? 36   ALA X CA 1 
ATOM 37  C CA . LYS A 1 37  ? 24.734  -6.637  32.926  1.00 15.00 ? 37   LYS X CA 1 
ATOM 38  C CA . THR A 1 38  ? 25.036  -2.872  32.997  1.00 15.00 ? 38   THR X CA 1 
ATOM 39  C CA . TYR A 1 39  ? 21.546  -3.140  34.653  1.00 15.00 ? 39   TYR X CA 1 
ATOM 40  C CA . GLY A 1 40  ? 21.323  -6.942  34.981  1.00 15.00 ? 40   GLY X CA 1 
ATOM 41  C CA . GLY A 1 41  ? 18.344  -8.072  32.902  1.00 15.00 ? 41   GLY X CA 1 
ATOM 42  C CA . ALA A 1 42  ? 18.432  -11.274 30.806  1.00 15.00 ? 42   ALA X CA 1 
ATOM 43  C CA . ALA A 1 43  ? 19.758  -11.216 27.229  1.00 15.00 ? 43   ALA X CA 1 
ATOM 44  C CA . ARG A 1 44  ? 19.408  -13.120 23.950  1.00 15.00 ? 44   ARG X CA 1 
ATOM 45  C CA . ALA A 1 45  ? 21.386  -13.433 20.706  1.00 15.00 ? 45   ALA X CA 1 
ATOM 46  C CA . PHE A 1 46  ? 21.031  -13.075 16.958  1.00 15.00 ? 46   PHE X CA 1 
ATOM 47  C CA . ASP A 1 47  ? 20.405  -16.802 16.608  1.00 15.00 ? 47   ASP X CA 1 
ATOM 48  C CA . GLN A 1 48  ? 17.466  -16.112 18.918  1.00 15.00 ? 48   GLN X CA 1 
ATOM 49  C CA . ILE A 1 49  ? 16.125  -12.901 17.386  1.00 15.00 ? 49   ILE X CA 1 
ATOM 50  C CA . ASP A 1 50  ? 16.123  -14.021 13.746  1.00 15.00 ? 50   ASP X CA 1 
ATOM 51  C CA . ASN A 1 51  ? 15.075  -17.493 14.990  1.00 15.00 ? 51   ASN X CA 1 
ATOM 52  C CA . ALA A 1 52  ? 13.214  -18.272 11.774  1.00 15.00 ? 52   ALA X CA 1 
ATOM 53  C CA . PRO A 1 53  ? 15.090  -20.609 9.416   1.00 15.00 ? 53   PRO X CA 1 
ATOM 54  C CA . GLU A 1 54  ? 14.385  -18.623 6.270   1.00 15.00 ? 54   GLU X CA 1 
ATOM 55  C CA . GLU A 1 55  ? 15.904  -15.650 8.081   1.00 15.00 ? 55   GLU X CA 1 
ATOM 56  C CA . LYS A 1 56  ? 18.907  -17.804 8.879   1.00 15.00 ? 56   LYS X CA 1 
ATOM 57  C CA . ALA A 1 57  ? 19.542  -19.066 5.369   1.00 15.00 ? 57   ALA X CA 1 
ATOM 58  C CA . ARG A 1 58  ? 18.579  -15.814 3.669   1.00 15.00 ? 58   ARG X CA 1 
ATOM 59  C CA . GLY A 1 59  ? 20.196  -13.754 6.416   1.00 15.00 ? 59   GLY X CA 1 
ATOM 60  C CA . ILE A 1 60  ? 17.652  -10.977 6.350   1.00 15.00 ? 60   ILE X CA 1 
ATOM 61  C CA . THR A 1 61  ? 14.826  -10.801 8.938   1.00 15.00 ? 61   THR X CA 1 
ATOM 62  C CA . ILE A 1 62  ? 11.338  -11.310 7.526   1.00 15.00 ? 62   ILE X CA 1 
ATOM 63  C CA . ASN A 1 63  ? 8.889   -10.910 10.404  1.00 15.00 ? 63   ASN X CA 1 
ATOM 64  C CA . THR A 1 64  ? 9.205   -8.585  13.352  1.00 15.00 ? 64   THR X CA 1 
ATOM 65  C CA . SER A 1 65  ? 10.067  -10.284 16.634  1.00 15.00 ? 65   SER X CA 1 
ATOM 66  C CA . HIS A 1 66  ? 9.562   -8.977  20.153  1.00 15.00 ? 66   HIS X CA 1 
ATOM 67  C CA . VAL A 1 67  ? 12.275  -8.638  22.738  1.00 15.00 ? 67   VAL X CA 1 
ATOM 68  C CA . GLU A 1 68  ? 12.488  -7.133  26.207  1.00 15.00 ? 68   GLU X CA 1 
ATOM 69  C CA . TYR A 1 69  ? 15.049  -5.336  28.323  1.00 15.00 ? 69   TYR X CA 1 
ATOM 70  C CA . ASP A 1 70  ? 15.143  -3.099  31.429  1.00 15.00 ? 70   ASP X CA 1 
ATOM 71  C CA . THR A 1 71  ? 16.607  0.392   31.980  1.00 15.00 ? 71   THR X CA 1 
ATOM 72  C CA . PRO A 1 72  ? 16.484  1.842   35.510  1.00 15.00 ? 72   PRO X CA 1 
ATOM 73  C CA . THR A 1 73  ? 13.687  4.347   35.073  1.00 15.00 ? 73   THR X CA 1 
ATOM 74  C CA . ARG A 1 74  ? 11.566  2.622   32.371  1.00 15.00 ? 74   ARG X CA 1 
ATOM 75  C CA . HIS A 1 75  ? 10.496  -0.721  30.960  1.00 15.00 ? 75   HIS X CA 1 
ATOM 76  C CA . TYR A 1 76  ? 11.103  -1.633  27.361  1.00 15.00 ? 76   TYR X CA 1 
ATOM 77  C CA . ALA A 1 77  ? 9.236   -3.743  24.818  1.00 15.00 ? 77   ALA X CA 1 
ATOM 78  C CA . HIS A 1 78  ? 11.408  -3.894  21.725  1.00 15.00 ? 78   HIS X CA 1 
ATOM 79  C CA . VAL A 1 79  ? 10.338  -4.842  18.257  1.00 15.00 ? 79   VAL X CA 1 
ATOM 80  C CA . ASP A 1 80  ? 12.824  -5.582  15.496  1.00 15.00 ? 80   ASP X CA 1 
ATOM 81  C CA . CYS A 1 81  ? 11.625  -4.588  12.054  1.00 15.00 ? 81   CYS X CA 1 
ATOM 82  C CA . PRO A 1 82  ? 12.711  -5.961  8.678   1.00 15.00 ? 82   PRO X CA 1 
ATOM 83  C CA . GLY A 1 83  ? 14.341  -3.463  6.368   1.00 15.00 ? 83   GLY X CA 1 
ATOM 84  C CA . HIS A 1 84  ? 13.770  -5.483  3.211   1.00 15.00 ? 84   HIS X CA 1 
ATOM 85  C CA . ALA A 1 85  ? 11.482  -3.649  0.830   1.00 15.00 ? 85   ALA X CA 1 
ATOM 86  C CA . ASP A 1 86  ? 9.335   -6.721  0.376   1.00 15.00 ? 86   ASP X CA 1 
ATOM 87  C CA . TYR A 1 87  ? 8.252   -6.609  3.984   1.00 15.00 ? 87   TYR X CA 1 
ATOM 88  C CA . VAL A 1 88  ? 7.463   -2.940  4.782   1.00 15.00 ? 88   VAL X CA 1 
ATOM 89  C CA . LYS A 1 89  ? 3.894   -4.076  5.251   1.00 15.00 ? 89   LYS X CA 1 
ATOM 90  C CA . ASN A 1 90  ? 5.183   -6.328  8.028   1.00 15.00 ? 90   ASN X CA 1 
ATOM 91  C CA . MET A 1 91  ? 7.092   -3.536  9.790   1.00 15.00 ? 91   MET X CA 1 
ATOM 92  C CA . ILE A 1 92  ? 4.414   -0.933  9.130   1.00 15.00 ? 92   ILE X CA 1 
ATOM 93  C CA . THR A 1 93  ? 2.217   -2.773  11.599  1.00 15.00 ? 93   THR X CA 1 
ATOM 94  C CA . GLY A 1 94  ? 5.043   -3.127  14.092  1.00 15.00 ? 94   GLY X CA 1 
ATOM 95  C CA . ALA A 1 95  ? 5.957   0.506   13.987  1.00 15.00 ? 95   ALA X CA 1 
ATOM 96  C CA . ALA A 1 96  ? 2.352   1.691   13.989  1.00 15.00 ? 96   ALA X CA 1 
ATOM 97  C CA . GLN A 1 97  ? 2.208   0.779   17.699  1.00 15.00 ? 97   GLN X CA 1 
ATOM 98  C CA . MET A 1 98  ? 5.597   2.232   18.680  1.00 15.00 ? 98   MET X CA 1 
ATOM 99  C CA . ASP A 1 99  ? 6.142   4.876   21.352  1.00 15.00 ? 99   ASP X CA 1 
ATOM 100 C CA . GLY A 1 100 ? 9.412   6.023   19.858  1.00 15.00 ? 100  GLY X CA 1 
ATOM 101 C CA . ALA A 1 101 ? 11.745  4.485   17.311  1.00 15.00 ? 101  ALA X CA 1 
ATOM 102 C CA . ILE A 1 102 ? 15.469  3.859   17.062  1.00 15.00 ? 102  ILE X CA 1 
ATOM 103 C CA . LEU A 1 103 ? 16.351  4.527   13.430  1.00 15.00 ? 103  LEU X CA 1 
ATOM 104 C CA . VAL A 1 104 ? 19.580  2.563   12.876  1.00 15.00 ? 104  VAL X CA 1 
ATOM 105 C CA . VAL A 1 105 ? 21.827  3.854   10.066  1.00 15.00 ? 105  VAL X CA 1 
ATOM 106 C CA . ALA A 1 106 ? 25.262  2.553   9.025   1.00 15.00 ? 106  ALA X CA 1 
ATOM 107 C CA . ALA A 1 107 ? 28.196  4.959   9.094   1.00 15.00 ? 107  ALA X CA 1 
ATOM 108 C CA . THR A 1 108 ? 29.653  3.499   5.934   1.00 15.00 ? 108  THR X CA 1 
ATOM 109 C CA . ASP A 1 109 ? 26.839  3.848   3.398   1.00 15.00 ? 109  ASP X CA 1 
ATOM 110 C CA . GLY A 1 110 ? 24.588  6.418   5.033   1.00 15.00 ? 110  GLY X CA 1 
ATOM 111 C CA . PRO A 1 111 ? 21.050  7.299   3.888   1.00 15.00 ? 111  PRO X CA 1 
ATOM 112 C CA . MET A 1 112 ? 19.690  4.623   1.551   1.00 15.00 ? 112  MET X CA 1 
ATOM 113 C CA . PRO A 1 113 ? 16.310  3.840   -0.034  1.00 15.00 ? 113  PRO X CA 1 
ATOM 114 C CA . GLN A 1 114 ? 14.870  1.770   2.805   1.00 15.00 ? 114  GLN X CA 1 
ATOM 115 C CA . THR A 1 115 ? 15.959  4.505   5.194   1.00 15.00 ? 115  THR X CA 1 
ATOM 116 C CA . ARG A 1 116 ? 13.886  7.236   3.586   1.00 15.00 ? 116  ARG X CA 1 
ATOM 117 C CA . GLU A 1 117 ? 10.925  4.812   3.137   1.00 15.00 ? 117  GLU X CA 1 
ATOM 118 C CA . HIS A 1 118 ? 10.885  3.890   6.839   1.00 15.00 ? 118  HIS X CA 1 
ATOM 119 C CA . ILE A 1 119 ? 11.267  7.402   8.140   1.00 15.00 ? 119  ILE X CA 1 
ATOM 120 C CA . LEU A 1 120 ? 8.402   8.514   5.913   1.00 15.00 ? 120  LEU X CA 1 
ATOM 121 C CA . LEU A 1 121 ? 6.311   5.518   6.859   1.00 15.00 ? 121  LEU X CA 1 
ATOM 122 C CA . GLY A 1 122 ? 7.197   6.401   10.412  1.00 15.00 ? 122  GLY X CA 1 
ATOM 123 C CA . ARG A 1 123 ? 6.095   10.003  10.243  1.00 15.00 ? 123  ARG X CA 1 
ATOM 124 C CA . GLN A 1 124 ? 2.974   8.659   8.442   1.00 15.00 ? 124  GLN X CA 1 
ATOM 125 C CA . VAL A 1 125 ? 1.961   6.084   11.016  1.00 15.00 ? 125  VAL X CA 1 
ATOM 126 C CA . GLY A 1 126 ? 1.899   7.282   14.649  1.00 15.00 ? 126  GLY X CA 1 
ATOM 127 C CA . VAL A 1 127 ? 5.492   7.250   16.034  1.00 15.00 ? 127  VAL X CA 1 
ATOM 128 C CA . PRO A 1 128 ? 6.368   10.521  17.833  1.00 15.00 ? 128  PRO X CA 1 
ATOM 129 C CA . TYR A 1 129 ? 10.119  10.206  18.381  1.00 15.00 ? 129  TYR X CA 1 
ATOM 130 C CA . ILE A 1 130 ? 13.182  8.986   16.520  1.00 15.00 ? 130  ILE X CA 1 
ATOM 131 C CA . ILE A 1 131 ? 16.649  8.421   17.920  1.00 15.00 ? 131  ILE X CA 1 
ATOM 132 C CA . VAL A 1 132 ? 19.212  7.929   15.128  1.00 15.00 ? 132  VAL X CA 1 
ATOM 133 C CA . PHE A 1 133 ? 21.993  5.421   15.730  1.00 15.00 ? 133  PHE X CA 1 
ATOM 134 C CA . LEU A 1 134 ? 25.069  5.558   13.447  1.00 15.00 ? 134  LEU X CA 1 
ATOM 135 C CA . ASN A 1 135 ? 26.212  1.972   13.220  1.00 15.00 ? 135  ASN X CA 1 
ATOM 136 C CA . LYS A 1 136 ? 29.367  0.248   12.064  1.00 15.00 ? 136  LYS X CA 1 
ATOM 137 C CA . CYS A 1 137 ? 31.524  3.076   13.384  1.00 15.00 ? 137  CYS X CA 1 
ATOM 138 C CA . ASP A 1 138 ? 34.081  0.330   13.795  1.00 15.00 ? 138  ASP X CA 1 
ATOM 139 C CA . MET A 1 139 ? 34.557  0.489   10.031  1.00 15.00 ? 139  MET X CA 1 
ATOM 140 C CA . VAL A 1 140 ? 35.144  4.164   9.607   1.00 15.00 ? 140  VAL X CA 1 
ATOM 141 C CA . ASP A 1 141 ? 37.807  6.167   11.363  1.00 15.00 ? 141  ASP X CA 1 
ATOM 142 C CA . ASP A 1 142 ? 37.534  9.608   9.848   1.00 15.00 ? 142  ASP X CA 1 
ATOM 143 C CA . GLU A 1 143 ? 35.860  11.803  12.459  1.00 15.00 ? 143  GLU X CA 1 
ATOM 144 C CA . GLU A 1 144 ? 35.051  13.942  9.414   1.00 15.00 ? 144  GLU X CA 1 
ATOM 145 C CA . LEU A 1 145 ? 33.026  11.262  7.630   1.00 15.00 ? 145  LEU X CA 1 
ATOM 146 C CA . LEU A 1 146 ? 30.581  10.960  10.520  1.00 15.00 ? 146  LEU X CA 1 
ATOM 147 C CA . GLU A 1 147 ? 30.258  14.768  10.544  1.00 15.00 ? 147  GLU X CA 1 
ATOM 148 C CA . LEU A 1 148 ? 29.234  14.506  6.909   1.00 15.00 ? 148  LEU X CA 1 
ATOM 149 C CA . VAL A 1 149 ? 26.716  11.653  7.280   1.00 15.00 ? 149  VAL X CA 1 
ATOM 150 C CA . GLU A 1 150 ? 25.067  12.864  10.487  1.00 15.00 ? 150  GLU X CA 1 
ATOM 151 C CA . MET A 1 151 ? 24.781  16.268  8.872   1.00 15.00 ? 151  MET X CA 1 
ATOM 152 C CA . GLU A 1 152 ? 22.824  14.458  6.155   1.00 15.00 ? 152  GLU X CA 1 
ATOM 153 C CA . VAL A 1 153 ? 20.702  12.095  8.271   1.00 15.00 ? 153  VAL X CA 1 
ATOM 154 C CA . ARG A 1 154 ? 19.387  15.164  10.049  1.00 15.00 ? 154  ARG X CA 1 
ATOM 155 C CA . GLU A 1 155 ? 18.632  17.138  6.892   1.00 15.00 ? 155  GLU X CA 1 
ATOM 156 C CA . LEU A 1 156 ? 16.727  13.996  5.891   1.00 15.00 ? 156  LEU X CA 1 
ATOM 157 C CA . LEU A 1 157 ? 14.617  13.566  9.015   1.00 15.00 ? 157  LEU X CA 1 
ATOM 158 C CA . SER A 1 158 ? 13.705  17.262  9.129   1.00 15.00 ? 158  SER X CA 1 
ATOM 159 C CA . GLN A 1 159 ? 12.646  16.857  5.494   1.00 15.00 ? 159  GLN X CA 1 
ATOM 160 C CA . TYR A 1 160 ? 9.727   14.646  6.560   1.00 15.00 ? 160  TYR X CA 1 
ATOM 161 C CA . ASP A 1 161 ? 9.233   16.929  9.559   1.00 15.00 ? 161  ASP X CA 1 
ATOM 162 C CA . PHE A 1 162 ? 11.019  15.558  12.562  1.00 15.00 ? 162  PHE X CA 1 
ATOM 163 C CA . PRO A 1 163 ? 13.218  17.189  15.165  1.00 15.00 ? 163  PRO X CA 1 
ATOM 164 C CA . GLY A 1 164 ? 16.438  16.212  13.416  1.00 15.00 ? 164  GLY X CA 1 
ATOM 165 C CA . ASP A 1 165 ? 18.446  18.972  14.995  1.00 15.00 ? 165  ASP X CA 1 
ATOM 166 C CA . ASP A 1 166 ? 17.243  18.385  18.530  1.00 15.00 ? 166  ASP X CA 1 
ATOM 167 C CA . THR A 1 167 ? 17.479  14.726  17.478  1.00 15.00 ? 167  THR X CA 1 
ATOM 168 C CA . PRO A 1 168 ? 19.897  12.659  19.556  1.00 15.00 ? 168  PRO X CA 1 
ATOM 169 C CA . ILE A 1 169 ? 22.438  10.504  17.721  1.00 15.00 ? 169  ILE X CA 1 
ATOM 170 C CA . VAL A 1 170 ? 24.544  7.808   19.329  1.00 15.00 ? 170  VAL X CA 1 
ATOM 171 C CA . ARG A 1 171 ? 27.794  6.684   17.638  1.00 15.00 ? 171  ARG X CA 1 
ATOM 172 C CA . GLY A 1 172 ? 28.625  3.036   18.087  1.00 15.00 ? 172  GLY X CA 1 
ATOM 173 C CA . SER A 1 173 ? 28.858  -0.496  16.765  1.00 15.00 ? 173  SER X CA 1 
ATOM 174 C CA . ALA A 1 174 ? 26.471  -3.342  17.417  1.00 15.00 ? 174  ALA X CA 1 
ATOM 175 C CA . LEU A 1 175 ? 28.536  -6.531  16.973  1.00 15.00 ? 175  LEU X CA 1 
ATOM 176 C CA . LYS A 1 176 ? 31.456  -4.800  18.620  1.00 15.00 ? 176  LYS X CA 1 
ATOM 177 C CA . ALA A 1 177 ? 29.347  -4.222  21.720  1.00 15.00 ? 177  ALA X CA 1 
ATOM 178 C CA . LEU A 1 178 ? 27.520  -7.533  21.397  1.00 15.00 ? 178  LEU X CA 1 
ATOM 179 C CA . GLU A 1 179 ? 30.922  -9.166  21.307  1.00 15.00 ? 179  GLU X CA 1 
ATOM 180 C CA . GLY A 1 180 ? 32.357  -7.500  24.397  1.00 15.00 ? 180  GLY X CA 1 
ATOM 181 C CA . ASP A 1 181 ? 34.684  -4.615  23.608  1.00 15.00 ? 181  ASP X CA 1 
ATOM 182 C CA . ALA A 1 182 ? 33.545  -2.292  26.364  1.00 15.00 ? 182  ALA X CA 1 
ATOM 183 C CA . GLU A 1 183 ? 34.604  0.852   24.482  1.00 15.00 ? 183  GLU X CA 1 
ATOM 184 C CA . TRP A 1 184 ? 31.368  0.159   22.621  1.00 15.00 ? 184  TRP X CA 1 
ATOM 185 C CA . GLU A 1 185 ? 29.218  -1.482  25.276  1.00 15.00 ? 185  GLU X CA 1 
ATOM 186 C CA . ALA A 1 186 ? 29.291  2.042   26.650  1.00 15.00 ? 186  ALA X CA 1 
ATOM 187 C CA . LYS A 1 187 ? 27.804  3.393   23.433  1.00 15.00 ? 187  LYS X CA 1 
ATOM 188 C CA . ILE A 1 188 ? 24.947  0.916   23.728  1.00 15.00 ? 188  ILE X CA 1 
ATOM 189 C CA . LEU A 1 189 ? 24.061  2.680   26.970  1.00 15.00 ? 189  LEU X CA 1 
ATOM 190 C CA . GLU A 1 190 ? 24.520  6.194   25.563  1.00 15.00 ? 190  GLU X CA 1 
ATOM 191 C CA . LEU A 1 191 ? 21.477  5.066   23.558  1.00 15.00 ? 191  LEU X CA 1 
ATOM 192 C CA . ALA A 1 192 ? 19.726  2.912   26.054  1.00 15.00 ? 192  ALA X CA 1 
ATOM 193 C CA . GLY A 1 193 ? 20.138  6.156   27.960  1.00 15.00 ? 193  GLY X CA 1 
ATOM 194 C CA . PHE A 1 194 ? 18.107  8.337   25.604  1.00 15.00 ? 194  PHE X CA 1 
ATOM 195 C CA . LEU A 1 195 ? 15.123  5.984   25.487  1.00 15.00 ? 195  LEU X CA 1 
ATOM 196 C CA . ASP A 1 196 ? 14.379  7.480   28.906  1.00 15.00 ? 196  ASP X CA 1 
ATOM 197 C CA . SER A 1 197 ? 15.968  10.892  28.581  1.00 15.00 ? 197  SER X CA 1 
ATOM 198 C CA . TYR A 1 198 ? 14.046  11.361  25.378  1.00 15.00 ? 198  TYR X CA 1 
ATOM 199 C CA . ILE A 1 199 ? 10.856  9.221   25.544  1.00 15.00 ? 199  ILE X CA 1 
ATOM 200 C CA . PRO A 1 200 ? 9.152   11.186  27.296  1.00 15.00 ? 200  PRO X CA 1 
ATOM 201 C CA . GLU A 1 201 ? 6.651   9.150   29.458  1.00 15.00 ? 201  GLU X CA 1 
ATOM 202 C CA . PRO A 1 202 ? 3.601   7.735   27.595  1.00 15.00 ? 202  PRO X CA 1 
ATOM 203 C CA . GLU A 1 203 ? -1.237  6.277   27.975  1.00 15.00 ? 203  GLU X CA 1 
ATOM 204 C CA . ARG A 1 204 ? -3.463  3.231   28.389  1.00 15.00 ? 204  ARG X CA 1 
ATOM 205 C CA . ALA A 1 205 ? -7.247  3.366   27.958  1.00 15.00 ? 205  ALA X CA 1 
ATOM 206 C CA . ILE A 1 206 ? -8.743  1.077   30.639  1.00 15.00 ? 206  ILE X CA 1 
ATOM 207 C CA . ASP A 1 207 ? -11.575 3.584   31.370  1.00 15.00 ? 207  ASP X CA 1 
ATOM 208 C CA . LYS A 1 208 ? -13.526 2.005   28.516  1.00 15.00 ? 208  LYS X CA 1 
ATOM 209 C CA . PRO A 1 209 ? -15.033 -1.327  27.208  1.00 15.00 ? 209  PRO X CA 1 
ATOM 210 C CA . PHE A 1 210 ? -12.987 -4.327  26.066  1.00 15.00 ? 210  PHE X CA 1 
ATOM 211 C CA . LEU A 1 211 ? -11.850 -4.727  22.471  1.00 15.00 ? 211  LEU X CA 1 
ATOM 212 C CA . LEU A 1 212 ? -8.867  -6.400  20.835  1.00 15.00 ? 212  LEU X CA 1 
ATOM 213 C CA . PRO A 1 213 ? -8.299  -6.409  17.073  1.00 15.00 ? 213  PRO X CA 1 
ATOM 214 C CA . ILE A 1 214 ? -7.133  -9.917  16.304  1.00 15.00 ? 214  ILE X CA 1 
ATOM 215 C CA . GLU A 1 215 ? -3.872  -10.179 14.431  1.00 15.00 ? 215  GLU X CA 1 
ATOM 216 C CA . ASP A 1 216 ? -2.777  -13.766 14.694  1.00 15.00 ? 216  ASP X CA 1 
ATOM 217 C CA . VAL A 1 217 ? -4.365  -17.097 15.479  1.00 15.00 ? 217  VAL X CA 1 
ATOM 218 C CA . PHE A 1 218 ? -2.913  -20.299 16.886  1.00 15.00 ? 218  PHE X CA 1 
ATOM 219 C CA . SER A 1 219 ? -4.095  -23.748 17.937  1.00 15.00 ? 219  SER X CA 1 
ATOM 220 C CA . ILE A 1 220 ? -2.221  -24.913 21.063  1.00 15.00 ? 220  ILE X CA 1 
ATOM 221 C CA . SER A 1 221 ? -2.327  -28.689 21.285  1.00 15.00 ? 221  SER X CA 1 
ATOM 222 C CA . GLY A 1 222 ? -2.718  -28.719 25.015  1.00 15.00 ? 222  GLY X CA 1 
ATOM 223 C CA . ARG A 1 223 ? -5.324  -25.982 25.329  1.00 15.00 ? 223  ARG X CA 1 
ATOM 224 C CA . GLY A 1 224 ? -7.518  -24.671 22.533  1.00 15.00 ? 224  GLY X CA 1 
ATOM 225 C CA . THR A 1 225 ? -7.602  -21.965 19.861  1.00 15.00 ? 225  THR X CA 1 
ATOM 226 C CA . VAL A 1 226 ? -5.661  -18.800 20.580  1.00 15.00 ? 226  VAL X CA 1 
ATOM 227 C CA . VAL A 1 227 ? -5.818  -15.280 19.156  1.00 15.00 ? 227  VAL X CA 1 
ATOM 228 C CA . THR A 1 228 ? -3.244  -12.574 19.806  1.00 15.00 ? 228  THR X CA 1 
ATOM 229 C CA . GLY A 1 229 ? -3.173  -8.805  19.506  1.00 15.00 ? 229  GLY X CA 1 
ATOM 230 C CA . ARG A 1 230 ? -2.662  -5.437  21.195  1.00 15.00 ? 230  ARG X CA 1 
ATOM 231 C CA . VAL A 1 231 ? -5.615  -4.760  23.463  1.00 15.00 ? 231  VAL X CA 1 
ATOM 232 C CA . GLU A 1 232 ? -7.175  -1.563  22.117  1.00 15.00 ? 232  GLU X CA 1 
ATOM 233 C CA . ARG A 1 233 ? -8.769  -0.607  25.425  1.00 15.00 ? 233  ARG X CA 1 
ATOM 234 C CA . GLY A 1 234 ? -10.298 -1.947  28.608  1.00 15.00 ? 234  GLY X CA 1 
ATOM 235 C CA . ILE A 1 235 ? -9.407  -5.305  30.091  1.00 15.00 ? 235  ILE X CA 1 
ATOM 236 C CA . ILE A 1 236 ? -10.472 -8.965  29.713  1.00 15.00 ? 236  ILE X CA 1 
ATOM 237 C CA . LYS A 1 237 ? -10.703 -10.752 33.002  1.00 15.00 ? 237  LYS X CA 1 
ATOM 238 C CA . VAL A 1 238 ? -10.376 -14.423 32.085  1.00 15.00 ? 238  VAL X CA 1 
ATOM 239 C CA . GLY A 1 239 ? -13.740 -16.085 32.369  1.00 15.00 ? 239  GLY X CA 1 
ATOM 240 C CA . GLU A 1 240 ? -15.543 -13.044 30.900  1.00 15.00 ? 240  GLU X CA 1 
ATOM 241 C CA . GLU A 1 241 ? -17.678 -13.176 27.799  1.00 15.00 ? 241  GLU X CA 1 
ATOM 242 C CA . VAL A 1 242 ? -16.501 -12.019 24.386  1.00 15.00 ? 242  VAL X CA 1 
ATOM 243 C CA . GLU A 1 243 ? -17.883 -11.638 20.885  1.00 15.00 ? 243  GLU X CA 1 
ATOM 244 C CA . ILE A 1 244 ? -15.758 -12.327 17.830  1.00 15.00 ? 244  ILE X CA 1 
ATOM 245 C CA . VAL A 1 245 ? -17.133 -9.489  15.697  1.00 15.00 ? 245  VAL X CA 1 
ATOM 246 C CA . GLY A 1 246 ? -16.956 -8.817  11.951  1.00 15.00 ? 246  GLY X CA 1 
ATOM 247 C CA . ILE A 1 247 ? -16.026 -10.513 8.659   1.00 15.00 ? 247  ILE X CA 1 
ATOM 248 C CA . LYS A 1 248 ? -17.783 -13.750 9.472   1.00 15.00 ? 248  LYS X CA 1 
ATOM 249 C CA . GLU A 1 249 ? -21.063 -14.289 11.291  1.00 15.00 ? 249  GLU X CA 1 
ATOM 250 C CA . THR A 1 250 ? -20.718 -12.879 14.827  1.00 15.00 ? 250  THR X CA 1 
ATOM 251 C CA . GLN A 1 251 ? -19.657 -15.535 17.319  1.00 15.00 ? 251  GLN X CA 1 
ATOM 252 C CA . LYS A 1 252 ? -20.091 -15.653 21.071  1.00 15.00 ? 252  LYS X CA 1 
ATOM 253 C CA . SER A 1 253 ? -17.440 -17.011 23.398  1.00 15.00 ? 253  SER X CA 1 
ATOM 254 C CA . THR A 1 254 ? -15.993 -16.900 26.898  1.00 15.00 ? 254  THR X CA 1 
ATOM 255 C CA . CYS A 1 255 ? -12.359 -16.207 27.719  1.00 15.00 ? 255  CYS X CA 1 
ATOM 256 C CA . THR A 1 256 ? -10.493 -19.174 29.096  1.00 15.00 ? 256  THR X CA 1 
ATOM 257 C CA . GLY A 1 257 ? -6.980  -17.835 29.353  1.00 15.00 ? 257  GLY X CA 1 
ATOM 258 C CA . VAL A 1 258 ? -4.800  -14.811 28.717  1.00 15.00 ? 258  VAL X CA 1 
ATOM 259 C CA . GLU A 1 259 ? -1.062  -15.328 28.450  1.00 15.00 ? 259  GLU X CA 1 
ATOM 260 C CA . MET A 1 260 ? 1.674   -12.724 28.070  1.00 15.00 ? 260  MET X CA 1 
ATOM 261 C CA . PHE A 1 261 ? 4.578   -14.355 26.271  1.00 15.00 ? 261  PHE X CA 1 
ATOM 262 C CA . ARG A 1 262 ? 4.041   -17.987 27.335  1.00 15.00 ? 262  ARG X CA 1 
ATOM 263 C CA . LYS A 1 263 ? 3.557   -16.695 30.907  1.00 15.00 ? 263  LYS X CA 1 
ATOM 264 C CA . LEU A 1 264 ? 0.088   -17.199 32.451  1.00 15.00 ? 264  LEU X CA 1 
ATOM 265 C CA . LEU A 1 265 ? -2.111  -14.192 33.294  1.00 15.00 ? 265  LEU X CA 1 
ATOM 266 C CA . ASP A 1 266 ? -5.541  -13.358 34.709  1.00 15.00 ? 266  ASP X CA 1 
ATOM 267 C CA . GLU A 1 267 ? -6.152  -10.169 32.756  1.00 15.00 ? 267  GLU X CA 1 
ATOM 268 C CA . GLY A 1 268 ? -4.976  -8.238  29.724  1.00 15.00 ? 268  GLY X CA 1 
ATOM 269 C CA . ARG A 1 269 ? -4.975  -4.475  29.936  1.00 15.00 ? 269  ARG X CA 1 
ATOM 270 C CA . ALA A 1 270 ? -4.801  -1.994  27.085  1.00 15.00 ? 270  ALA X CA 1 
ATOM 271 C CA . GLY A 1 271 ? -1.451  -1.902  25.327  1.00 15.00 ? 271  GLY X CA 1 
ATOM 272 C CA . GLU A 1 272 ? -0.344  -5.469  25.957  1.00 15.00 ? 272  GLU X CA 1 
ATOM 273 C CA . ASN A 1 273 ? -0.038  -7.779  22.970  1.00 15.00 ? 273  ASN X CA 1 
ATOM 274 C CA . VAL A 1 274 ? -1.497  -10.876 24.593  1.00 15.00 ? 274  VAL X CA 1 
ATOM 275 C CA . GLY A 1 275 ? -3.056  -14.190 23.700  1.00 15.00 ? 275  GLY X CA 1 
ATOM 276 C CA . VAL A 1 276 ? -6.602  -15.398 24.421  1.00 15.00 ? 276  VAL X CA 1 
ATOM 277 C CA . LEU A 1 277 ? -8.252  -18.814 24.644  1.00 15.00 ? 277  LEU X CA 1 
ATOM 278 C CA . LEU A 1 278 ? -11.900 -18.500 23.436  1.00 15.00 ? 278  LEU X CA 1 
ATOM 279 C CA . ARG A 1 279 ? -13.484 -21.911 24.129  1.00 15.00 ? 279  ARG X CA 1 
ATOM 280 C CA . GLY A 1 280 ? -15.456 -23.791 21.512  1.00 15.00 ? 280  GLY X CA 1 
ATOM 281 C CA . ILE A 1 281 ? -13.852 -21.834 18.670  1.00 15.00 ? 281  ILE X CA 1 
ATOM 282 C CA . LYS A 1 282 ? -11.797 -23.889 16.238  1.00 15.00 ? 282  LYS X CA 1 
ATOM 283 C CA . ARG A 1 283 ? -8.943  -22.434 14.126  1.00 15.00 ? 283  ARG X CA 1 
ATOM 284 C CA . GLU A 1 284 ? -11.099 -22.341 11.006  1.00 15.00 ? 284  GLU X CA 1 
ATOM 285 C CA . GLU A 1 285 ? -13.774 -20.077 12.547  1.00 15.00 ? 285  GLU X CA 1 
ATOM 286 C CA . ILE A 1 286 ? -11.815 -16.977 13.497  1.00 15.00 ? 286  ILE X CA 1 
ATOM 287 C CA . GLU A 1 287 ? -9.269  -14.895 11.592  1.00 15.00 ? 287  GLU X CA 1 
ATOM 288 C CA . ARG A 1 288 ? -7.071  -11.830 11.597  1.00 15.00 ? 288  ARG X CA 1 
ATOM 289 C CA . GLY A 1 289 ? -9.030  -8.649  11.194  1.00 15.00 ? 289  GLY X CA 1 
ATOM 290 C CA . GLN A 1 290 ? -11.789 -9.721  13.520  1.00 15.00 ? 290  GLN X CA 1 
ATOM 291 C CA . VAL A 1 291 ? -12.200 -8.023  16.888  1.00 15.00 ? 291  VAL X CA 1 
ATOM 292 C CA . LEU A 1 292 ? -12.730 -9.648  20.258  1.00 15.00 ? 292  LEU X CA 1 
ATOM 293 C CA . ALA A 1 293 ? -14.936 -7.527  22.529  1.00 15.00 ? 293  ALA X CA 1 
ATOM 294 C CA . LYS A 1 294 ? -17.458 -6.846  25.276  1.00 15.00 ? 294  LYS X CA 1 
ATOM 295 C CA . PRO A 1 295 ? -20.691 -8.285  23.911  1.00 15.00 ? 295  PRO X CA 1 
ATOM 296 C CA . GLY A 1 296 ? -23.073 -5.743  22.388  1.00 15.00 ? 296  GLY X CA 1 
ATOM 297 C CA . THR A 1 297 ? -20.603 -2.874  22.349  1.00 15.00 ? 297  THR X CA 1 
ATOM 298 C CA . ILE A 1 298 ? -19.851 -3.269  18.711  1.00 15.00 ? 298  ILE X CA 1 
ATOM 299 C CA . LYS A 1 299 ? -21.732 -4.521  15.687  1.00 15.00 ? 299  LYS X CA 1 
ATOM 300 C CA . PRO A 1 300 ? -20.436 -5.348  12.192  1.00 15.00 ? 300  PRO X CA 1 
ATOM 301 C CA . HIS A 1 301 ? -20.466 -2.049  5.833   1.00 15.00 ? 301  HIS X CA 1 
ATOM 302 C CA . THR A 1 302 ? -19.359 -1.935  2.204   1.00 15.00 ? 302  THR X CA 1 
ATOM 303 C CA . LYS A 1 303 ? -20.344 1.331   0.530   1.00 15.00 ? 303  LYS X CA 1 
ATOM 304 C CA . PHE A 1 304 ? -19.954 4.769   2.060   1.00 15.00 ? 304  PHE X CA 1 
ATOM 305 C CA . GLU A 1 305 ? -19.540 8.410   0.958   1.00 15.00 ? 305  GLU X CA 1 
ATOM 306 C CA . SER A 1 306 ? -16.333 10.016  2.127   1.00 15.00 ? 306  SER X CA 1 
ATOM 307 C CA . GLU A 1 307 ? -14.488 13.288  2.382   1.00 15.00 ? 307  GLU X CA 1 
ATOM 308 C CA . VAL A 1 308 ? -10.880 12.790  1.457   1.00 15.00 ? 308  VAL X CA 1 
ATOM 309 C CA . TYR A 1 309 ? -7.751  14.860  1.096   1.00 15.00 ? 309  TYR X CA 1 
ATOM 310 C CA . ILE A 1 310 ? -5.515  13.403  -1.589  1.00 15.00 ? 310  ILE X CA 1 
ATOM 311 C CA . LEU A 1 311 ? -1.972  14.346  -0.585  1.00 15.00 ? 311  LEU X CA 1 
ATOM 312 C CA . SER A 1 312 ? 0.236   16.034  -3.200  1.00 15.00 ? 312  SER X CA 1 
ATOM 313 C CA . LYS A 1 313 ? 3.603   14.827  -4.540  1.00 15.00 ? 313  LYS X CA 1 
ATOM 314 C CA . ASP A 1 314 ? 5.261   17.215  -2.120  1.00 15.00 ? 314  ASP X CA 1 
ATOM 315 C CA . GLU A 1 315 ? 3.714   15.005  0.537   1.00 15.00 ? 315  GLU X CA 1 
ATOM 316 C CA . GLY A 1 316 ? 4.741   11.780  -1.156  1.00 15.00 ? 316  GLY X CA 1 
ATOM 317 C CA . GLY A 1 317 ? 1.558   11.100  -3.103  1.00 15.00 ? 317  GLY X CA 1 
ATOM 318 C CA . ARG A 1 318 ? 0.332   10.703  -6.635  1.00 15.00 ? 318  ARG X CA 1 
ATOM 319 C CA . HIS A 1 319 ? 1.464   13.193  -9.282  1.00 15.00 ? 319  HIS X CA 1 
ATOM 320 C CA . THR A 1 320 ? -1.047  12.122  -11.899 1.00 15.00 ? 320  THR X CA 1 
ATOM 321 C CA . PRO A 1 321 ? -4.803  12.475  -11.450 1.00 15.00 ? 321  PRO X CA 1 
ATOM 322 C CA . PHE A 1 322 ? -7.188  9.546   -10.890 1.00 15.00 ? 322  PHE X CA 1 
ATOM 323 C CA . PHE A 1 323 ? -10.761 8.970   -12.149 1.00 15.00 ? 323  PHE X CA 1 
ATOM 324 C CA . LYS A 1 324 ? -13.810 6.753   -11.855 1.00 15.00 ? 324  LYS X CA 1 
ATOM 325 C CA . GLY A 1 325 ? -12.658 3.234   -11.191 1.00 15.00 ? 325  GLY X CA 1 
ATOM 326 C CA . TYR A 1 326 ? -9.489  4.023   -9.330  1.00 15.00 ? 326  TYR X CA 1 
ATOM 327 C CA . ARG A 1 327 ? -9.277  1.318   -6.706  1.00 15.00 ? 327  ARG X CA 1 
ATOM 328 C CA . PRO A 1 328 ? -6.506  1.654   -4.111  1.00 15.00 ? 328  PRO X CA 1 
ATOM 329 C CA . GLN A 1 329 ? -6.405  0.262   -0.609  1.00 15.00 ? 329  GLN X CA 1 
ATOM 330 C CA . PHE A 1 330 ? -8.367  1.808   2.245   1.00 15.00 ? 330  PHE X CA 1 
ATOM 331 C CA . TYR A 1 331 ? -6.734  1.291   5.658   1.00 15.00 ? 331  TYR X CA 1 
ATOM 332 C CA . PHE A 1 332 ? -9.188  0.770   8.544   1.00 15.00 ? 332  PHE X CA 1 
ATOM 333 C CA . ARG A 1 333 ? -7.778  0.231   12.013  1.00 15.00 ? 333  ARG X CA 1 
ATOM 334 C CA . THR A 1 334 ? -5.722  -2.935  11.778  1.00 15.00 ? 334  THR X CA 1 
ATOM 335 C CA . THR A 1 335 ? -5.901  -3.548  8.019   1.00 15.00 ? 335  THR X CA 1 
ATOM 336 C CA . ASP A 1 336 ? -6.716  -2.368  4.554   1.00 15.00 ? 336  ASP X CA 1 
ATOM 337 C CA . VAL A 1 337 ? -9.011  -3.416  1.769   1.00 15.00 ? 337  VAL X CA 1 
ATOM 338 C CA . THR A 1 338 ? -9.320  -2.577  -1.866  1.00 15.00 ? 338  THR X CA 1 
ATOM 339 C CA . GLY A 1 339 ? -12.409 -0.535  -2.590  1.00 15.00 ? 339  GLY X CA 1 
ATOM 340 C CA . THR A 1 340 ? -13.452 1.277   -5.783  1.00 15.00 ? 340  THR X CA 1 
ATOM 341 C CA . ILE A 1 341 ? -13.969 5.017   -6.249  1.00 15.00 ? 341  ILE X CA 1 
ATOM 342 C CA . GLU A 1 342 ? -16.922 6.750   -7.884  1.00 15.00 ? 342  GLU X CA 1 
ATOM 343 C CA . LEU A 1 343 ? -16.642 10.511  -8.366  1.00 15.00 ? 343  LEU X CA 1 
ATOM 344 C CA . PRO A 1 344 ? -19.525 13.044  -8.105  1.00 15.00 ? 344  PRO X CA 1 
ATOM 345 C CA . GLU A 1 345 ? -21.685 13.900  -11.101 1.00 15.00 ? 345  GLU X CA 1 
ATOM 346 C CA . GLY A 1 346 ? -19.836 17.135  -11.665 1.00 15.00 ? 346  GLY X CA 1 
ATOM 347 C CA . VAL A 1 347 ? -16.247 16.046  -11.090 1.00 15.00 ? 347  VAL X CA 1 
ATOM 348 C CA . GLU A 1 348 ? -14.185 14.165  -13.646 1.00 15.00 ? 348  GLU X CA 1 
ATOM 349 C CA . MET A 1 349 ? -10.772 13.949  -12.060 1.00 15.00 ? 349  MET X CA 1 
ATOM 350 C CA . VAL A 1 350 ? -8.875  14.294  -8.809  1.00 15.00 ? 350  VAL X CA 1 
ATOM 351 C CA . MET A 1 351 ? -5.467  16.017  -8.681  1.00 15.00 ? 351  MET X CA 1 
ATOM 352 C CA . PRO A 1 352 ? -3.000  15.259  -5.904  1.00 15.00 ? 352  PRO X CA 1 
ATOM 353 C CA . GLY A 1 353 ? -3.553  18.003  -3.344  1.00 15.00 ? 353  GLY X CA 1 
ATOM 354 C CA . ASP A 1 354 ? -7.272  18.346  -4.142  1.00 15.00 ? 354  ASP X CA 1 
ATOM 355 C CA . ASN A 1 355 ? -9.970  17.518  -1.626  1.00 15.00 ? 355  ASN X CA 1 
ATOM 356 C CA . ILE A 1 356 ? -12.808 15.342  -2.819  1.00 15.00 ? 356  ILE X CA 1 
ATOM 357 C CA . LYS A 1 357 ? -16.073 13.782  -1.827  1.00 15.00 ? 357  LYS X CA 1 
ATOM 358 C CA . MET A 1 358 ? -16.163 10.289  -3.278  1.00 15.00 ? 358  MET X CA 1 
ATOM 359 C CA . VAL A 1 359 ? -18.276 7.184   -2.675  1.00 15.00 ? 359  VAL X CA 1 
ATOM 360 C CA . VAL A 1 360 ? -16.230 4.073   -1.973  1.00 15.00 ? 360  VAL X CA 1 
ATOM 361 C CA . THR A 1 361 ? -17.184 0.399   -2.221  1.00 15.00 ? 361  THR X CA 1 
ATOM 362 C CA . LEU A 1 362 ? -14.812 -2.064  -0.577  1.00 15.00 ? 362  LEU X CA 1 
ATOM 363 C CA . ILE A 1 363 ? -14.520 -5.622  -1.762  1.00 15.00 ? 363  ILE X CA 1 
ATOM 364 C CA . HIS A 1 364 ? -15.122 -6.668  1.864   1.00 15.00 ? 364  HIS X CA 1 
ATOM 365 C CA . PRO A 1 365 ? -17.453 -5.422  4.525   1.00 15.00 ? 365  PRO X CA 1 
ATOM 366 C CA . ILE A 1 366 ? -15.775 -3.672  7.456   1.00 15.00 ? 366  ILE X CA 1 
ATOM 367 C CA . ALA A 1 367 ? -16.723 -2.512  10.941  1.00 15.00 ? 367  ALA X CA 1 
ATOM 368 C CA . MET A 1 368 ? -17.358 1.173   10.472  1.00 15.00 ? 368  MET X CA 1 
ATOM 369 C CA . ASP A 1 369 ? -19.299 4.025   12.088  1.00 15.00 ? 369  ASP X CA 1 
ATOM 370 C CA . ASP A 1 370 ? -19.964 7.324   10.382  1.00 15.00 ? 370  ASP X CA 1 
ATOM 371 C CA . GLY A 1 371 ? -16.969 9.556   11.087  1.00 15.00 ? 371  GLY X CA 1 
ATOM 372 C CA . LEU A 1 372 ? -14.368 6.780   11.213  1.00 15.00 ? 372  LEU X CA 1 
ATOM 373 C CA . ARG A 1 373 ? -11.074 7.966   9.854   1.00 15.00 ? 373  ARG X CA 1 
ATOM 374 C CA . PHE A 1 374 ? -9.149  5.931   7.281   1.00 15.00 ? 374  PHE X CA 1 
ATOM 375 C CA . ALA A 1 375 ? -6.103  6.127   5.056   1.00 15.00 ? 375  ALA X CA 1 
ATOM 376 C CA . ILE A 1 376 ? -5.521  5.329   1.384   1.00 15.00 ? 376  ILE X CA 1 
ATOM 377 C CA . ARG A 1 377 ? -2.244  3.761   0.238   1.00 15.00 ? 377  ARG X CA 1 
ATOM 378 C CA . GLU A 1 378 ? -1.720  2.559   -3.318  1.00 15.00 ? 378  GLU X CA 1 
ATOM 379 C CA . GLY A 1 379 ? 1.045   1.025   -5.316  1.00 15.00 ? 379  GLY X CA 1 
ATOM 380 C CA . GLY A 1 380 ? 3.550   1.662   -2.565  1.00 15.00 ? 380  GLY X CA 1 
ATOM 381 C CA . ARG A 1 381 ? 2.829   5.118   -1.153  1.00 15.00 ? 381  ARG X CA 1 
ATOM 382 C CA . THR A 1 382 ? 0.073   6.831   0.874   1.00 15.00 ? 382  THR X CA 1 
ATOM 383 C CA . VAL A 1 383 ? -2.303  8.312   -1.660  1.00 15.00 ? 383  VAL X CA 1 
ATOM 384 C CA . GLY A 1 384 ? -4.542  10.224  0.707   1.00 15.00 ? 384  GLY X CA 1 
ATOM 385 C CA . ALA A 1 385 ? -6.229  10.723  4.079   1.00 15.00 ? 385  ALA X CA 1 
ATOM 386 C CA . GLY A 1 386 ? -9.972  10.797  4.663   1.00 15.00 ? 386  GLY X CA 1 
ATOM 387 C CA . VAL A 1 387 ? -12.989 9.951   6.802   1.00 15.00 ? 387  VAL X CA 1 
ATOM 388 C CA . VAL A 1 388 ? -16.268 8.070   6.545   1.00 15.00 ? 388  VAL X CA 1 
ATOM 389 C CA . ALA A 1 389 ? -18.841 10.812  6.200   1.00 15.00 ? 389  ALA X CA 1 
ATOM 390 C CA . LYS A 1 390 ? -21.951 8.831   5.409   1.00 15.00 ? 390  LYS X CA 1 
ATOM 391 C CA . VAL A 1 391 ? -22.395 5.087   5.294   1.00 15.00 ? 391  VAL X CA 1 
ATOM 392 C CA . LEU A 1 392 ? -24.514 3.864   2.389   1.00 15.00 ? 392  LEU X CA 1 
ATOM 393 C CA . SER A 1 393 ? -23.812 0.114   2.643   1.00 15.00 ? 393  SER X CA 1 
ATOM 394 C CA . ALA B 2 1   ? -46.214 -74.085 -2.094  1.00 15.00 ? 1    ALA L CA 1 
ATOM 395 C CA . THR B 2 2   ? -46.808 -76.611 0.689   1.00 15.00 ? 2    THR L CA 1 
ATOM 396 C CA . VAL B 2 3   ? -45.511 -76.735 4.271   1.00 15.00 ? 3    VAL L CA 1 
ATOM 397 C CA . ASN B 2 4   ? -43.115 -79.503 3.238   1.00 15.00 ? 4    ASN L CA 1 
ATOM 398 C CA . GLN B 2 5   ? -41.965 -77.624 0.137   1.00 15.00 ? 5    GLN L CA 1 
ATOM 399 C CA . LEU B 2 6   ? -41.569 -74.614 2.424   1.00 15.00 ? 6    LEU L CA 1 
ATOM 400 C CA . VAL B 2 7   ? -39.689 -76.348 5.242   1.00 15.00 ? 7    VAL L CA 1 
ATOM 401 C CA . ARG B 2 8   ? -37.062 -77.228 2.636   1.00 15.00 ? 8    ARG L CA 1 
ATOM 402 C CA . LYS B 2 9   ? -36.821 -74.068 0.517   1.00 15.00 ? 9    LYS L CA 1 
ATOM 403 C CA . PRO B 2 10  ? -38.878 -71.348 2.301   1.00 15.00 ? 10   PRO L CA 1 
ATOM 404 C CA . ARG B 2 11  ? -39.732 -67.917 0.895   1.00 15.00 ? 11   ARG L CA 1 
ATOM 405 C CA . ALA B 2 12  ? -36.677 -66.044 -0.389  1.00 15.00 ? 12   ALA L CA 1 
ATOM 406 C CA . ARG B 2 13  ? -36.263 -62.316 0.264   1.00 15.00 ? 13   ARG L CA 1 
ATOM 407 C CA . LYS B 2 14  ? -35.093 -59.793 -2.339  1.00 15.00 ? 14   LYS L CA 1 
ATOM 408 C CA . VAL B 2 15  ? -31.876 -57.770 -2.050  1.00 15.00 ? 15   VAL L CA 1 
ATOM 409 C CA . ALA B 2 16  ? -33.230 -54.237 -2.477  1.00 15.00 ? 16   ALA L CA 1 
ATOM 410 C CA . LYS B 2 17  ? -31.099 -52.557 -5.141  1.00 15.00 ? 17   LYS L CA 1 
ATOM 411 C CA . SER B 2 18  ? -30.510 -48.937 -4.119  1.00 15.00 ? 18   SER L CA 1 
ATOM 412 C CA . ASN B 2 19  ? -29.891 -47.029 -7.348  1.00 15.00 ? 19   ASN L CA 1 
ATOM 413 C CA . VAL B 2 20  ? -26.995 -44.919 -6.046  1.00 15.00 ? 20   VAL L CA 1 
ATOM 414 C CA . PRO B 2 21  ? -23.210 -45.372 -6.407  1.00 15.00 ? 21   PRO L CA 1 
ATOM 415 C CA . ALA B 2 22  ? -22.508 -42.725 -3.768  1.00 15.00 ? 22   ALA L CA 1 
ATOM 416 C CA . LEU B 2 23  ? -24.108 -45.057 -1.225  1.00 15.00 ? 23   LEU L CA 1 
ATOM 417 C CA . GLU B 2 24  ? -22.220 -45.337 2.059   1.00 15.00 ? 24   GLU L CA 1 
ATOM 418 C CA . ALA B 2 25  ? -25.688 -44.623 3.460   1.00 15.00 ? 25   ALA L CA 1 
ATOM 419 C CA . CYS B 2 26  ? -25.232 -40.852 3.345   1.00 15.00 ? 26   CYS L CA 1 
ATOM 420 C CA . PRO B 2 27  ? -27.534 -37.846 2.750   1.00 15.00 ? 27   PRO L CA 1 
ATOM 421 C CA . GLN B 2 28  ? -24.855 -36.300 0.532   1.00 15.00 ? 28   GLN L CA 1 
ATOM 422 C CA . LYS B 2 29  ? -21.244 -36.642 -0.632  1.00 15.00 ? 29   LYS L CA 1 
ATOM 423 C CA . ARG B 2 30  ? -18.479 -34.162 -1.480  1.00 15.00 ? 30   ARG L CA 1 
ATOM 424 C CA . GLY B 2 31  ? -17.032 -33.941 -4.974  1.00 15.00 ? 31   GLY L CA 1 
ATOM 425 C CA . VAL B 2 32  ? -14.608 -31.957 -7.124  1.00 15.00 ? 32   VAL L CA 1 
ATOM 426 C CA . CYS B 2 33  ? -16.357 -31.552 -10.486 1.00 15.00 ? 33   CYS L CA 1 
ATOM 427 C CA . THR B 2 34  ? -14.534 -32.889 -13.555 1.00 15.00 ? 34   THR L CA 1 
ATOM 428 C CA . ARG B 2 35  ? -16.264 -30.581 -16.035 1.00 15.00 ? 35   ARG L CA 1 
ATOM 429 C CA . VAL B 2 36  ? -19.523 -28.813 -16.886 1.00 15.00 ? 36   VAL L CA 1 
ATOM 430 C CA . TYR B 2 37  ? -21.678 -30.374 -19.609 1.00 15.00 ? 37   TYR L CA 1 
ATOM 431 C CA . THR B 2 38  ? -24.896 -29.366 -21.355 1.00 15.00 ? 38   THR L CA 1 
ATOM 432 C CA . THR B 2 39  ? -26.215 -32.689 -22.671 1.00 15.00 ? 39   THR L CA 1 
ATOM 433 C CA . THR B 2 40  ? -29.608 -33.008 -24.358 1.00 15.00 ? 40   THR L CA 1 
ATOM 434 C CA . PRO B 2 41  ? -32.693 -34.710 -22.819 1.00 15.00 ? 41   PRO L CA 1 
ATOM 435 C CA . LYS B 2 42  ? -34.582 -37.782 -24.038 1.00 15.00 ? 42   LYS L CA 1 
ATOM 436 C CA . LYS B 2 43  ? -37.005 -38.088 -26.952 1.00 15.00 ? 43   LYS L CA 1 
ATOM 437 C CA . PRO B 2 44  ? -40.129 -36.616 -25.284 1.00 15.00 ? 44   PRO L CA 1 
ATOM 438 C CA . ASN B 2 45  ? -38.431 -33.407 -24.128 1.00 15.00 ? 45   ASN L CA 1 
ATOM 439 C CA . SER B 2 46  ? -35.985 -30.901 -25.595 1.00 15.00 ? 46   SER L CA 1 
ATOM 440 C CA . ALA B 2 47  ? -33.747 -28.035 -24.434 1.00 15.00 ? 47   ALA L CA 1 
ATOM 441 C CA . LEU B 2 48  ? -30.203 -28.638 -23.182 1.00 15.00 ? 48   LEU L CA 1 
ATOM 442 C CA . ARG B 2 49  ? -29.810 -29.101 -19.421 1.00 15.00 ? 49   ARG L CA 1 
ATOM 443 C CA . LYS B 2 50  ? -26.690 -28.593 -17.301 1.00 15.00 ? 50   LYS L CA 1 
ATOM 444 C CA . VAL B 2 51  ? -24.753 -31.467 -15.725 1.00 15.00 ? 51   VAL L CA 1 
ATOM 445 C CA . CYS B 2 52  ? -21.231 -32.293 -14.547 1.00 15.00 ? 52   CYS L CA 1 
ATOM 446 C CA . ARG B 2 53  ? -19.018 -35.272 -13.724 1.00 15.00 ? 53   ARG L CA 1 
ATOM 447 C CA . VAL B 2 54  ? -18.081 -35.423 -10.044 1.00 15.00 ? 54   VAL L CA 1 
ATOM 448 C CA . ARG B 2 55  ? -15.072 -37.107 -8.440  1.00 15.00 ? 55   ARG L CA 1 
ATOM 449 C CA . LEU B 2 56  ? -16.743 -38.090 -5.158  1.00 15.00 ? 56   LEU L CA 1 
ATOM 450 C CA . THR B 2 57  ? -14.555 -38.285 -2.051  1.00 15.00 ? 57   THR L CA 1 
ATOM 451 C CA . ASN B 2 58  ? -14.825 -42.074 -2.252  1.00 15.00 ? 58   ASN L CA 1 
ATOM 452 C CA . GLY B 2 59  ? -13.333 -42.057 -5.740  1.00 15.00 ? 59   GLY L CA 1 
ATOM 453 C CA . PHE B 2 60  ? -16.649 -43.152 -7.246  1.00 15.00 ? 60   PHE L CA 1 
ATOM 454 C CA . GLU B 2 61  ? -17.005 -40.738 -10.156 1.00 15.00 ? 61   GLU L CA 1 
ATOM 455 C CA . VAL B 2 62  ? -20.471 -39.736 -11.357 1.00 15.00 ? 62   VAL L CA 1 
ATOM 456 C CA . THR B 2 63  ? -22.311 -36.914 -13.114 1.00 15.00 ? 63   THR L CA 1 
ATOM 457 C CA . SER B 2 64  ? -24.631 -34.797 -10.972 1.00 15.00 ? 64   SER L CA 1 
ATOM 458 C CA . TYR B 2 65  ? -27.451 -32.498 -12.071 1.00 15.00 ? 65   TYR L CA 1 
ATOM 459 C CA . ILE B 2 66  ? -27.050 -28.762 -11.488 1.00 15.00 ? 66   ILE L CA 1 
ATOM 460 C CA . GLY B 2 67  ? -30.671 -27.650 -11.229 1.00 15.00 ? 67   GLY L CA 1 
ATOM 461 C CA . GLY B 2 68  ? -31.679 -24.019 -10.883 1.00 15.00 ? 68   GLY L CA 1 
ATOM 462 C CA . GLU B 2 69  ? -32.219 -21.096 -13.249 1.00 15.00 ? 69   GLU L CA 1 
ATOM 463 C CA . GLY B 2 70  ? -28.568 -20.081 -13.221 1.00 15.00 ? 70   GLY L CA 1 
ATOM 464 C CA . HIS B 2 71  ? -25.475 -22.280 -13.169 1.00 15.00 ? 71   HIS L CA 1 
ATOM 465 C CA . ASN B 2 72  ? -22.131 -21.061 -11.813 1.00 15.00 ? 72   ASN L CA 1 
ATOM 466 C CA . LEU B 2 73  ? -19.805 -24.034 -11.367 1.00 15.00 ? 73   LEU L CA 1 
ATOM 467 C CA . GLN B 2 74  ? -16.236 -24.419 -12.608 1.00 15.00 ? 74   GLN L CA 1 
ATOM 468 C CA . GLU B 2 75  ? -14.105 -27.306 -13.882 1.00 15.00 ? 75   GLU L CA 1 
ATOM 469 C CA . HIS B 2 76  ? -12.519 -27.514 -10.425 1.00 15.00 ? 76   HIS L CA 1 
ATOM 470 C CA . SER B 2 77  ? -15.115 -26.053 -8.056  1.00 15.00 ? 77   SER L CA 1 
ATOM 471 C CA . VAL B 2 78  ? -16.119 -28.280 -5.139  1.00 15.00 ? 78   VAL L CA 1 
ATOM 472 C CA . ILE B 2 79  ? -19.804 -29.216 -4.999  1.00 15.00 ? 79   ILE L CA 1 
ATOM 473 C CA . LEU B 2 80  ? -21.917 -31.528 -2.839  1.00 15.00 ? 80   LEU L CA 1 
ATOM 474 C CA . ILE B 2 81  ? -23.928 -34.397 -4.340  1.00 15.00 ? 81   ILE L CA 1 
ATOM 475 C CA . ARG B 2 82  ? -27.346 -35.139 -2.848  1.00 15.00 ? 82   ARG L CA 1 
ATOM 476 C CA . GLY B 2 83  ? -29.368 -37.607 -4.901  1.00 15.00 ? 83   GLY L CA 1 
ATOM 477 C CA . GLY B 2 84  ? -32.713 -37.707 -6.675  1.00 15.00 ? 84   GLY L CA 1 
ATOM 478 C CA . ARG B 2 85  ? -32.134 -38.975 -10.206 1.00 15.00 ? 85   ARG L CA 1 
ATOM 479 C CA . VAL B 2 86  ? -33.340 -37.255 -13.373 1.00 15.00 ? 86   VAL L CA 1 
ATOM 480 C CA . LYS B 2 87  ? -35.326 -38.820 -16.216 1.00 15.00 ? 87   LYS L CA 1 
ATOM 481 C CA . ASP B 2 88  ? -34.513 -36.735 -19.299 1.00 15.00 ? 88   ASP L CA 1 
ATOM 482 C CA . LEU B 2 89  ? -30.864 -37.176 -18.297 1.00 15.00 ? 89   LEU L CA 1 
ATOM 483 C CA . PRO B 2 90  ? -29.832 -40.866 -18.172 1.00 15.00 ? 90   PRO L CA 1 
ATOM 484 C CA . GLY B 2 91  ? -26.952 -41.961 -15.964 1.00 15.00 ? 91   GLY L CA 1 
ATOM 485 C CA . VAL B 2 92  ? -27.469 -38.630 -14.215 1.00 15.00 ? 92   VAL L CA 1 
ATOM 486 C CA . ARG B 2 93  ? -29.004 -39.898 -10.978 1.00 15.00 ? 93   ARG L CA 1 
ATOM 487 C CA . TYR B 2 94  ? -27.700 -37.095 -8.753  1.00 15.00 ? 94   TYR L CA 1 
ATOM 488 C CA . HIS B 2 95  ? -27.952 -33.354 -8.118  1.00 15.00 ? 95   HIS L CA 1 
ATOM 489 C CA . THR B 2 96  ? -25.441 -30.826 -6.776  1.00 15.00 ? 96   THR L CA 1 
ATOM 490 C CA . VAL B 2 97  ? -26.528 -29.154 -3.538  1.00 15.00 ? 97   VAL L CA 1 
ATOM 491 C CA . ARG B 2 98  ? -27.494 -25.527 -4.126  1.00 15.00 ? 98   ARG L CA 1 
ATOM 492 C CA . GLY B 2 99  ? -25.705 -23.188 -1.742  1.00 15.00 ? 99   GLY L CA 1 
ATOM 493 C CA . ALA B 2 100 ? -23.013 -25.421 -0.259  1.00 15.00 ? 100  ALA L CA 1 
ATOM 494 C CA . LEU B 2 101 ? -19.244 -25.942 -0.412  1.00 15.00 ? 101  LEU L CA 1 
ATOM 495 C CA . ASP B 2 102 ? -17.425 -24.137 -3.228  1.00 15.00 ? 102  ASP L CA 1 
ATOM 496 C CA . CYS B 2 103 ? -20.567 -23.954 -5.369  1.00 15.00 ? 103  CYS L CA 1 
ATOM 497 C CA . SER B 2 104 ? -23.011 -21.070 -5.800  1.00 15.00 ? 104  SER L CA 1 
ATOM 498 C CA . GLY B 2 105 ? -26.790 -20.856 -5.795  1.00 15.00 ? 105  GLY L CA 1 
ATOM 499 C CA . VAL B 2 106 ? -29.699 -19.595 -7.888  1.00 15.00 ? 106  VAL L CA 1 
ATOM 500 C CA . LYS B 2 107 ? -29.912 -15.806 -8.074  1.00 15.00 ? 107  LYS L CA 1 
ATOM 501 C CA . ASP B 2 108 ? -32.915 -13.495 -7.705  1.00 15.00 ? 108  ASP L CA 1 
ATOM 502 C CA . ARG B 2 109 ? -35.068 -16.474 -6.687  1.00 15.00 ? 109  ARG L CA 1 
ATOM 503 C CA . LYS B 2 110 ? -37.775 -15.464 -4.211  1.00 15.00 ? 110  LYS L CA 1 
ATOM 504 C CA . GLN B 2 111 ? -39.876 -18.638 -4.153  1.00 15.00 ? 111  GLN L CA 1 
ATOM 505 C CA . ALA B 2 112 ? -38.834 -21.917 -2.535  1.00 15.00 ? 112  ALA L CA 1 
ATOM 506 C CA . ARG B 2 113 ? -35.763 -20.312 -0.959  1.00 15.00 ? 113  ARG L CA 1 
ATOM 507 C CA . SER B 2 114 ? -34.912 -23.439 1.044   1.00 15.00 ? 114  SER L CA 1 
ATOM 508 C CA . LYS B 2 115 ? -34.216 -25.269 -2.198  1.00 15.00 ? 115  LYS L CA 1 
ATOM 509 C CA . TYR B 2 116 ? -31.664 -23.594 -4.470  1.00 15.00 ? 116  TYR L CA 1 
ATOM 510 C CA . GLY B 2 117 ? -29.321 -20.843 -3.294  1.00 15.00 ? 117  GLY L CA 1 
ATOM 511 C CA . VAL B 2 118 ? -31.235 -18.052 -1.551  1.00 15.00 ? 118  VAL L CA 1 
ATOM 512 C CA . LYS B 2 119 ? -31.689 -16.877 2.041   1.00 15.00 ? 119  LYS L CA 1 
ATOM 513 C CA . ARG B 2 120 ? -34.129 -14.051 2.849   1.00 15.00 ? 120  ARG L CA 1 
ATOM 514 C CA . PRO B 2 121 ? -34.188 -11.563 -0.081  1.00 15.00 ? 121  PRO L CA 1 
ATOM 515 C CA . LYS B 2 122 ? -33.601 -7.804  -0.110  1.00 15.00 ? 122  LYS L CA 1 
ATOM 516 C CA . ALA B 2 123 ? -36.608 -7.607  2.230   1.00 15.00 ? 123  ALA L CA 1 
ATOM 517 C CA . ALA C 3 1   ? 24.092  45.568  -26.767 1.00 15.00 ? 1    ALA I CA 1 
ATOM 518 C CA . LYS C 3 2   ? 25.216  45.199  -23.154 1.00 15.00 ? 2    LYS I CA 1 
ATOM 519 C CA . LYS C 3 3   ? 27.644  43.115  -21.104 1.00 15.00 ? 3    LYS I CA 1 
ATOM 520 C CA . VAL C 3 4   ? 27.206  39.482  -22.141 1.00 15.00 ? 4    VAL I CA 1 
ATOM 521 C CA . GLN C 3 5   ? 26.101  37.163  -19.346 1.00 15.00 ? 5    GLN I CA 1 
ATOM 522 C CA . ALA C 3 6   ? 25.512  33.425  -19.208 1.00 15.00 ? 6    ALA I CA 1 
ATOM 523 C CA . TYR C 3 7   ? 22.085  32.655  -20.641 1.00 15.00 ? 7    TYR I CA 1 
ATOM 524 C CA . VAL C 3 8   ? 20.396  30.175  -22.951 1.00 15.00 ? 8    VAL I CA 1 
ATOM 525 C CA . LYS C 3 9   ? 18.119  30.901  -25.886 1.00 15.00 ? 9    LYS I CA 1 
ATOM 526 C CA . LEU C 3 10  ? 15.377  28.651  -27.207 1.00 15.00 ? 10   LEU I CA 1 
ATOM 527 C CA . GLN C 3 11  ? 12.060  28.824  -29.025 1.00 15.00 ? 11   GLN I CA 1 
ATOM 528 C CA . VAL C 3 12  ? 9.265   27.162  -27.078 1.00 15.00 ? 12   VAL I CA 1 
ATOM 529 C CA . ALA C 3 13  ? 5.596   26.916  -28.015 1.00 15.00 ? 13   ALA I CA 1 
ATOM 530 C CA . ALA C 3 14  ? 3.264   29.595  -26.693 1.00 15.00 ? 14   ALA I CA 1 
ATOM 531 C CA . GLY C 3 15  ? 1.245   27.758  -24.062 1.00 15.00 ? 15   GLY I CA 1 
ATOM 532 C CA . MET C 3 16  ? 3.231   24.642  -23.155 1.00 15.00 ? 16   MET I CA 1 
ATOM 533 C CA . ALA C 3 17  ? 6.502   23.623  -21.498 1.00 15.00 ? 17   ALA I CA 1 
ATOM 534 C CA . ASN C 3 18  ? 8.460   21.252  -19.228 1.00 15.00 ? 18   ASN I CA 1 
ATOM 535 C CA . PRO C 3 19  ? 8.936   18.213  -21.457 1.00 15.00 ? 19   PRO I CA 1 
ATOM 536 C CA . SER C 3 20  ? 12.477  16.873  -21.035 1.00 15.00 ? 20   SER I CA 1 
ATOM 537 C CA . PRO C 3 21  ? 13.526  16.544  -24.700 1.00 15.00 ? 21   PRO I CA 1 
ATOM 538 C CA . PRO C 3 22  ? 12.225  19.966  -25.832 1.00 15.00 ? 22   PRO I CA 1 
ATOM 539 C CA . VAL C 3 23  ? 13.335  21.870  -22.725 1.00 15.00 ? 23   VAL I CA 1 
ATOM 540 C CA . GLY C 3 24  ? 14.351  20.381  -19.377 1.00 15.00 ? 24   GLY I CA 1 
ATOM 541 C CA . PRO C 3 25  ? 17.949  19.149  -19.990 1.00 15.00 ? 25   PRO I CA 1 
ATOM 542 C CA . ALA C 3 26  ? 18.601  22.021  -22.415 1.00 15.00 ? 26   ALA I CA 1 
ATOM 543 C CA . LEU C 3 27  ? 18.595  24.794  -19.815 1.00 15.00 ? 27   LEU I CA 1 
ATOM 544 C CA . GLY C 3 28  ? 18.493  22.239  -17.018 1.00 15.00 ? 28   GLY I CA 1 
ATOM 545 C CA . GLN C 3 29  ? 22.233  21.746  -17.446 1.00 15.00 ? 29   GLN I CA 1 
ATOM 546 C CA . GLN C 3 30  ? 22.663  25.450  -16.690 1.00 15.00 ? 30   GLN I CA 1 
ATOM 547 C CA . GLY C 3 31  ? 21.121  25.187  -13.242 1.00 15.00 ? 31   GLY I CA 1 
ATOM 548 C CA . VAL C 3 32  ? 17.789  26.608  -14.338 1.00 15.00 ? 32   VAL I CA 1 
ATOM 549 C CA . ASN C 3 33  ? 14.629  25.721  -12.427 1.00 15.00 ? 33   ASN I CA 1 
ATOM 550 C CA . ILE C 3 34  ? 12.508  24.062  -15.120 1.00 15.00 ? 34   ILE I CA 1 
ATOM 551 C CA . MET C 3 35  ? 9.301   23.987  -13.075 1.00 15.00 ? 35   MET I CA 1 
ATOM 552 C CA . GLU C 3 36  ? 9.388   27.710  -12.283 1.00 15.00 ? 36   GLU I CA 1 
ATOM 553 C CA . PHE C 3 37  ? 10.128  28.657  -15.886 1.00 15.00 ? 37   PHE I CA 1 
ATOM 554 C CA . CYS C 3 38  ? 7.528   26.368  -17.451 1.00 15.00 ? 38   CYS I CA 1 
ATOM 555 C CA . LYS C 3 39  ? 4.803   27.934  -15.315 1.00 15.00 ? 39   LYS I CA 1 
ATOM 556 C CA . ALA C 3 40  ? 6.356   31.394  -15.555 1.00 15.00 ? 40   ALA I CA 1 
ATOM 557 C CA . PHE C 3 41  ? 6.769   31.246  -19.332 1.00 15.00 ? 41   PHE I CA 1 
ATOM 558 C CA . ASN C 3 42  ? 3.299   29.889  -20.106 1.00 15.00 ? 42   ASN I CA 1 
ATOM 559 C CA . ALA C 3 43  ? 1.869   32.575  -17.822 1.00 15.00 ? 43   ALA I CA 1 
ATOM 560 C CA . LYS C 3 44  ? 2.690   35.605  -19.962 1.00 15.00 ? 44   LYS I CA 1 
ATOM 561 C CA . THR C 3 45  ? 2.721   33.665  -23.228 1.00 15.00 ? 45   THR I CA 1 
ATOM 562 C CA . ASP C 3 46  ? -1.030  33.022  -23.055 1.00 15.00 ? 46   ASP I CA 1 
ATOM 563 C CA . SER C 3 47  ? -1.662  36.774  -22.983 1.00 15.00 ? 47   SER I CA 1 
ATOM 564 C CA . ILE C 3 48  ? 0.982   37.737  -25.545 1.00 15.00 ? 48   ILE I CA 1 
ATOM 565 C CA . GLU C 3 49  ? -0.259  35.042  -27.906 1.00 15.00 ? 49   GLU I CA 1 
ATOM 566 C CA . LYS C 3 50  ? -1.059  31.319  -27.869 1.00 15.00 ? 50   LYS I CA 1 
ATOM 567 C CA . GLY C 3 51  ? -0.602  28.897  -30.751 1.00 15.00 ? 51   GLY I CA 1 
ATOM 568 C CA . LEU C 3 52  ? 2.568   30.588  -31.981 1.00 15.00 ? 52   LEU I CA 1 
ATOM 569 C CA . PRO C 3 53  ? 6.089   29.390  -31.106 1.00 15.00 ? 53   PRO I CA 1 
ATOM 570 C CA . ILE C 3 54  ? 7.871   32.298  -29.428 1.00 15.00 ? 54   ILE I CA 1 
ATOM 571 C CA . PRO C 3 55  ? 11.640  32.322  -28.883 1.00 15.00 ? 55   PRO I CA 1 
ATOM 572 C CA . VAL C 3 56  ? 12.705  33.412  -25.403 1.00 15.00 ? 56   VAL I CA 1 
ATOM 573 C CA . VAL C 3 57  ? 16.111  34.267  -23.964 1.00 15.00 ? 57   VAL I CA 1 
ATOM 574 C CA . ILE C 3 58  ? 16.651  32.783  -20.512 1.00 15.00 ? 58   ILE I CA 1 
ATOM 575 C CA . THR C 3 59  ? 19.263  34.557  -18.405 1.00 15.00 ? 59   THR I CA 1 
ATOM 576 C CA . VAL C 3 60  ? 20.487  32.575  -15.411 1.00 15.00 ? 60   VAL I CA 1 
ATOM 577 C CA . TYR C 3 61  ? 22.442  34.144  -12.560 1.00 15.00 ? 61   TYR I CA 1 
ATOM 578 C CA . ALA C 3 62  ? 25.016  32.812  -10.110 1.00 15.00 ? 62   ALA I CA 1 
ATOM 579 C CA . ASP C 3 63  ? 22.001  32.384  -7.842  1.00 15.00 ? 63   ASP I CA 1 
ATOM 580 C CA . ARG C 3 64  ? 21.048  29.996  -10.660 1.00 15.00 ? 64   ARG I CA 1 
ATOM 581 C CA . SER C 3 65  ? 17.922  32.129  -10.515 1.00 15.00 ? 65   SER I CA 1 
ATOM 582 C CA . PHE C 3 66  ? 16.851  33.493  -13.881 1.00 15.00 ? 66   PHE I CA 1 
ATOM 583 C CA . THR C 3 67  ? 14.933  35.950  -16.016 1.00 15.00 ? 67   THR I CA 1 
ATOM 584 C CA . PHE C 3 68  ? 13.757  35.878  -19.617 1.00 15.00 ? 68   PHE I CA 1 
ATOM 585 C CA . VAL C 3 69  ? 12.499  38.260  -22.279 1.00 15.00 ? 69   VAL I CA 1 
ATOM 586 C CA . THR C 3 70  ? 9.786   37.179  -24.694 1.00 15.00 ? 70   THR I CA 1 
ATOM 587 C CA . LYS C 3 71  ? 10.336  38.470  -28.227 1.00 15.00 ? 71   LYS I CA 1 
ATOM 588 C CA . THR C 3 72  ? 8.284   38.010  -31.395 1.00 15.00 ? 72   THR I CA 1 
ATOM 589 C CA . PRO C 3 73  ? 10.851  39.046  -33.778 1.00 15.00 ? 73   PRO I CA 1 
ATOM 590 C CA . PRO C 3 74  ? 12.940  36.704  -35.980 1.00 15.00 ? 74   PRO I CA 1 
ATOM 591 C CA . ALA C 3 75  ? 13.866  37.863  -39.483 1.00 15.00 ? 75   ALA I CA 1 
ATOM 592 C CA . ALA C 3 76  ? 12.060  34.873  -40.985 1.00 15.00 ? 76   ALA I CA 1 
ATOM 593 C CA . VAL C 3 77  ? 8.786   35.737  -39.252 1.00 15.00 ? 77   VAL I CA 1 
ATOM 594 C CA . LEU C 3 78  ? 8.894   39.429  -40.157 1.00 15.00 ? 78   LEU I CA 1 
ATOM 595 C CA . LEU C 3 79  ? 9.627   38.448  -43.746 1.00 15.00 ? 79   LEU I CA 1 
ATOM 596 C CA . LYS C 3 80  ? 6.680   36.060  -43.691 1.00 15.00 ? 80   LYS I CA 1 
ATOM 597 C CA . LYS C 3 81  ? 4.265   38.761  -42.549 1.00 15.00 ? 81   LYS I CA 1 
ATOM 598 C CA . ALA C 3 82  ? 5.813   41.280  -44.934 1.00 15.00 ? 82   ALA I CA 1 
ATOM 599 C CA . ALA C 3 83  ? 5.447   38.723  -47.720 1.00 15.00 ? 83   ALA I CA 1 
ATOM 600 C CA . GLY C 3 84  ? 1.924   38.056  -46.515 1.00 15.00 ? 84   GLY I CA 1 
ATOM 601 C CA . ILE C 3 85  ? 2.614   34.326  -46.503 1.00 15.00 ? 85   ILE I CA 1 
ATOM 602 C CA . LYS C 3 86  ? 2.153   31.789  -43.711 1.00 15.00 ? 86   LYS I CA 1 
ATOM 603 C CA . SER C 3 87  ? 5.173   29.567  -44.395 1.00 15.00 ? 87   SER I CA 1 
ATOM 604 C CA . GLY C 3 88  ? 8.538   29.376  -46.124 1.00 15.00 ? 88   GLY I CA 1 
ATOM 605 C CA . SER C 3 89  ? 9.342   27.921  -49.546 1.00 15.00 ? 89   SER I CA 1 
ATOM 606 C CA . GLY C 3 90  ? 10.023  24.311  -48.593 1.00 15.00 ? 90   GLY I CA 1 
ATOM 607 C CA . LYS C 3 91  ? 12.371  24.374  -51.569 1.00 15.00 ? 91   LYS I CA 1 
ATOM 608 C CA . PRO C 3 92  ? 14.014  27.866  -51.406 1.00 15.00 ? 92   PRO I CA 1 
ATOM 609 C CA . ASN C 3 93  ? 15.222  29.586  -54.584 1.00 15.00 ? 93   ASN I CA 1 
ATOM 610 C CA . LYS C 3 94  ? 13.776  26.690  -56.580 1.00 15.00 ? 94   LYS I CA 1 
ATOM 611 C CA . ASP C 3 95  ? 10.265  27.958  -55.981 1.00 15.00 ? 95   ASP I CA 1 
ATOM 612 C CA . LYS C 3 96  ? 9.393   31.472  -54.844 1.00 15.00 ? 96   LYS I CA 1 
ATOM 613 C CA . VAL C 3 97  ? 6.541   31.497  -52.324 1.00 15.00 ? 97   VAL I CA 1 
ATOM 614 C CA . GLY C 3 98  ? 6.445   35.274  -52.098 1.00 15.00 ? 98   GLY I CA 1 
ATOM 615 C CA . LYS C 3 99  ? 8.273   38.558  -52.593 1.00 15.00 ? 99   LYS I CA 1 
ATOM 616 C CA . ILE C 3 100 ? 9.273   41.667  -50.651 1.00 15.00 ? 100  ILE I CA 1 
ATOM 617 C CA . SER C 3 101 ? 10.077  45.154  -51.930 1.00 15.00 ? 101  SER I CA 1 
ATOM 618 C CA . ARG C 3 102 ? 13.549  46.422  -51.011 1.00 15.00 ? 102  ARG I CA 1 
ATOM 619 C CA . ALA C 3 103 ? 11.802  49.154  -49.039 1.00 15.00 ? 103  ALA I CA 1 
ATOM 620 C CA . GLN C 3 104 ? 10.261  46.569  -46.716 1.00 15.00 ? 104  GLN I CA 1 
ATOM 621 C CA . LEU C 3 105 ? 13.645  44.900  -46.254 1.00 15.00 ? 105  LEU I CA 1 
ATOM 622 C CA . GLN C 3 106 ? 14.846  48.239  -44.928 1.00 15.00 ? 106  GLN I CA 1 
ATOM 623 C CA . GLU C 3 107 ? 11.851  48.353  -42.572 1.00 15.00 ? 107  GLU I CA 1 
ATOM 624 C CA . ILE C 3 108 ? 12.574  44.893  -41.172 1.00 15.00 ? 108  ILE I CA 1 
ATOM 625 C CA . ALA C 3 109 ? 16.265  45.749  -40.982 1.00 15.00 ? 109  ALA I CA 1 
ATOM 626 C CA . GLN C 3 110 ? 15.191  48.835  -39.023 1.00 15.00 ? 110  GLN I CA 1 
ATOM 627 C CA . THR C 3 111 ? 13.065  46.814  -36.608 1.00 15.00 ? 111  THR I CA 1 
ATOM 628 C CA . LYS C 3 112 ? 15.726  44.199  -35.859 1.00 15.00 ? 112  LYS I CA 1 
ATOM 629 C CA . ALA C 3 113 ? 18.413  46.903  -35.863 1.00 15.00 ? 113  ALA I CA 1 
ATOM 630 C CA . ALA C 3 114 ? 18.643  46.638  -32.075 1.00 15.00 ? 114  ALA I CA 1 
ATOM 631 C CA . ASP C 3 115 ? 19.467  42.936  -32.375 1.00 15.00 ? 115  ASP I CA 1 
ATOM 632 C CA . MET C 3 116 ? 21.580  43.415  -35.503 1.00 15.00 ? 116  MET I CA 1 
ATOM 633 C CA . THR C 3 117 ? 25.334  44.016  -35.506 1.00 15.00 ? 117  THR I CA 1 
ATOM 634 C CA . GLY C 3 118 ? 25.203  45.950  -38.770 1.00 15.00 ? 118  GLY I CA 1 
ATOM 635 C CA . ALA C 3 119 ? 27.268  49.127  -38.664 1.00 15.00 ? 119  ALA I CA 1 
ATOM 636 C CA . ASP C 3 120 ? 25.003  50.772  -41.248 1.00 15.00 ? 120  ASP I CA 1 
ATOM 637 C CA . ILE C 3 121 ? 21.469  50.443  -42.623 1.00 15.00 ? 121  ILE I CA 1 
ATOM 638 C CA . GLU C 3 122 ? 22.676  49.030  -45.938 1.00 15.00 ? 122  GLU I CA 1 
ATOM 639 C CA . ALA C 3 123 ? 24.481  46.380  -43.903 1.00 15.00 ? 123  ALA I CA 1 
ATOM 640 C CA . MET C 3 124 ? 21.441  45.332  -41.869 1.00 15.00 ? 124  MET I CA 1 
ATOM 641 C CA . THR C 3 125 ? 19.379  45.126  -45.055 1.00 15.00 ? 125  THR I CA 1 
ATOM 642 C CA . ARG C 3 126 ? 21.937  42.792  -46.605 1.00 15.00 ? 126  ARG I CA 1 
ATOM 643 C CA . SER C 3 127 ? 21.616  40.576  -43.518 1.00 15.00 ? 127  SER I CA 1 
ATOM 644 C CA . ILE C 3 128 ? 17.828  40.535  -43.848 1.00 15.00 ? 128  ILE I CA 1 
ATOM 645 C CA . GLU C 3 129 ? 18.222  39.551  -47.504 1.00 15.00 ? 129  GLU I CA 1 
ATOM 646 C CA . GLY C 3 130 ? 20.122  36.488  -46.331 1.00 15.00 ? 130  GLY I CA 1 
ATOM 647 C CA . THR C 3 131 ? 17.079  35.227  -44.455 1.00 15.00 ? 131  THR I CA 1 
ATOM 648 C CA . ALA C 3 132 ? 14.762  35.965  -47.380 1.00 15.00 ? 132  ALA I CA 1 
ATOM 649 C CA . ARG C 3 133 ? 16.936  33.960  -49.771 1.00 15.00 ? 133  ARG I CA 1 
ATOM 650 C CA . SER C 3 134 ? 16.708  31.012  -47.387 1.00 15.00 ? 134  SER I CA 1 
ATOM 651 C CA . MET C 3 135 ? 12.915  31.173  -47.159 1.00 15.00 ? 135  MET I CA 1 
ATOM 652 C CA . GLY C 3 136 ? 12.083  31.398  -50.852 1.00 15.00 ? 136  GLY I CA 1 
ATOM 653 C CA . LEU C 3 137 ? 11.218  35.083  -50.629 1.00 15.00 ? 137  LEU I CA 1 
ATOM 654 C CA . VAL C 3 138 ? 12.531  37.274  -53.428 1.00 15.00 ? 138  VAL I CA 1 
ATOM 655 C CA . VAL C 3 139 ? 12.993  41.021  -53.203 1.00 15.00 ? 139  VAL I CA 1 
ATOM 656 C CA . GLU C 3 140 ? 11.946  43.474  -55.886 1.00 15.00 ? 140  GLU I CA 1 
ATOM 657 C CA . ASP C 3 141 ? 14.322  46.428  -56.064 1.00 15.00 ? 141  ASP I CA 1 
ATOM 658 P P  . C   D 4 1   ? 2.164   -12.392 5.952   1.00 15.00 ? 2    C   Y P  1 
ATOM 659 P P  . G   D 4 2   ? 6.475   -11.847 1.570   1.00 15.00 ? 3    G   Y P  1 
ATOM 660 P P  . G   D 4 3   ? 7.712   -13.272 -5.251  1.00 15.00 ? 4    G   Y P  1 
ATOM 661 P P  . A   D 4 4   ? 6.625   -15.323 -11.630 1.00 15.00 ? 5    A   Y P  1 
ATOM 662 P P  . U   D 4 5   ? 3.749   -16.764 -16.773 1.00 15.00 ? 6    U   Y P  1 
ATOM 663 P P  . U   D 4 6   ? -1.209  -15.946 -20.255 1.00 15.00 ? 7    U   Y P  1 
ATOM 664 P P  . U   D 4 7   ? -8.379  -13.928 -22.095 1.00 15.00 ? 8    U   Y P  1 
ATOM 665 P P  . A   D 4 8   ? -10.722 -13.128 -26.190 1.00 15.00 ? 9    A   Y P  1 
ATOM 666 P P  . G   D 4 9   ? -14.315 -10.657 -29.952 1.00 15.00 ? 10   G   Y P  1 
ATOM 667 P P  . C   D 4 10  ? -15.097 -14.814 -25.651 1.00 15.00 ? 11   C   Y P  1 
ATOM 668 P P  . U   D 4 11  ? -13.706 -19.966 -23.610 1.00 15.00 ? 12   U   Y P  1 
ATOM 669 P P  . C   D 4 12  ? -9.028  -23.727 -23.432 1.00 15.00 ? 13   C   Y P  1 
ATOM 670 P P  . A   D 4 13  ? -2.537  -21.901 -25.805 1.00 15.00 ? 14   A   Y P  1 
ATOM 671 P P  . G   D 4 14  ? 2.831   -20.769 -29.177 1.00 15.00 ? 15   G   Y P  1 
ATOM 672 P P  . U   D 4 15  ? 6.818   -16.841 -31.029 1.00 15.00 ? 16   U   Y P  1 
ATOM 673 P P  . U   D 4 16  ? 9.399   -11.651 -30.163 1.00 15.00 ? 17   U   Y P  1 
ATOM 674 P P  . G   D 4 17  ? 9.461   -6.967  -27.269 1.00 15.00 ? 18   G   Y P  1 
ATOM 675 P P  . G   D 4 18  ? 5.869   -6.148  -32.785 1.00 15.00 ? 19   G   Y P  1 
ATOM 676 P P  . G   D 4 19  ? 4.876   -4.723  -39.122 1.00 15.00 ? 20   G   Y P  1 
ATOM 677 P P  . A   D 4 20  ? -1.500  -4.996  -36.842 1.00 15.00 ? 21   A   Y P  1 
ATOM 678 P P  . G   D 4 21  ? -5.097  -11.011 -38.582 1.00 15.00 ? 22   G   Y P  1 
ATOM 679 P P  . A   D 4 22  ? -6.399  -17.474 -40.297 1.00 15.00 ? 23   A   Y P  1 
ATOM 680 P P  . G   D 4 23  ? -8.340  -22.929 -40.507 1.00 15.00 ? 24   G   Y P  1 
ATOM 681 P P  . C   D 4 24  ? -13.266 -25.986 -38.466 1.00 15.00 ? 25   C   Y P  1 
ATOM 682 P P  . G   D 4 25  ? -20.032 -27.027 -35.250 1.00 15.00 ? 26   G   Y P  1 
ATOM 683 P P  . C   D 4 26  ? -24.451 -24.234 -31.817 1.00 15.00 ? 27   C   Y P  1 
ATOM 684 P P  . C   D 4 27  ? -27.680 -19.186 -32.401 1.00 15.00 ? 28   C   Y P  1 
ATOM 685 P P  . A   D 4 28  ? -31.785 -15.127 -33.986 1.00 15.00 ? 29   A   Y P  1 
ATOM 686 P P  . G   D 4 29  ? -36.613 -14.786 -37.921 1.00 15.00 ? 30   G   Y P  1 
ATOM 687 P P  . A   D 4 30  ? -41.063 -17.141 -41.311 1.00 15.00 ? 31   A   Y P  1 
ATOM 688 P P  . C   D 4 31  ? -43.228 -20.699 -41.533 1.00 15.00 ? 32   C   Y P  1 
ATOM 689 P P  . U   D 4 32  ? -45.573 -25.808 -38.569 1.00 15.00 ? 33   U   Y P  1 
ATOM 690 P P  . G   D 4 33  ? -45.385 -28.881 -34.739 1.00 15.00 ? 34   G   Y P  1 
ATOM 691 P P  . A   D 4 34  ? -40.741 -25.843 -33.374 1.00 15.00 ? 35   A   Y P  1 
ATOM 692 P P  . A   D 4 35  ? -34.671 -26.330 -34.405 1.00 15.00 ? 36   A   Y P  1 
ATOM 693 P P  . G   D 4 36  ? -30.088 -29.198 -37.299 1.00 15.00 ? 37   G   Y P  1 
ATOM 694 P P  . A   D 4 37  ? -28.681 -32.285 -42.292 1.00 15.00 ? 38   A   Y P  1 
ATOM 695 P P  . U   D 4 38  ? -29.982 -31.755 -47.802 1.00 15.00 ? 39   U   Y P  1 
ATOM 696 P P  . C   D 4 39  ? -31.100 -27.030 -50.982 1.00 15.00 ? 40   C   Y P  1 
ATOM 697 P P  . U   D 4 40  ? -31.572 -22.053 -52.226 1.00 15.00 ? 41   U   Y P  1 
ATOM 698 P P  . G   D 4 41  ? -29.088 -17.078 -51.797 1.00 15.00 ? 42   G   Y P  1 
ATOM 699 P P  . G   D 4 42  ? -25.791 -12.503 -49.099 1.00 15.00 ? 43   G   Y P  1 
ATOM 700 P P  . A   D 4 43  ? -23.192 -9.933  -43.028 1.00 15.00 ? 44   A   Y P  1 
ATOM 701 P P  . C   D 4 44  ? -8.371  -1.208  -24.419 1.00 15.00 ? 48   C   Y P  1 
ATOM 702 P P  . C   D 4 45  ? -6.245  -7.587  -22.915 1.00 15.00 ? 49   C   Y P  1 
ATOM 703 P P  . U   D 4 46  ? -8.251  -2.944  -19.735 1.00 15.00 ? 50   U   Y P  1 
ATOM 704 P P  . G   D 4 47  ? -7.106  1.318   -15.841 1.00 15.00 ? 51   G   Y P  1 
ATOM 705 P P  . U   D 4 48  ? -3.427  5.131   -13.631 1.00 15.00 ? 52   U   Y P  1 
ATOM 706 P P  . G   D 4 49  ? 2.851   7.332   -15.676 1.00 15.00 ? 53   G   Y P  1 
ATOM 707 P P  . U   D 4 50  ? 8.221   8.023   -18.316 1.00 15.00 ? 54   U   Y P  1 
ATOM 708 P P  . U   D 4 51  ? 11.173  8.513   -23.056 1.00 15.00 ? 55   U   Y P  1 
ATOM 709 P P  . C   D 4 52  ? 10.409  11.001  -27.719 1.00 15.00 ? 56   C   Y P  1 
ATOM 710 P P  . G   D 4 53  ? 4.724   10.834  -27.316 1.00 15.00 ? 57   G   Y P  1 
ATOM 711 P P  . A   D 4 54  ? 0.553   7.359   -27.346 1.00 15.00 ? 58   A   Y P  1 
ATOM 712 P P  . U   D 4 55  ? -2.961  2.222   -27.212 1.00 15.00 ? 59   U   Y P  1 
ATOM 713 P P  . C   D 4 56  ? 0.164   -1.765  -25.486 1.00 15.00 ? 60   C   Y P  1 
ATOM 714 P P  . C   D 4 57  ? 4.285   -6.873  -25.197 1.00 15.00 ? 61   C   Y P  1 
ATOM 715 P P  . A   D 4 58  ? 8.672   -6.047  -22.016 1.00 15.00 ? 62   A   Y P  1 
ATOM 716 P P  . C   D 4 59  ? 10.483  -5.047  -16.715 1.00 15.00 ? 63   C   Y P  1 
ATOM 717 P P  . A   D 4 60  ? 8.170   -5.036  -10.979 1.00 15.00 ? 64   A   Y P  1 
ATOM 718 P P  . G   D 4 61  ? 3.091   -5.747  -6.177  1.00 15.00 ? 65   G   Y P  1 
ATOM 719 P P  . A   D 4 62  ? -8.367  -8.671  -2.717  1.00 15.00 ? 66   A   Y P  1 
ATOM 720 P P  . A   D 4 63  ? -11.098 -13.545 -4.320  1.00 15.00 ? 67   A   Y P  1 
ATOM 721 P P  . U   D 4 64  ? -11.207 -19.306 -6.916  1.00 15.00 ? 68   U   Y P  1 
ATOM 722 P P  . U   D 4 65  ? -8.449  -23.996 -9.416  1.00 15.00 ? 69   U   Y P  1 
ATOM 723 P P  . C   D 4 66  ? -2.178  -27.167 -8.878  1.00 15.00 ? 70   C   Y P  1 
ATOM 724 P P  . G   D 4 67  ? 3.696   -27.935 -7.907  1.00 15.00 ? 71   G   Y P  1 
ATOM 725 P P  . C   D 4 68  ? 8.397   -27.217 -2.720  1.00 15.00 ? 72   C   Y P  1 
ATOM 726 P P  . A   D 4 69  ? 9.931   -25.394 3.797   1.00 15.00 ? 73   A   Y P  1 
ATOM 727 P P  . C   D 4 70  ? 8.882   -23.817 10.277  1.00 15.00 ? 74   C   Y P  1 
ATOM 728 P P  . C   D 4 71  ? 6.112   -23.582 15.427  1.00 15.00 ? 75   C   Y P  1 
ATOM 729 P P  . C   D 4 72  ? -18.741 -10.151 -43.601 1.00 15.00 ? 76   C   Y P  1 
ATOM 730 P P  . U   D 4 73  ? -16.559 -8.204  -38.930 1.00 15.00 ? 77   U   Y P  1 
ATOM 731 P P  . C   D 4 74  ? -13.763 -10.366 -36.837 1.00 15.00 ? 78   C   Y P  1 
ATOM 732 P P  . C   D 4 75  ? -15.016 -11.180 -31.257 1.00 15.00 ? 79   C   Y P  1 
ATOM 733 P P  . C   D 4 76  ? -18.723 -10.170 -27.328 1.00 15.00 ? 80   C   Y P  1 
ATOM 734 P P  . G   D 4 77  ? -24.074 -8.246  -25.968 1.00 15.00 ? 81   G   Y P  1 
ATOM 735 P P  . U   D 4 78  ? -29.157 -7.114  -26.862 1.00 15.00 ? 82   U   Y P  1 
ATOM 736 P P  . A   D 4 79  ? -32.241 -2.777  -30.886 1.00 15.00 ? 83   A   Y P  1 
ATOM 737 P P  . G   D 4 80  ? -30.186 1.444   -34.789 1.00 15.00 ? 84   G   Y P  1 
ATOM 738 P P  . G   D 4 81  ? -25.319 1.913   -38.686 1.00 15.00 ? 85   G   Y P  1 
ATOM 739 P P  . G   D 4 82  ? -22.333 5.093   -34.397 1.00 15.00 ? 86   G   Y P  1 
ATOM 740 P P  . G   D 4 83  ? -18.245 5.488   -30.263 1.00 15.00 ? 87   G   Y P  1 
ATOM 741 P P  . U   D 4 84  ? -13.068 4.251   -27.920 1.00 15.00 ? 88   U   Y P  1 
ATOM 742 P P  . U   D 4 85  ? -7.646  2.359   -28.537 1.00 15.00 ? 89   U   Y P  1 
ATOM 743 P P  . C   E 5 1   ? -46.619 -39.683 -15.958 1.00 15.00 ? 526  C   A P  1 
ATOM 744 P P  . G   E 5 2   ? -50.278 -37.209 -19.922 1.00 15.00 ? 527  G   A P  1 
ATOM 745 P P  . C   E 5 3   ? -50.232 -30.250 -20.308 1.00 15.00 ? 528  C   A P  1 
ATOM 746 P P  . G   E 5 4   ? -48.757 -24.610 -20.473 1.00 15.00 ? 529  G   A P  1 
ATOM 747 P P  . G   E 5 5   ? -46.535 -21.010 -23.247 1.00 15.00 ? 530  G   A P  1 
ATOM 748 P P  . U   E 5 6   ? -47.170 -18.083 -27.798 1.00 15.00 ? 531  U   A P  1 
ATOM 749 P P  . A   E 5 7   ? -51.283 -15.148 -25.242 1.00 15.00 ? 532  A   A P  1 
ATOM 750 P P  . A   E 5 8   ? -52.575 -15.126 -19.710 1.00 15.00 ? 533  A   A P  1 
ATOM 751 P P  . U   E 5 9   ? -55.209 -18.668 -14.326 1.00 15.00 ? 534  U   A P  1 
ATOM 752 P P  . G   F 6 1   ? -26.371 -57.623 -26.578 1.00 15.00 ? 1487 G   C P  1 
ATOM 753 P P  . G   F 6 2   ? -30.992 -55.281 -22.763 1.00 15.00 ? 1488 G   C P  1 
ATOM 754 P P  . G   F 6 3   ? -33.193 -57.374 -24.616 1.00 15.00 ? 1489 G   C P  1 
ATOM 755 P P  . C   F 6 4   ? -36.479 -52.762 -25.752 1.00 15.00 ? 1490 C   C P  1 
ATOM 756 P P  . G   F 6 5   ? -35.480 -47.536 -28.510 1.00 15.00 ? 1491 G   C P  1 
ATOM 757 P P  . A   F 6 6   ? -33.363 -43.915 -31.681 1.00 15.00 ? 1492 A   C P  1 
ATOM 758 P P  . A   F 6 7   ? -29.127 -44.809 -35.721 1.00 15.00 ? 1493 A   C P  1 
ATOM 759 P P  . G   F 6 8   ? -25.822 -46.389 -39.056 1.00 15.00 ? 1494 G   C P  1 
ATOM 760 P P  . U   F 6 9   ? -21.652 -49.454 -41.917 1.00 15.00 ? 1495 U   C P  1 
ATOM 761 P P  . C   F 6 10  ? -19.727 -54.327 -43.577 1.00 15.00 ? 1496 C   C P  1 
ATOM 762 P P  . G   F 6 11  ? -28.950 -47.375 -52.237 1.00 15.00 ? 1497 G   C P  1 
ATOM 763 P P  . A   G 7 1   ? 46.318  25.339  -26.539 1.00 15.00 ? 1054 A   B P  1 
ATOM 764 P P  . G   G 7 2   ? 42.149  29.973  -27.645 1.00 15.00 ? 1055 G   B P  1 
ATOM 765 P P  . G   G 7 3   ? 38.923  33.582  -30.880 1.00 15.00 ? 1056 G   B P  1 
ATOM 766 P P  . A   G 7 4   ? 33.379  30.697  -34.062 1.00 15.00 ? 1057 A   B P  1 
ATOM 767 P P  . U   G 7 5   ? 28.797  34.038  -31.971 1.00 15.00 ? 1058 U   B P  1 
ATOM 768 P P  . G   G 7 6   ? 23.601  35.802  -33.633 1.00 15.00 ? 1059 G   B P  1 
ATOM 769 P P  . U   G 7 7   ? 18.733  35.187  -36.427 1.00 15.00 ? 1060 U   B P  1 
ATOM 770 P P  . U   G 7 8   ? 22.344  30.581  -33.517 1.00 15.00 ? 1061 U   B P  1 
ATOM 771 P P  . G   G 7 9   ? 21.378  27.023  -38.542 1.00 15.00 ? 1062 G   B P  1 
ATOM 772 P P  . G   G 7 10  ? 15.874  28.544  -40.470 1.00 15.00 ? 1063 G   B P  1 
ATOM 773 P P  . C   G 7 11  ? 11.387  26.351  -42.958 1.00 15.00 ? 1064 C   B P  1 
ATOM 774 P P  . U   G 7 12  ? 8.641   21.300  -44.347 1.00 15.00 ? 1065 U   B P  1 
ATOM 775 P P  . U   G 7 13  ? 8.176   15.850  -42.735 1.00 15.00 ? 1066 U   B P  1 
ATOM 776 P P  . A   G 7 14  ? 7.993   12.754  -37.791 1.00 15.00 ? 1067 A   B P  1 
ATOM 777 P P  . G   G 7 15  ? 9.919   17.402  -34.938 1.00 15.00 ? 1068 G   B P  1 
ATOM 778 P P  . A   G 7 16  ? 14.692  20.252  -35.057 1.00 15.00 ? 1069 A   B P  1 
ATOM 779 P P  . A   G 7 17  ? 19.278  21.769  -38.935 1.00 15.00 ? 1070 A   B P  1 
ATOM 780 P P  . G   G 7 18  ? 25.103  24.827  -35.539 1.00 15.00 ? 1071 G   B P  1 
ATOM 781 P P  . C   G 7 19  ? 24.261  20.661  -39.531 1.00 15.00 ? 1072 C   B P  1 
ATOM 782 P P  . A   G 7 20  ? 24.115  15.293  -39.417 1.00 15.00 ? 1073 A   B P  1 
ATOM 783 P P  . G   G 7 21  ? 24.412  12.788  -44.509 1.00 15.00 ? 1074 G   B P  1 
ATOM 784 P P  . C   G 7 22  ? 22.065  14.268  -49.619 1.00 15.00 ? 1075 C   B P  1 
ATOM 785 P P  . C   G 7 23  ? 20.709  18.275  -53.532 1.00 15.00 ? 1076 C   B P  1 
ATOM 786 P P  . A   G 7 24  ? 21.460  23.843  -55.052 1.00 15.00 ? 1077 A   B P  1 
ATOM 787 P P  . U   G 7 25  ? 24.141  28.966  -54.169 1.00 15.00 ? 1078 U   B P  1 
ATOM 788 P P  . C   G 7 26  ? 27.999  31.294  -52.624 1.00 15.00 ? 1079 C   B P  1 
ATOM 789 P P  . A   G 7 27  ? 28.566  37.799  -50.640 1.00 15.00 ? 1080 A   B P  1 
ATOM 790 P P  . U   G 7 28  ? 29.311  42.182  -46.782 1.00 15.00 ? 1081 U   B P  1 
ATOM 791 P P  . U   G 7 29  ? 30.838  45.089  -41.693 1.00 15.00 ? 1082 U   B P  1 
ATOM 792 P P  . U   G 7 30  ? 34.937  46.011  -38.595 1.00 15.00 ? 1083 U   B P  1 
ATOM 793 P P  . A   G 7 31  ? 41.492  44.244  -38.662 1.00 15.00 ? 1084 A   B P  1 
ATOM 794 P P  . A   G 7 32  ? 41.494  39.995  -42.145 1.00 15.00 ? 1085 A   B P  1 
ATOM 795 P P  . A   G 7 33  ? 38.572  35.151  -43.253 1.00 15.00 ? 1086 A   B P  1 
ATOM 796 P P  . G   G 7 34  ? 33.943  32.168  -42.912 1.00 15.00 ? 1087 G   B P  1 
ATOM 797 P P  . A   G 7 35  ? 30.295  30.478  -46.011 1.00 15.00 ? 1088 A   B P  1 
ATOM 798 P P  . A   G 7 36  ? 27.400  24.211  -43.909 1.00 15.00 ? 1089 A   B P  1 
ATOM 799 P P  . A   G 7 37  ? 32.905  20.836  -45.049 1.00 15.00 ? 1090 A   B P  1 
ATOM 800 P P  . G   G 7 38  ? 33.329  15.254  -43.269 1.00 15.00 ? 1091 G   B P  1 
ATOM 801 P P  . C   G 7 39  ? 33.040  10.819  -38.772 1.00 15.00 ? 1092 C   B P  1 
ATOM 802 P P  . G   G 7 40  ? 31.888  8.642   -33.443 1.00 15.00 ? 1093 G   B P  1 
ATOM 803 P P  . U   G 7 41  ? 27.873  9.535   -29.096 1.00 15.00 ? 1094 U   B P  1 
ATOM 804 P P  . A   G 7 42  ? 22.972  9.671   -27.614 1.00 15.00 ? 1095 A   B P  1 
ATOM 805 P P  . A   G 7 43  ? 21.652  12.722  -32.168 1.00 15.00 ? 1096 A   B P  1 
ATOM 806 P P  . U   G 7 44  ? 21.923  18.678  -33.407 1.00 15.00 ? 1097 U   B P  1 
ATOM 807 P P  . A   G 7 45  ? 25.850  23.044  -30.172 1.00 15.00 ? 1098 A   B P  1 
ATOM 808 P P  . G   G 7 46  ? 29.798  24.299  -26.280 1.00 15.00 ? 1099 G   B P  1 
ATOM 809 P P  . C   G 7 47  ? 35.376  22.570  -26.075 1.00 15.00 ? 1100 C   B P  1 
ATOM 810 P P  . U   G 7 48  ? 40.158  21.323  -28.557 1.00 15.00 ? 1101 U   B P  1 
ATOM 811 P P  . U   H 8 1   ? 48.399  -28.881 -13.244 1.00 15.00 ? 2647 U   D P  1 
ATOM 812 P P  . G   H 8 2   ? 42.755  -28.957 -9.759  1.00 15.00 ? 2648 G   D P  1 
ATOM 813 P P  . C   H 8 3   ? 37.635  -29.423 -7.452  1.00 15.00 ? 2649 C   D P  1 
ATOM 814 P P  . U   H 8 4   ? 34.934  -28.798 -2.262  1.00 15.00 ? 2650 U   D P  1 
ATOM 815 P P  . C   H 8 5   ? 34.562  -26.634 3.128   1.00 15.00 ? 2651 C   D P  1 
ATOM 816 P P  . C   H 8 6   ? 35.865  -22.732 7.305   1.00 15.00 ? 2652 C   D P  1 
ATOM 817 P P  . U   H 8 7   ? 37.596  -17.621 8.471   1.00 15.00 ? 2653 U   D P  1 
ATOM 818 P P  . A   H 8 8   ? 37.725  -13.487 5.999   1.00 15.00 ? 2654 A   D P  1 
ATOM 819 P P  . G   H 8 9   ? 31.886  -12.273 7.236   1.00 15.00 ? 2655 G   D P  1 
ATOM 820 P P  . U   H 8 10  ? 30.837  -7.601  2.521   1.00 15.00 ? 2656 U   D P  1 
ATOM 821 P P  . A   H 8 11  ? 35.623  -6.153  -0.624  1.00 15.00 ? 2657 A   D P  1 
ATOM 822 P P  . C   H 8 12  ? 37.141  -5.307  -5.183  1.00 15.00 ? 2658 C   D P  1 
ATOM 823 P P  . G   H 8 13  ? 33.996  -4.199  -9.782  1.00 15.00 ? 2659 G   D P  1 
ATOM 824 P P  . A   H 8 14  ? 29.271  -1.031  -10.370 1.00 15.00 ? 2660 A   D P  1 
ATOM 825 P P  . G   H 8 15  ? 27.111  -0.689  -4.638  1.00 15.00 ? 2661 G   D P  1 
ATOM 826 P P  . A   H 8 16  ? 21.984  -4.181  -1.924  1.00 15.00 ? 2662 A   D P  1 
ATOM 827 P P  . G   H 8 17  ? 19.482  -8.784  -2.053  1.00 15.00 ? 2663 G   D P  1 
ATOM 828 P P  . G   H 8 18  ? 22.808  -14.441 -3.266  1.00 15.00 ? 2664 G   D P  1 
ATOM 829 P P  . A   H 8 19  ? 27.954  -17.228 -2.792  1.00 15.00 ? 2665 A   D P  1 
ATOM 830 P P  . C   H 8 20  ? 33.554  -20.689 -3.964  1.00 15.00 ? 2666 C   D P  1 
ATOM 831 P P  . C   H 8 21  ? 42.752  -15.863 -7.504  1.00 15.00 ? 2667 C   D P  1 
ATOM 832 P P  . G   H 8 22  ? 48.046  -15.195 -5.636  1.00 15.00 ? 2668 G   D P  1 
ATOM 833 P P  . G   H 8 23  ? 50.813  -18.447 -1.294  1.00 15.00 ? 2669 G   D P  1 
ATOM 834 P P  . A   H 8 24  ? 51.221  -22.924 3.011   1.00 15.00 ? 2670 A   D P  1 
ATOM 835 P P  . G   H 8 25  ? 50.243  -27.961 5.377   1.00 15.00 ? 2671 G   D P  1 
ATOM 836 P P  . U   H 8 26  ? 48.450  -34.047 5.520   1.00 15.00 ? 2672 U   D P  1 
ATOM 837 P P  . G   H 8 27  ? 45.640  -39.039 2.828   1.00 15.00 ? 2673 G   D P  1 
ATOM 838 P P  . G   H 8 28  ? 44.804  -42.014 -3.125  1.00 15.00 ? 2674 G   D P  1 
ATOM 839 P P  . G   I 9 1   ? -5.532  -55.704 -56.192 1.00 15.00 ? 1907 G   E P  1 
ATOM 840 P P  . C   I 9 2   ? -5.419  -49.179 -57.557 1.00 15.00 ? 1908 C   E P  1 
ATOM 841 P P  . C   I 9 3   ? -7.298  -43.797 -58.068 1.00 15.00 ? 1909 C   E P  1 
ATOM 842 P P  . G   I 9 4   ? -11.404 -39.720 -56.893 1.00 15.00 ? 1910 G   E P  1 
ATOM 843 P P  . U   I 9 5   ? -15.794 -37.458 -53.715 1.00 15.00 ? 1911 U   E P  1 
ATOM 844 P P  . A   I 9 6   ? -20.067 -37.666 -49.213 1.00 15.00 ? 1912 A   E P  1 
ATOM 845 P P  . A   I 9 7   ? -22.168 -35.501 -45.753 1.00 15.00 ? 913  A   E P  1 
ATOM 846 P P  . C   I 9 8   ? -21.828 -33.430 -39.648 1.00 15.00 ? 1914 C   E P  1 
ATOM 847 P P  . U   I 9 9   ? -17.973 -32.897 -42.391 1.00 15.00 ? 1915 U   E P  1 
ATOM 848 P P  . A   I 9 10  ? -12.495 -35.809 -44.858 1.00 15.00 ? 1916 A   E P  1 
ATOM 849 P P  . U   I 9 11  ? -10.144 -40.832 -46.058 1.00 15.00 ? 1917 U   E P  1 
ATOM 850 P P  . A   I 9 12  ? -12.171 -46.313 -47.532 1.00 15.00 ? 1918 A   E P  1 
ATOM 851 P P  . A   I 9 13  ? -16.962 -50.247 -48.273 1.00 15.00 ? 1919 A   E P  1 
ATOM 852 P P  . C   I 9 14  ? -21.596 -52.703 -50.679 1.00 15.00 ? 1920 C   E P  1 
ATOM 853 P P  . G   I 9 15  ? -24.005 -50.852 -55.166 1.00 15.00 ? 1921 G   E P  1 
ATOM 854 P P  . G   I 9 16  ? -23.626 -49.178 -60.646 1.00 15.00 ? 1922 G   E P  1 
ATOM 855 P P  . U   I 9 17  ? -20.895 -48.295 -65.663 1.00 15.00 ? 1923 U   E P  1 
# 
